data_8HVT
#
_entry.id   8HVT
#
_cell.length_a   1.00
_cell.length_b   1.00
_cell.length_c   1.00
_cell.angle_alpha   90.00
_cell.angle_beta   90.00
_cell.angle_gamma   90.00
#
_symmetry.space_group_name_H-M   'P 1'
#
loop_
_entity.id
_entity.type
_entity.pdbx_description
1 polymer 'H(+)/Cl(-) exchange transporter 7'
2 polymer 'Osteopetrosis-associated transmembrane protein 1'
3 branched beta-D-mannopyranose-(1-4)-2-acetamido-2-deoxy-beta-D-glucopyranose-(1-4)-2-acetamido-2-deoxy-beta-D-glucopyranose
4 non-polymer 2-acetamido-2-deoxy-beta-D-glucopyranose
#
loop_
_entity_poly.entity_id
_entity_poly.type
_entity_poly.pdbx_seq_one_letter_code
_entity_poly.pdbx_strand_id
1 'polypeptide(L)'
;MANVSKKVSWSGRDRDDEEAAPLLRRTARPGGGTPLLNGAGPGAARQSPRSALFRVGHMSSVELDDELLDPDMDPPHPFP
KEIPHNEKLLSLKYESLDYDNSENQLFLEEERRINHTAFRTVEIKRWVICALIGILTGLVACFIDIVVENLAGLKYRVIK
GNIDKFTEKGGLSFSLLLWATLNAAFVLVGSVIVAFIEPVAAGSGIPQIKCFLNGVKIPHVVRLKTLVIKVSGVILSVVG
GLAVGKEGPMIHSGSVIAAGISQGRSTSLKRDFKIFEYFRRDTEKRDFVSAGAAAGVSAAFGAPVGGVLFSLEEGASFWN
QFLTWRIFFASMISTFTLNFVLSIYHGNMWDLSSPGLINFGRFDSEKMAYTIHEIPVFIAMGVVGGVLGAVFNALNYWLT
MFRIRYIHRPCLQVIEAVLVAAVTATVAFVLIYSSRDCQPLQGGSMSYPLQLFCADGEYNSMAAAFFNTPEKSVVSLFHD
PPGSYNPLTLGLFTLVYFFLACWTYGLTVSAGVFIPSLLIGAAWGRLFGISLSYLTGAAIWADPGKYALMGAAAQLGGIV
RMTLSLTVIMMEATSNVTYGFPIMLVLMTAKIVGDVFIEGLYDMHIQLQSVPFLHWEAPVTSHSLTAREVMSTPVTCLRR
REKVGVIVDVLSDTASNHNGFPVVEHADDTQPARLQGLILRSQLIVLLKHKVFVERSNLGLVQRRLRLKDFRDAYPRFPP
IQSIHVSQDERECTMDLSEFMNPSPYTVPQEASLPRVFKLFRALGLRHLVVVDNRNQVVGLVTRKDLARYRLGKRGLEEL
SLAQT
;
A,C
2 'polypeptide(L)'
;MEPGPTAAQRRCSLPPWLPLGLLLWSGLALGALPFGSSPHRVFHDLLSEQQLLEVEDLSLSLLQGGGLGPLSLPPDLPDL
DPECRELLLDFANSSAELTGCLVRSARPVRLCQTCYPLFQQVVSKMDNISRAAGNTSESQSCARSLLMADRMQIVVILSE
FFNTTWQEANCANCLTNNSEELSNSTVYFLNLFNHTLTCFEHNLQGNAHSLLQTKNYSEVCKNCREAYKTLSSLYSEMQK
MNELENKAEPGTHLCIDVEDAMNITRKLWSRTFNCSVPCSDTVPVIAVSVFILFLPVVFYLSSFLHSEQKKRKLILPKRL
KSSTSFANIQENSN
;
B,D
#
loop_
_chem_comp.id
_chem_comp.type
_chem_comp.name
_chem_comp.formula
BMA D-saccharide, beta linking beta-D-mannopyranose 'C6 H12 O6'
NAG D-saccharide, beta linking 2-acetamido-2-deoxy-beta-D-glucopyranose 'C8 H15 N O6'
#
# COMPACT_ATOMS: atom_id res chain seq x y z
N ALA A 118 23.82 -32.37 24.95
CA ALA A 118 24.72 -32.82 23.90
C ALA A 118 24.92 -31.72 22.85
N PHE A 119 24.30 -31.89 21.69
CA PHE A 119 24.39 -30.89 20.63
C PHE A 119 23.49 -29.70 20.87
N ARG A 120 22.53 -29.82 21.79
CA ARG A 120 21.55 -28.75 22.02
C ARG A 120 22.22 -27.51 22.60
N THR A 121 23.19 -27.68 23.50
CA THR A 121 23.89 -26.52 24.04
C THR A 121 24.77 -25.85 22.99
N VAL A 122 25.25 -26.61 21.99
CA VAL A 122 25.99 -26.02 20.89
C VAL A 122 25.08 -25.15 20.05
N GLU A 123 23.87 -25.63 19.77
CA GLU A 123 22.95 -24.82 18.95
C GLU A 123 22.44 -23.60 19.71
N ILE A 124 22.30 -23.69 21.04
CA ILE A 124 21.96 -22.50 21.82
C ILE A 124 23.12 -21.50 21.82
N LYS A 125 24.36 -21.99 21.84
CA LYS A 125 25.51 -21.09 21.73
C LYS A 125 25.53 -20.39 20.38
N ARG A 126 25.20 -21.11 19.30
CA ARG A 126 25.15 -20.50 17.98
C ARG A 126 24.05 -19.45 17.89
N TRP A 127 22.89 -19.74 18.44
CA TRP A 127 21.79 -18.78 18.33
C TRP A 127 21.99 -17.57 19.22
N VAL A 128 22.63 -17.72 20.37
CA VAL A 128 22.88 -16.54 21.20
C VAL A 128 24.00 -15.70 20.60
N ILE A 129 24.93 -16.33 19.87
CA ILE A 129 25.95 -15.55 19.18
C ILE A 129 25.33 -14.76 18.04
N CYS A 130 24.38 -15.37 17.31
CA CYS A 130 23.69 -14.65 16.25
C CYS A 130 22.82 -13.52 16.79
N ALA A 131 22.24 -13.69 17.97
CA ALA A 131 21.52 -12.59 18.60
C ALA A 131 22.45 -11.45 18.98
N LEU A 132 23.65 -11.76 19.47
CA LEU A 132 24.58 -10.69 19.80
C LEU A 132 25.10 -9.96 18.57
N ILE A 133 25.32 -10.68 17.45
CA ILE A 133 25.83 -9.96 16.30
C ILE A 133 24.73 -9.15 15.64
N GLY A 134 23.48 -9.57 15.76
CA GLY A 134 22.39 -8.73 15.31
C GLY A 134 22.25 -7.47 16.13
N ILE A 135 22.35 -7.58 17.45
CA ILE A 135 22.21 -6.42 18.33
C ILE A 135 23.39 -5.46 18.15
N LEU A 136 24.61 -5.99 18.04
CA LEU A 136 25.78 -5.15 17.86
C LEU A 136 25.79 -4.47 16.50
N THR A 137 25.31 -5.15 15.45
CA THR A 137 25.27 -4.52 14.13
C THR A 137 24.21 -3.43 14.09
N GLY A 138 23.10 -3.61 14.80
CA GLY A 138 22.14 -2.54 14.92
C GLY A 138 22.67 -1.33 15.66
N LEU A 139 23.45 -1.57 16.73
CA LEU A 139 24.02 -0.45 17.48
C LEU A 139 25.07 0.29 16.65
N VAL A 140 25.85 -0.43 15.84
CA VAL A 140 26.83 0.23 14.98
C VAL A 140 26.13 1.03 13.89
N ALA A 141 25.02 0.51 13.36
CA ALA A 141 24.26 1.22 12.35
C ALA A 141 23.64 2.51 12.87
N CYS A 142 23.06 2.46 14.08
CA CYS A 142 22.48 3.69 14.62
C CYS A 142 23.54 4.67 15.10
N PHE A 143 24.71 4.15 15.49
CA PHE A 143 25.82 5.05 15.81
C PHE A 143 26.26 5.83 14.59
N ILE A 144 26.37 5.14 13.44
CA ILE A 144 26.73 5.80 12.19
C ILE A 144 25.70 6.85 11.80
N ASP A 145 24.41 6.49 11.93
CA ASP A 145 23.36 7.41 11.47
C ASP A 145 23.28 8.64 12.37
N ILE A 146 23.42 8.47 13.68
CA ILE A 146 23.33 9.60 14.61
C ILE A 146 24.51 10.56 14.42
N VAL A 147 25.73 10.02 14.33
CA VAL A 147 26.90 10.88 14.22
C VAL A 147 26.95 11.57 12.86
N VAL A 148 26.55 10.87 11.79
CA VAL A 148 26.50 11.50 10.48
C VAL A 148 25.46 12.60 10.43
N GLU A 149 24.28 12.37 11.04
CA GLU A 149 23.22 13.38 11.04
C GLU A 149 23.65 14.64 11.78
N ASN A 150 24.27 14.48 12.95
CA ASN A 150 24.68 15.66 13.71
C ASN A 150 25.84 16.40 13.07
N LEU A 151 26.84 15.67 12.57
CA LEU A 151 28.00 16.34 12.00
C LEU A 151 27.68 17.01 10.67
N ALA A 152 26.87 16.35 9.82
CA ALA A 152 26.47 16.99 8.58
C ALA A 152 25.52 18.14 8.83
N GLY A 153 24.72 18.08 9.90
CA GLY A 153 23.94 19.22 10.29
C GLY A 153 24.78 20.40 10.69
N LEU A 154 25.86 20.15 11.44
CA LEU A 154 26.77 21.21 11.85
C LEU A 154 27.48 21.82 10.65
N LYS A 155 27.97 20.99 9.74
CA LYS A 155 28.74 21.47 8.61
C LYS A 155 27.88 22.24 7.62
N TYR A 156 26.69 21.73 7.33
CA TYR A 156 25.83 22.45 6.40
C TYR A 156 25.21 23.69 7.03
N ARG A 157 25.06 23.73 8.35
CA ARG A 157 24.61 24.98 8.97
C ARG A 157 25.70 26.03 8.95
N VAL A 158 26.97 25.61 9.04
CA VAL A 158 28.07 26.56 8.92
C VAL A 158 28.12 27.15 7.52
N ILE A 159 27.97 26.30 6.50
CA ILE A 159 28.07 26.77 5.12
C ILE A 159 26.85 27.62 4.73
N LYS A 160 25.65 27.20 5.13
CA LYS A 160 24.46 28.00 4.84
C LYS A 160 24.47 29.30 5.62
N GLY A 161 25.05 29.31 6.82
CA GLY A 161 25.22 30.57 7.52
C GLY A 161 26.31 31.44 6.95
N ASN A 162 27.18 30.90 6.11
CA ASN A 162 28.26 31.66 5.51
C ASN A 162 27.95 32.12 4.10
N ILE A 163 27.11 31.38 3.38
CA ILE A 163 26.67 31.85 2.07
C ILE A 163 25.72 33.04 2.21
N ASP A 164 24.80 32.97 3.18
CA ASP A 164 23.84 34.04 3.38
C ASP A 164 24.49 35.31 3.91
N LYS A 165 25.63 35.20 4.59
CA LYS A 165 26.37 36.40 4.99
C LYS A 165 26.98 37.09 3.79
N PHE A 166 27.53 36.31 2.85
CA PHE A 166 28.24 36.87 1.70
C PHE A 166 27.38 36.92 0.45
N THR A 167 26.07 36.72 0.57
CA THR A 167 25.19 36.77 -0.59
C THR A 167 25.11 38.19 -1.16
N GLU A 168 24.84 39.17 -0.31
CA GLU A 168 24.98 40.56 -0.69
C GLU A 168 26.39 41.02 -0.38
N LYS A 169 26.65 42.32 -0.59
CA LYS A 169 27.88 43.06 -0.22
C LYS A 169 29.17 42.38 -0.72
N GLY A 170 29.09 41.67 -1.84
CA GLY A 170 30.25 41.03 -2.41
C GLY A 170 30.69 39.81 -1.62
N GLY A 171 31.89 39.36 -1.93
CA GLY A 171 32.45 38.19 -1.27
C GLY A 171 32.18 36.94 -2.07
N LEU A 172 31.65 35.92 -1.39
CA LEU A 172 31.08 34.68 -1.94
C LEU A 172 32.13 33.74 -2.51
N SER A 173 33.37 34.19 -2.67
CA SER A 173 34.46 33.27 -2.91
C SER A 173 35.01 32.71 -1.62
N PHE A 174 34.83 33.42 -0.51
CA PHE A 174 35.19 32.86 0.79
C PHE A 174 34.26 31.72 1.18
N SER A 175 33.01 31.74 0.69
CA SER A 175 32.11 30.63 0.92
C SER A 175 32.57 29.38 0.18
N LEU A 176 33.08 29.56 -1.04
CA LEU A 176 33.59 28.43 -1.81
C LEU A 176 34.83 27.84 -1.15
N LEU A 177 35.73 28.69 -0.66
CA LEU A 177 36.90 28.20 0.07
C LEU A 177 36.49 27.51 1.36
N LEU A 178 35.47 28.02 2.05
CA LEU A 178 35.03 27.39 3.28
C LEU A 178 34.44 26.01 3.01
N TRP A 179 33.66 25.89 1.94
CA TRP A 179 33.09 24.60 1.57
C TRP A 179 34.18 23.62 1.16
N ALA A 180 35.12 24.07 0.33
CA ALA A 180 36.19 23.20 -0.16
C ALA A 180 37.11 22.76 0.97
N THR A 181 37.47 23.66 1.88
CA THR A 181 38.34 23.29 2.98
C THR A 181 37.64 22.45 4.04
N LEU A 182 36.33 22.62 4.24
CA LEU A 182 35.62 21.73 5.16
C LEU A 182 35.56 20.31 4.62
N ASN A 183 35.27 20.17 3.32
CA ASN A 183 35.31 18.87 2.67
C ASN A 183 36.72 18.28 2.72
N ALA A 184 37.73 19.11 2.44
CA ALA A 184 39.10 18.63 2.42
C ALA A 184 39.58 18.23 3.81
N ALA A 185 39.18 18.95 4.85
CA ALA A 185 39.63 18.60 6.20
C ALA A 185 39.02 17.29 6.67
N PHE A 186 37.72 17.10 6.43
CA PHE A 186 37.08 15.85 6.87
C PHE A 186 37.63 14.65 6.12
N VAL A 187 37.84 14.77 4.81
CA VAL A 187 38.37 13.62 4.07
C VAL A 187 39.86 13.45 4.31
N LEU A 188 40.60 14.52 4.68
CA LEU A 188 41.99 14.33 5.08
C LEU A 188 42.09 13.51 6.34
N VAL A 189 41.21 13.75 7.31
CA VAL A 189 41.17 12.91 8.50
C VAL A 189 40.80 11.49 8.13
N GLY A 190 39.79 11.33 7.26
CA GLY A 190 39.32 9.99 6.89
C GLY A 190 40.35 9.17 6.14
N SER A 191 41.17 9.81 5.31
CA SER A 191 42.16 9.06 4.53
C SER A 191 43.48 8.86 5.26
N VAL A 192 43.88 9.76 6.15
CA VAL A 192 45.03 9.45 7.00
C VAL A 192 44.70 8.28 7.92
N ILE A 193 43.45 8.22 8.39
CA ILE A 193 42.99 7.05 9.13
C ILE A 193 43.01 5.79 8.27
N VAL A 194 42.51 5.87 7.04
CA VAL A 194 42.34 4.66 6.24
C VAL A 194 43.64 4.24 5.57
N ALA A 195 44.26 5.14 4.80
CA ALA A 195 45.34 4.74 3.91
C ALA A 195 46.65 4.50 4.62
N PHE A 196 46.81 4.97 5.86
CA PHE A 196 48.04 4.75 6.61
C PHE A 196 47.94 3.57 7.55
N ILE A 197 46.85 3.49 8.32
CA ILE A 197 46.76 2.48 9.37
C ILE A 197 46.31 1.15 8.81
N GLU A 198 45.11 1.11 8.23
CA GLU A 198 44.46 -0.15 7.87
C GLU A 198 44.09 -0.04 6.40
N PRO A 199 44.99 -0.45 5.50
CA PRO A 199 44.77 -0.17 4.07
C PRO A 199 43.68 -1.01 3.43
N VAL A 200 43.32 -2.16 4.00
CA VAL A 200 42.28 -3.00 3.41
C VAL A 200 40.90 -2.53 3.83
N ALA A 201 40.82 -1.60 4.78
CA ALA A 201 39.55 -1.00 5.18
C ALA A 201 38.96 -0.06 4.13
N ALA A 202 39.71 0.26 3.08
CA ALA A 202 39.22 1.13 2.03
C ALA A 202 38.14 0.44 1.20
N GLY A 203 37.34 1.26 0.54
CA GLY A 203 36.26 0.75 -0.28
C GLY A 203 35.10 0.27 0.57
N SER A 204 34.12 -0.30 -0.12
CA SER A 204 32.96 -0.82 0.60
C SER A 204 33.27 -2.14 1.30
N GLY A 205 34.24 -2.90 0.81
CA GLY A 205 34.57 -4.18 1.38
C GLY A 205 33.63 -5.31 0.99
N ILE A 206 32.58 -5.01 0.24
CA ILE A 206 31.69 -6.07 -0.25
C ILE A 206 32.39 -7.06 -1.17
N PRO A 207 33.31 -6.68 -2.08
CA PRO A 207 34.08 -7.73 -2.78
C PRO A 207 34.88 -8.63 -1.87
N GLN A 208 35.45 -8.09 -0.80
CA GLN A 208 36.23 -8.90 0.12
C GLN A 208 35.34 -9.87 0.89
N ILE A 209 34.15 -9.44 1.28
CA ILE A 209 33.23 -10.32 2.00
C ILE A 209 32.63 -11.36 1.06
N LYS A 210 32.35 -10.97 -0.19
CA LYS A 210 31.82 -11.92 -1.16
C LYS A 210 32.82 -13.03 -1.46
N CYS A 211 34.10 -12.68 -1.58
CA CYS A 211 35.09 -13.73 -1.75
C CYS A 211 35.46 -14.42 -0.44
N PHE A 212 35.18 -13.79 0.70
CA PHE A 212 35.29 -14.50 1.97
C PHE A 212 34.26 -15.60 2.07
N LEU A 213 33.03 -15.33 1.65
CA LEU A 213 31.99 -16.35 1.67
C LEU A 213 32.23 -17.41 0.61
N ASN A 214 32.77 -17.02 -0.55
CA ASN A 214 33.08 -17.99 -1.58
C ASN A 214 34.35 -18.78 -1.28
N GLY A 215 35.14 -18.39 -0.28
CA GLY A 215 36.17 -19.26 0.24
C GLY A 215 37.52 -18.65 0.52
N VAL A 216 37.98 -17.72 -0.31
CA VAL A 216 39.34 -17.20 -0.18
C VAL A 216 39.36 -16.12 0.89
N LYS A 217 40.37 -16.17 1.76
CA LYS A 217 40.44 -15.33 2.94
C LYS A 217 41.51 -14.26 2.73
N ILE A 218 41.07 -13.05 2.41
CA ILE A 218 42.00 -11.91 2.36
C ILE A 218 42.38 -11.53 3.79
N PRO A 219 43.66 -11.25 4.09
CA PRO A 219 44.05 -10.98 5.47
C PRO A 219 43.54 -9.63 5.96
N HIS A 220 43.68 -9.45 7.28
CA HIS A 220 43.29 -8.24 8.02
C HIS A 220 41.81 -7.92 7.87
N VAL A 221 40.98 -8.95 7.94
CA VAL A 221 39.55 -8.80 8.18
C VAL A 221 39.19 -9.31 9.58
N VAL A 222 40.10 -10.01 10.25
CA VAL A 222 39.83 -10.66 11.53
C VAL A 222 40.14 -9.77 12.72
N ARG A 223 40.33 -8.48 12.49
CA ARG A 223 40.73 -7.57 13.55
C ARG A 223 39.63 -6.53 13.82
N LEU A 224 39.47 -6.19 15.10
CA LEU A 224 38.56 -5.12 15.53
C LEU A 224 39.02 -3.75 15.05
N LYS A 225 40.31 -3.60 14.77
CA LYS A 225 40.81 -2.34 14.23
C LYS A 225 40.17 -2.03 12.89
N THR A 226 39.92 -3.06 12.06
CA THR A 226 39.27 -2.84 10.78
C THR A 226 37.86 -2.32 10.96
N LEU A 227 37.15 -2.80 11.99
CA LEU A 227 35.82 -2.29 12.30
C LEU A 227 35.86 -0.83 12.69
N VAL A 228 36.82 -0.44 13.53
CA VAL A 228 36.90 0.94 14.00
C VAL A 228 37.30 1.87 12.86
N ILE A 229 38.22 1.44 12.00
CA ILE A 229 38.67 2.29 10.91
C ILE A 229 37.57 2.46 9.87
N LYS A 230 36.81 1.39 9.59
CA LYS A 230 35.74 1.51 8.59
C LYS A 230 34.57 2.34 9.10
N VAL A 231 34.21 2.18 10.37
CA VAL A 231 33.11 2.98 10.92
C VAL A 231 33.51 4.46 10.99
N SER A 232 34.73 4.74 11.45
CA SER A 232 35.19 6.13 11.50
C SER A 232 35.39 6.70 10.10
N GLY A 233 35.83 5.88 9.15
CA GLY A 233 36.01 6.35 7.79
C GLY A 233 34.70 6.68 7.11
N VAL A 234 33.66 5.88 7.33
CA VAL A 234 32.40 6.17 6.68
C VAL A 234 31.67 7.32 7.36
N ILE A 235 31.94 7.56 8.65
CA ILE A 235 31.47 8.79 9.26
C ILE A 235 32.18 9.99 8.65
N LEU A 236 33.48 9.91 8.48
CA LEU A 236 34.24 11.05 7.98
C LEU A 236 34.20 11.19 6.47
N SER A 237 33.51 10.31 5.75
CA SER A 237 33.41 10.45 4.30
C SER A 237 32.05 10.95 3.83
N VAL A 238 30.96 10.51 4.45
CA VAL A 238 29.65 11.08 4.13
C VAL A 238 29.58 12.52 4.61
N VAL A 239 30.15 12.80 5.77
CA VAL A 239 30.28 14.17 6.27
C VAL A 239 31.21 14.97 5.38
N GLY A 240 32.24 14.31 4.85
CA GLY A 240 33.24 14.95 4.03
C GLY A 240 32.77 15.44 2.67
N GLY A 241 31.53 15.16 2.28
CA GLY A 241 31.00 15.72 1.07
C GLY A 241 31.29 14.95 -0.19
N LEU A 242 31.91 13.77 -0.08
CA LEU A 242 32.10 12.93 -1.25
C LEU A 242 30.78 12.30 -1.68
N ALA A 243 30.76 11.78 -2.90
CA ALA A 243 29.62 11.04 -3.41
C ALA A 243 29.72 9.61 -2.88
N VAL A 244 29.28 9.45 -1.64
CA VAL A 244 29.41 8.22 -0.87
C VAL A 244 28.09 7.89 -0.20
N GLY A 245 27.66 6.65 -0.32
CA GLY A 245 26.59 6.12 0.51
C GLY A 245 27.19 5.39 1.70
N LYS A 246 26.53 5.52 2.84
CA LYS A 246 27.04 4.93 4.07
C LYS A 246 26.55 3.51 4.32
N GLU A 247 25.69 2.97 3.46
CA GLU A 247 25.24 1.60 3.66
C GLU A 247 25.95 0.58 2.77
N GLY A 248 26.94 1.00 2.01
CA GLY A 248 27.89 0.08 1.46
C GLY A 248 28.66 -0.66 2.54
N PRO A 249 29.52 0.04 3.29
CA PRO A 249 30.37 -0.65 4.27
C PRO A 249 29.66 -1.12 5.52
N MET A 250 28.34 -0.97 5.61
CA MET A 250 27.62 -1.53 6.73
C MET A 250 27.66 -3.05 6.70
N ILE A 251 27.70 -3.62 5.50
CA ILE A 251 27.84 -5.07 5.34
C ILE A 251 29.19 -5.54 5.85
N HIS A 252 30.26 -4.83 5.50
CA HIS A 252 31.58 -5.23 5.98
C HIS A 252 31.73 -5.01 7.48
N SER A 253 31.08 -3.97 8.02
CA SER A 253 31.12 -3.75 9.46
C SER A 253 30.39 -4.85 10.21
N GLY A 254 29.25 -5.30 9.69
CA GLY A 254 28.56 -6.43 10.30
C GLY A 254 29.36 -7.71 10.19
N SER A 255 30.08 -7.88 9.08
CA SER A 255 30.90 -9.06 8.89
C SER A 255 32.04 -9.14 9.89
N VAL A 256 32.71 -8.02 10.14
CA VAL A 256 33.84 -8.09 11.07
C VAL A 256 33.36 -8.14 12.51
N ILE A 257 32.15 -7.63 12.79
CA ILE A 257 31.58 -7.82 14.12
C ILE A 257 31.32 -9.30 14.36
N ALA A 258 30.76 -9.98 13.37
CA ALA A 258 30.45 -11.40 13.53
C ALA A 258 31.71 -12.25 13.60
N ALA A 259 32.73 -11.90 12.82
CA ALA A 259 33.99 -12.65 12.92
C ALA A 259 34.68 -12.41 14.25
N GLY A 260 34.62 -11.18 14.76
CA GLY A 260 35.25 -10.88 16.02
C GLY A 260 34.54 -11.46 17.23
N ILE A 261 33.25 -11.78 17.10
CA ILE A 261 32.55 -12.43 18.20
C ILE A 261 33.09 -13.85 18.41
N SER A 262 33.44 -14.55 17.33
CA SER A 262 33.86 -15.94 17.40
C SER A 262 35.37 -16.10 17.42
N GLN A 263 36.07 -15.22 18.11
CA GLN A 263 37.52 -15.29 18.23
C GLN A 263 37.91 -14.95 19.66
N GLY A 264 39.20 -14.72 19.87
CA GLY A 264 39.72 -14.38 21.18
C GLY A 264 40.08 -12.91 21.32
N ARG A 265 41.36 -12.59 21.17
CA ARG A 265 41.83 -11.20 21.24
C ARG A 265 42.53 -10.80 19.95
N GLU A 277 36.02 -24.55 22.49
CA GLU A 277 35.24 -23.41 22.02
C GLU A 277 34.49 -23.75 20.73
N TYR A 278 35.19 -24.47 19.84
CA TYR A 278 34.77 -24.94 18.52
C TYR A 278 33.99 -23.92 17.70
N PHE A 279 34.39 -22.65 17.76
CA PHE A 279 33.84 -21.63 16.89
C PHE A 279 34.92 -20.93 16.07
N ARG A 280 36.18 -21.26 16.29
CA ARG A 280 37.25 -20.78 15.42
C ARG A 280 37.40 -21.64 14.17
N ARG A 281 36.56 -22.66 14.06
CA ARG A 281 36.58 -23.52 12.88
C ARG A 281 36.10 -22.71 11.69
N ASP A 282 36.63 -23.04 10.51
CA ASP A 282 36.26 -22.31 9.30
C ASP A 282 34.87 -22.66 8.80
N THR A 283 34.32 -23.81 9.19
CA THR A 283 32.92 -24.06 8.91
C THR A 283 32.03 -23.23 9.82
N GLU A 284 32.40 -23.10 11.09
CA GLU A 284 31.63 -22.28 12.01
C GLU A 284 31.83 -20.79 11.76
N LYS A 285 33.03 -20.39 11.32
CA LYS A 285 33.29 -18.97 11.12
C LYS A 285 32.58 -18.43 9.89
N ARG A 286 32.52 -19.22 8.82
CA ARG A 286 31.90 -18.77 7.58
C ARG A 286 30.40 -18.58 7.75
N ASP A 287 29.76 -19.42 8.55
CA ASP A 287 28.34 -19.29 8.77
C ASP A 287 28.03 -18.08 9.64
N PHE A 288 28.89 -17.78 10.61
CA PHE A 288 28.67 -16.62 11.46
C PHE A 288 28.89 -15.33 10.70
N VAL A 289 29.91 -15.28 9.84
CA VAL A 289 30.13 -14.08 9.05
C VAL A 289 29.07 -13.96 7.96
N SER A 290 28.44 -15.07 7.57
CA SER A 290 27.27 -15.01 6.72
C SER A 290 26.10 -14.33 7.44
N ALA A 291 25.90 -14.66 8.72
CA ALA A 291 24.86 -14.01 9.51
C ALA A 291 25.18 -12.55 9.75
N GLY A 292 26.45 -12.22 9.91
CA GLY A 292 26.83 -10.83 10.09
C GLY A 292 26.62 -9.99 8.85
N ALA A 293 26.90 -10.55 7.67
CA ALA A 293 26.65 -9.84 6.43
C ALA A 293 25.16 -9.64 6.19
N ALA A 294 24.35 -10.64 6.56
CA ALA A 294 22.90 -10.48 6.44
C ALA A 294 22.38 -9.42 7.40
N ALA A 295 22.92 -9.35 8.61
CA ALA A 295 22.52 -8.31 9.54
C ALA A 295 22.97 -6.94 9.07
N GLY A 296 24.09 -6.88 8.37
CA GLY A 296 24.51 -5.62 7.78
C GLY A 296 23.58 -5.13 6.69
N VAL A 297 23.11 -6.03 5.84
CA VAL A 297 22.18 -5.64 4.77
C VAL A 297 20.83 -5.23 5.37
N SER A 298 20.38 -5.93 6.40
CA SER A 298 19.09 -5.59 7.00
C SER A 298 19.15 -4.27 7.75
N ALA A 299 20.23 -4.01 8.47
CA ALA A 299 20.38 -2.71 9.12
C ALA A 299 20.60 -1.61 8.09
N ALA A 300 21.15 -1.94 6.93
CA ALA A 300 21.36 -0.93 5.90
C ALA A 300 20.05 -0.52 5.27
N PHE A 301 19.40 -1.44 4.57
CA PHE A 301 18.28 -1.10 3.72
C PHE A 301 16.93 -1.32 4.37
N GLY A 302 16.89 -1.74 5.63
CA GLY A 302 15.63 -2.07 6.23
C GLY A 302 15.05 -3.38 5.74
N ALA A 303 15.90 -4.28 5.25
CA ALA A 303 15.44 -5.49 4.59
C ALA A 303 15.89 -6.75 5.31
N PRO A 304 15.07 -7.32 6.16
CA PRO A 304 15.44 -8.58 6.81
C PRO A 304 15.54 -9.76 5.86
N VAL A 305 14.47 -10.02 5.11
CA VAL A 305 14.48 -11.13 4.16
C VAL A 305 15.39 -10.81 2.98
N GLY A 306 15.57 -9.53 2.66
CA GLY A 306 16.55 -9.16 1.67
C GLY A 306 17.97 -9.45 2.13
N GLY A 307 18.21 -9.28 3.43
CA GLY A 307 19.51 -9.64 3.98
C GLY A 307 19.76 -11.14 3.94
N VAL A 308 18.70 -11.93 4.17
CA VAL A 308 18.82 -13.38 4.10
C VAL A 308 19.20 -13.81 2.69
N LEU A 309 18.48 -13.33 1.70
CA LEU A 309 18.80 -13.73 0.33
C LEU A 309 20.09 -13.11 -0.18
N PHE A 310 20.58 -12.02 0.42
CA PHE A 310 21.92 -11.59 0.05
C PHE A 310 22.96 -12.55 0.58
N SER A 311 22.78 -13.05 1.80
CA SER A 311 23.77 -13.95 2.35
C SER A 311 23.74 -15.32 1.68
N LEU A 312 22.60 -15.72 1.12
CA LEU A 312 22.53 -17.01 0.43
C LEU A 312 22.97 -16.98 -1.02
N GLU A 313 23.06 -15.83 -1.67
CA GLU A 313 23.58 -15.83 -3.04
C GLU A 313 25.07 -16.12 -3.11
N GLU A 314 25.81 -15.87 -2.04
CA GLU A 314 27.21 -16.18 -2.00
C GLU A 314 27.47 -17.26 -0.96
N GLY A 315 28.36 -18.19 -1.30
CA GLY A 315 28.69 -19.25 -0.36
C GLY A 315 27.52 -20.17 -0.11
N ALA A 316 26.71 -20.40 -1.15
CA ALA A 316 25.59 -21.32 -1.03
C ALA A 316 26.07 -22.74 -1.22
N SER A 317 26.95 -23.20 -0.32
CA SER A 317 27.50 -24.54 -0.44
C SER A 317 26.57 -25.58 0.19
N PHE A 318 25.45 -25.12 0.74
CA PHE A 318 24.50 -26.02 1.37
C PHE A 318 23.18 -25.32 1.61
N TRP A 319 22.12 -26.09 1.90
CA TRP A 319 20.85 -25.46 2.20
C TRP A 319 20.48 -25.83 3.64
N ASN A 320 21.41 -25.62 4.57
CA ASN A 320 21.15 -25.97 5.97
C ASN A 320 20.01 -25.13 6.51
N GLN A 321 18.88 -25.79 6.80
CA GLN A 321 17.64 -25.10 7.16
C GLN A 321 17.79 -24.35 8.47
N PHE A 322 18.52 -24.91 9.43
CA PHE A 322 18.79 -24.20 10.66
C PHE A 322 19.75 -23.04 10.47
N LEU A 323 20.57 -23.06 9.43
CA LEU A 323 21.44 -21.91 9.17
C LEU A 323 20.64 -20.72 8.66
N THR A 324 19.65 -20.98 7.81
CA THR A 324 18.83 -19.90 7.28
C THR A 324 17.97 -19.27 8.37
N TRP A 325 17.51 -20.06 9.33
CA TRP A 325 16.78 -19.48 10.45
C TRP A 325 17.69 -18.68 11.36
N ARG A 326 18.95 -19.11 11.53
CA ARG A 326 19.92 -18.31 12.28
C ARG A 326 20.18 -16.99 11.60
N ILE A 327 20.30 -17.02 10.27
CA ILE A 327 20.55 -15.83 9.48
C ILE A 327 19.37 -14.87 9.57
N PHE A 328 18.16 -15.40 9.46
CA PHE A 328 16.96 -14.58 9.57
C PHE A 328 16.75 -14.05 10.98
N PHE A 329 17.17 -14.82 11.99
CA PHE A 329 17.05 -14.35 13.37
C PHE A 329 17.96 -13.15 13.61
N ALA A 330 19.23 -13.24 13.17
CA ALA A 330 20.15 -12.13 13.31
C ALA A 330 19.70 -10.94 12.47
N SER A 331 19.13 -11.21 11.30
CA SER A 331 18.70 -10.16 10.40
C SER A 331 17.54 -9.35 10.97
N MET A 332 16.50 -10.05 11.43
CA MET A 332 15.33 -9.38 11.97
C MET A 332 15.64 -8.67 13.28
N ILE A 333 16.50 -9.27 14.11
CA ILE A 333 16.84 -8.62 15.36
C ILE A 333 17.74 -7.42 15.13
N SER A 334 18.47 -7.37 14.01
CA SER A 334 19.24 -6.17 13.70
C SER A 334 18.35 -5.03 13.25
N THR A 335 17.34 -5.31 12.43
CA THR A 335 16.43 -4.25 12.01
C THR A 335 15.62 -3.71 13.18
N PHE A 336 15.16 -4.60 14.07
CA PHE A 336 14.40 -4.14 15.22
C PHE A 336 15.28 -3.39 16.22
N THR A 337 16.55 -3.75 16.33
CA THR A 337 17.47 -2.99 17.18
C THR A 337 17.68 -1.58 16.65
N LEU A 338 17.83 -1.44 15.34
CA LEU A 338 17.99 -0.11 14.75
C LEU A 338 16.73 0.73 14.89
N ASN A 339 15.55 0.11 14.76
CA ASN A 339 14.29 0.80 15.07
C ASN A 339 14.26 1.32 16.49
N PHE A 340 14.59 0.49 17.46
CA PHE A 340 14.43 0.87 18.85
C PHE A 340 15.39 2.00 19.23
N VAL A 341 16.65 1.92 18.80
CA VAL A 341 17.57 2.96 19.22
C VAL A 341 17.36 4.24 18.41
N LEU A 342 16.99 4.16 17.13
CA LEU A 342 16.74 5.39 16.41
C LEU A 342 15.44 6.06 16.85
N SER A 343 14.44 5.28 17.28
CA SER A 343 13.22 5.91 17.76
C SER A 343 13.38 6.49 19.14
N ILE A 344 14.21 5.89 20.00
CA ILE A 344 14.46 6.55 21.28
C ILE A 344 15.36 7.76 21.08
N TYR A 345 16.16 7.80 20.01
CA TYR A 345 16.83 9.04 19.64
C TYR A 345 15.85 10.08 19.14
N HIS A 346 14.79 9.65 18.46
CA HIS A 346 13.70 10.55 18.11
C HIS A 346 12.78 10.68 19.32
N GLY A 347 11.59 11.25 19.11
CA GLY A 347 10.68 11.48 20.21
C GLY A 347 10.08 10.24 20.83
N ASN A 348 9.38 9.44 20.03
CA ASN A 348 8.56 8.36 20.55
C ASN A 348 9.38 7.08 20.66
N MET A 349 9.39 6.49 21.85
CA MET A 349 9.97 5.16 22.00
C MET A 349 9.07 4.09 21.37
N TRP A 350 7.78 4.35 21.32
CA TRP A 350 6.80 3.38 20.83
C TRP A 350 6.59 3.46 19.33
N ASP A 351 7.29 4.33 18.61
CA ASP A 351 6.96 4.55 17.20
C ASP A 351 7.52 3.45 16.31
N LEU A 352 8.84 3.31 16.26
CA LEU A 352 9.57 2.41 15.36
C LEU A 352 9.21 2.68 13.90
N SER A 353 9.56 3.88 13.44
CA SER A 353 9.22 4.29 12.10
C SER A 353 10.47 4.66 11.32
N SER A 354 11.53 3.87 11.48
CA SER A 354 12.76 4.06 10.70
C SER A 354 13.47 2.72 10.59
N PRO A 355 13.04 1.87 9.65
CA PRO A 355 13.59 0.51 9.58
C PRO A 355 15.02 0.41 9.11
N GLY A 356 15.58 1.47 8.52
CA GLY A 356 16.93 1.36 8.02
C GLY A 356 17.55 2.72 7.84
N LEU A 357 18.83 2.70 7.44
CA LEU A 357 19.53 3.94 7.14
C LEU A 357 19.01 4.63 5.88
N ILE A 358 18.33 3.91 5.00
CA ILE A 358 17.57 4.51 3.94
C ILE A 358 16.17 3.89 3.93
N ASN A 359 15.14 4.73 3.85
CA ASN A 359 13.76 4.25 3.86
C ASN A 359 12.84 5.10 2.97
N PHE A 360 12.89 4.80 1.68
CA PHE A 360 12.08 5.49 0.67
C PHE A 360 10.69 4.85 0.54
N GLY A 361 9.96 4.86 1.65
CA GLY A 361 8.76 4.06 1.76
C GLY A 361 7.53 4.67 1.15
N ARG A 362 6.41 3.96 1.32
CA ARG A 362 5.05 4.37 0.98
C ARG A 362 4.88 4.61 -0.53
N PHE A 363 4.97 3.51 -1.27
CA PHE A 363 4.56 3.48 -2.68
C PHE A 363 3.15 2.96 -2.85
N ASP A 364 2.20 3.33 -2.01
CA ASP A 364 0.87 2.77 -2.20
C ASP A 364 -0.19 3.85 -2.41
N SER A 365 0.13 4.79 -3.27
CA SER A 365 -0.83 5.74 -3.81
C SER A 365 -1.42 5.16 -5.09
N GLU A 366 -2.02 5.99 -5.94
CA GLU A 366 -2.37 5.56 -7.29
C GLU A 366 -1.16 5.50 -8.21
N LYS A 367 0.00 5.96 -7.77
CA LYS A 367 1.27 5.82 -8.46
C LYS A 367 1.92 4.46 -8.24
N MET A 368 1.20 3.47 -7.71
CA MET A 368 1.75 2.14 -7.52
C MET A 368 1.57 1.25 -8.74
N ALA A 369 0.77 1.67 -9.70
CA ALA A 369 0.30 0.75 -10.73
C ALA A 369 1.36 0.58 -11.80
N TYR A 370 1.71 -0.66 -12.06
CA TYR A 370 2.46 -1.03 -13.25
C TYR A 370 1.51 -1.79 -14.17
N THR A 371 1.62 -1.53 -15.46
CA THR A 371 0.54 -1.83 -16.39
C THR A 371 1.18 -2.42 -17.65
N ILE A 372 0.37 -3.09 -18.48
CA ILE A 372 0.84 -3.65 -19.73
C ILE A 372 1.40 -2.64 -20.72
N HIS A 373 1.08 -1.35 -20.56
CA HIS A 373 1.74 -0.32 -21.36
C HIS A 373 3.23 -0.20 -21.02
N GLU A 374 3.65 -0.65 -19.84
CA GLU A 374 4.93 -0.25 -19.29
C GLU A 374 5.96 -1.36 -19.19
N ILE A 375 5.59 -2.61 -19.41
CA ILE A 375 6.56 -3.71 -19.31
C ILE A 375 7.66 -3.62 -20.36
N PRO A 376 7.41 -3.37 -21.66
CA PRO A 376 8.54 -3.10 -22.55
C PRO A 376 9.26 -1.79 -22.25
N VAL A 377 8.58 -0.82 -21.64
CA VAL A 377 9.27 0.40 -21.21
C VAL A 377 10.26 0.08 -20.10
N PHE A 378 9.89 -0.83 -19.19
CA PHE A 378 10.82 -1.23 -18.15
C PHE A 378 11.97 -2.04 -18.69
N ILE A 379 11.73 -2.87 -19.72
CA ILE A 379 12.82 -3.62 -20.34
C ILE A 379 13.80 -2.68 -21.02
N ALA A 380 13.28 -1.64 -21.70
CA ALA A 380 14.15 -0.64 -22.31
C ALA A 380 14.91 0.16 -21.28
N MET A 381 14.27 0.48 -20.16
CA MET A 381 14.98 1.21 -19.11
C MET A 381 16.03 0.34 -18.45
N GLY A 382 15.80 -0.96 -18.37
CA GLY A 382 16.85 -1.86 -17.95
C GLY A 382 18.01 -1.91 -18.92
N VAL A 383 17.72 -1.80 -20.22
CA VAL A 383 18.78 -1.75 -21.22
C VAL A 383 19.64 -0.51 -21.03
N VAL A 384 19.00 0.64 -20.81
CA VAL A 384 19.74 1.89 -20.61
C VAL A 384 20.54 1.85 -19.31
N GLY A 385 19.97 1.24 -18.27
CA GLY A 385 20.70 1.07 -17.04
C GLY A 385 21.90 0.15 -17.18
N GLY A 386 21.77 -0.91 -17.97
CA GLY A 386 22.88 -1.79 -18.20
C GLY A 386 23.99 -1.15 -19.01
N VAL A 387 23.62 -0.31 -19.99
CA VAL A 387 24.60 0.39 -20.80
C VAL A 387 25.36 1.40 -19.95
N LEU A 388 24.64 2.19 -19.15
CA LEU A 388 25.29 3.18 -18.31
C LEU A 388 26.08 2.53 -17.17
N GLY A 389 25.65 1.36 -16.71
CA GLY A 389 26.45 0.62 -15.75
C GLY A 389 27.74 0.10 -16.35
N ALA A 390 27.70 -0.29 -17.62
CA ALA A 390 28.92 -0.70 -18.30
C ALA A 390 29.86 0.48 -18.49
N VAL A 391 29.30 1.66 -18.75
CA VAL A 391 30.13 2.87 -18.89
C VAL A 391 30.78 3.22 -17.55
N PHE A 392 30.01 3.13 -16.46
CA PHE A 392 30.52 3.37 -15.11
C PHE A 392 31.64 2.40 -14.77
N ASN A 393 31.42 1.10 -15.02
CA ASN A 393 32.41 0.10 -14.67
C ASN A 393 33.66 0.24 -15.52
N ALA A 394 33.52 0.58 -16.79
CA ALA A 394 34.68 0.69 -17.66
C ALA A 394 35.54 1.89 -17.30
N LEU A 395 34.90 3.04 -17.08
CA LEU A 395 35.65 4.24 -16.69
C LEU A 395 36.31 4.07 -15.33
N ASN A 396 35.63 3.42 -14.40
CA ASN A 396 36.26 3.15 -13.12
C ASN A 396 37.35 2.10 -13.23
N TYR A 397 37.26 1.21 -14.23
CA TYR A 397 38.31 0.20 -14.41
C TYR A 397 39.60 0.85 -14.90
N TRP A 398 39.50 1.74 -15.89
CA TRP A 398 40.67 2.44 -16.37
C TRP A 398 41.25 3.34 -15.29
N LEU A 399 40.37 3.99 -14.52
CA LEU A 399 40.81 4.85 -13.43
C LEU A 399 41.51 4.05 -12.34
N THR A 400 40.98 2.88 -11.98
CA THR A 400 41.60 2.14 -10.91
C THR A 400 42.88 1.45 -11.35
N MET A 401 43.04 1.13 -12.65
CA MET A 401 44.34 0.63 -13.06
C MET A 401 45.38 1.73 -13.13
N PHE A 402 44.95 2.97 -13.41
CA PHE A 402 45.85 4.10 -13.24
C PHE A 402 46.28 4.25 -11.79
N ARG A 403 45.35 4.03 -10.85
CA ARG A 403 45.70 4.15 -9.45
C ARG A 403 46.58 3.01 -8.97
N ILE A 404 46.41 1.80 -9.51
CA ILE A 404 47.35 0.72 -9.19
C ILE A 404 48.73 1.02 -9.75
N ARG A 405 48.79 1.57 -10.97
CA ARG A 405 50.07 1.76 -11.63
C ARG A 405 50.90 2.86 -10.98
N TYR A 406 50.30 4.01 -10.70
CA TYR A 406 51.07 5.18 -10.31
C TYR A 406 50.76 5.69 -8.91
N ILE A 407 49.50 5.94 -8.60
CA ILE A 407 49.15 6.58 -7.31
C ILE A 407 48.94 5.44 -6.32
N HIS A 408 50.06 4.94 -5.79
CA HIS A 408 50.02 3.80 -4.88
C HIS A 408 50.70 4.02 -3.56
N ARG A 409 51.53 5.05 -3.42
CA ARG A 409 52.07 5.37 -2.11
C ARG A 409 50.97 5.96 -1.24
N PRO A 410 51.01 5.70 0.08
CA PRO A 410 49.95 6.20 0.97
C PRO A 410 49.81 7.70 1.02
N CYS A 411 50.92 8.45 0.92
CA CYS A 411 50.83 9.90 0.97
C CYS A 411 50.14 10.44 -0.28
N LEU A 412 50.42 9.86 -1.44
CA LEU A 412 49.72 10.27 -2.66
C LEU A 412 48.25 9.92 -2.61
N GLN A 413 47.88 8.82 -1.95
CA GLN A 413 46.47 8.48 -1.82
C GLN A 413 45.74 9.49 -0.95
N VAL A 414 46.38 9.95 0.13
CA VAL A 414 45.76 10.96 0.99
C VAL A 414 45.57 12.28 0.24
N ILE A 415 46.60 12.71 -0.50
CA ILE A 415 46.48 13.94 -1.29
C ILE A 415 45.40 13.81 -2.36
N GLU A 416 45.27 12.63 -2.97
CA GLU A 416 44.28 12.47 -4.04
C GLU A 416 42.86 12.53 -3.47
N ALA A 417 42.64 11.97 -2.28
CA ALA A 417 41.32 12.07 -1.66
C ALA A 417 40.99 13.50 -1.25
N VAL A 418 41.99 14.26 -0.79
CA VAL A 418 41.77 15.67 -0.45
C VAL A 418 41.37 16.48 -1.68
N LEU A 419 42.08 16.31 -2.80
CA LEU A 419 41.68 17.02 -4.02
C LEU A 419 40.34 16.59 -4.57
N VAL A 420 39.96 15.31 -4.46
CA VAL A 420 38.67 14.96 -5.06
C VAL A 420 37.52 15.45 -4.16
N ALA A 421 37.74 15.57 -2.84
CA ALA A 421 36.73 16.19 -2.01
C ALA A 421 36.61 17.68 -2.28
N ALA A 422 37.74 18.35 -2.49
CA ALA A 422 37.71 19.76 -2.85
C ALA A 422 37.06 19.99 -4.21
N VAL A 423 37.25 19.06 -5.14
CA VAL A 423 36.67 19.22 -6.46
C VAL A 423 35.17 18.96 -6.45
N THR A 424 34.69 17.96 -5.70
CA THR A 424 33.24 17.78 -5.65
C THR A 424 32.55 18.92 -4.90
N ALA A 425 33.23 19.52 -3.93
CA ALA A 425 32.70 20.72 -3.31
C ALA A 425 32.64 21.88 -4.28
N THR A 426 33.71 22.11 -5.05
CA THR A 426 33.68 23.26 -5.92
C THR A 426 32.85 23.06 -7.18
N VAL A 427 32.63 21.82 -7.63
CA VAL A 427 31.77 21.68 -8.79
C VAL A 427 30.31 21.72 -8.34
N ALA A 428 30.04 21.35 -7.09
CA ALA A 428 28.72 21.61 -6.53
C ALA A 428 28.46 23.10 -6.42
N PHE A 429 29.48 23.87 -6.03
CA PHE A 429 29.26 25.30 -5.87
C PHE A 429 29.20 26.03 -7.22
N VAL A 430 29.91 25.56 -8.24
CA VAL A 430 29.76 26.16 -9.56
C VAL A 430 28.38 25.86 -10.14
N LEU A 431 27.87 24.65 -9.94
CA LEU A 431 26.52 24.34 -10.41
C LEU A 431 25.45 25.10 -9.64
N ILE A 432 25.65 25.32 -8.34
CA ILE A 432 24.69 26.10 -7.56
C ILE A 432 24.71 27.55 -7.99
N TYR A 433 25.92 28.12 -8.14
CA TYR A 433 26.08 29.54 -8.44
C TYR A 433 25.57 29.92 -9.82
N SER A 434 25.62 28.99 -10.77
CA SER A 434 25.26 29.28 -12.15
C SER A 434 23.92 28.68 -12.54
N SER A 435 22.97 28.66 -11.62
CA SER A 435 21.65 28.12 -11.87
C SER A 435 20.58 29.17 -11.65
N ARG A 436 19.51 29.08 -12.43
CA ARG A 436 18.45 30.08 -12.40
C ARG A 436 17.08 29.51 -12.07
N ASP A 437 16.94 28.20 -11.92
CA ASP A 437 15.66 27.65 -11.49
C ASP A 437 15.47 27.96 -10.01
N CYS A 438 14.40 28.66 -9.68
CA CYS A 438 14.06 29.01 -8.32
C CYS A 438 12.64 28.56 -8.04
N GLN A 439 12.45 27.78 -6.99
CA GLN A 439 11.13 27.35 -6.62
C GLN A 439 10.91 27.62 -5.14
N PRO A 440 9.69 27.97 -4.74
CA PRO A 440 9.42 28.23 -3.33
C PRO A 440 9.43 26.96 -2.51
N LEU A 441 9.62 27.13 -1.20
CA LEU A 441 9.76 26.00 -0.29
C LEU A 441 8.41 25.33 -0.08
N GLN A 442 8.24 24.14 -0.62
CA GLN A 442 7.24 23.23 -0.09
C GLN A 442 7.79 22.60 1.19
N GLY A 443 6.88 22.23 2.08
CA GLY A 443 7.14 22.00 3.50
C GLY A 443 8.34 21.20 3.96
N GLY A 444 8.82 20.26 3.14
CA GLY A 444 9.98 19.49 3.54
C GLY A 444 10.90 19.09 2.41
N SER A 445 10.81 19.78 1.28
CA SER A 445 11.63 19.41 0.13
C SER A 445 13.08 19.78 0.31
N MET A 446 13.35 20.84 1.06
CA MET A 446 14.70 21.39 1.21
C MET A 446 15.07 21.35 2.68
N SER A 447 16.18 20.68 2.99
CA SER A 447 16.59 20.57 4.40
C SER A 447 17.23 21.85 4.89
N TYR A 448 18.20 22.37 4.16
CA TYR A 448 18.91 23.60 4.51
C TYR A 448 18.83 24.49 3.29
N PRO A 449 17.69 25.13 3.05
CA PRO A 449 17.53 25.89 1.83
C PRO A 449 18.30 27.19 1.87
N LEU A 450 18.88 27.56 0.74
CA LEU A 450 19.54 28.85 0.60
C LEU A 450 19.00 29.53 -0.63
N GLN A 451 18.69 30.81 -0.51
CA GLN A 451 18.42 31.64 -1.67
C GLN A 451 19.73 32.30 -2.08
N LEU A 452 20.27 31.87 -3.21
CA LEU A 452 21.52 32.49 -3.65
C LEU A 452 21.22 33.76 -4.43
N PHE A 453 20.62 33.62 -5.61
CA PHE A 453 20.31 34.76 -6.46
C PHE A 453 18.84 34.83 -6.81
N CYS A 454 18.01 34.02 -6.17
CA CYS A 454 16.58 34.05 -6.43
C CYS A 454 15.96 35.26 -5.76
N ALA A 455 14.67 35.47 -6.00
CA ALA A 455 13.95 36.51 -5.31
C ALA A 455 13.74 36.12 -3.84
N ASP A 456 13.34 37.09 -3.04
CA ASP A 456 13.03 36.82 -1.64
C ASP A 456 11.82 35.90 -1.55
N GLY A 457 11.88 34.94 -0.64
CA GLY A 457 10.81 33.99 -0.48
C GLY A 457 10.84 32.82 -1.43
N GLU A 458 11.70 32.85 -2.44
CA GLU A 458 11.92 31.71 -3.32
C GLU A 458 13.34 31.23 -3.11
N TYR A 459 13.51 29.92 -2.99
CA TYR A 459 14.80 29.34 -2.67
C TYR A 459 15.38 28.63 -3.88
N ASN A 460 16.69 28.43 -3.84
CA ASN A 460 17.39 27.79 -4.95
C ASN A 460 17.03 26.32 -5.03
N SER A 461 17.06 25.78 -6.24
CA SER A 461 16.64 24.42 -6.51
C SER A 461 17.78 23.46 -6.74
N MET A 462 18.85 23.91 -7.41
CA MET A 462 20.01 23.05 -7.57
C MET A 462 20.72 22.86 -6.24
N ALA A 463 20.63 23.85 -5.35
CA ALA A 463 21.20 23.69 -4.02
C ALA A 463 20.40 22.73 -3.15
N ALA A 464 19.21 22.31 -3.58
CA ALA A 464 18.51 21.27 -2.87
C ALA A 464 19.03 19.88 -3.19
N ALA A 465 19.84 19.73 -4.22
CA ALA A 465 20.36 18.42 -4.60
C ALA A 465 21.76 18.16 -4.07
N PHE A 466 22.52 19.19 -3.75
CA PHE A 466 23.86 19.01 -3.19
C PHE A 466 23.91 19.25 -1.69
N PHE A 467 22.84 19.78 -1.09
CA PHE A 467 22.78 19.97 0.35
C PHE A 467 21.96 18.91 1.06
N ASN A 468 20.98 18.33 0.38
CA ASN A 468 20.31 17.16 0.91
C ASN A 468 21.29 16.00 1.01
N THR A 469 21.08 15.16 2.01
CA THR A 469 21.81 13.90 2.03
C THR A 469 21.32 13.03 0.87
N PRO A 470 22.18 12.18 0.32
CA PRO A 470 21.75 11.31 -0.80
C PRO A 470 20.67 10.32 -0.43
N GLU A 471 20.47 10.04 0.85
CA GLU A 471 19.36 9.21 1.27
C GLU A 471 18.04 9.95 1.28
N LYS A 472 18.04 11.26 1.09
CA LYS A 472 16.82 12.04 1.02
C LYS A 472 16.53 12.58 -0.37
N SER A 473 17.55 12.78 -1.18
CA SER A 473 17.31 13.18 -2.57
C SER A 473 16.70 12.04 -3.36
N VAL A 474 16.97 10.80 -2.95
CA VAL A 474 16.37 9.64 -3.61
C VAL A 474 14.88 9.56 -3.28
N VAL A 475 14.53 9.78 -2.00
CA VAL A 475 13.14 9.75 -1.57
C VAL A 475 12.34 10.87 -2.23
N SER A 476 12.96 12.04 -2.34
CA SER A 476 12.32 13.15 -3.03
C SER A 476 12.08 12.84 -4.49
N LEU A 477 13.03 12.18 -5.13
CA LEU A 477 12.85 11.81 -6.54
C LEU A 477 11.81 10.72 -6.69
N PHE A 478 11.57 9.93 -5.66
CA PHE A 478 10.54 8.91 -5.76
C PHE A 478 9.16 9.47 -5.49
N HIS A 479 9.06 10.57 -4.75
CA HIS A 479 7.79 11.02 -4.19
C HIS A 479 7.29 12.39 -4.58
N ASP A 480 8.09 13.24 -5.20
CA ASP A 480 7.58 14.57 -5.54
C ASP A 480 6.56 14.46 -6.68
N PRO A 481 5.46 15.21 -6.60
CA PRO A 481 4.46 15.16 -7.66
C PRO A 481 5.02 15.74 -8.94
N PRO A 482 4.48 15.34 -10.11
CA PRO A 482 5.13 15.67 -11.37
C PRO A 482 5.14 17.15 -11.68
N GLY A 483 6.17 17.57 -12.42
CA GLY A 483 6.40 18.97 -12.65
C GLY A 483 7.11 19.69 -11.54
N SER A 484 7.71 18.95 -10.60
CA SER A 484 8.46 19.56 -9.52
C SER A 484 9.97 19.57 -9.75
N TYR A 485 10.43 19.15 -10.92
CA TYR A 485 11.85 19.09 -11.21
C TYR A 485 12.11 19.64 -12.60
N ASN A 486 13.07 20.54 -12.72
CA ASN A 486 13.48 21.00 -14.03
C ASN A 486 14.28 19.90 -14.74
N PRO A 487 13.98 19.64 -16.01
CA PRO A 487 14.85 18.72 -16.76
C PRO A 487 16.27 19.20 -16.92
N LEU A 488 16.50 20.51 -17.01
CA LEU A 488 17.86 21.01 -17.19
C LEU A 488 18.65 20.88 -15.89
N THR A 489 18.03 21.23 -14.76
CA THR A 489 18.70 21.14 -13.48
C THR A 489 18.99 19.69 -13.11
N LEU A 490 18.01 18.81 -13.29
CA LEU A 490 18.22 17.40 -12.99
C LEU A 490 19.19 16.74 -13.95
N GLY A 491 19.20 17.15 -15.22
CA GLY A 491 20.14 16.60 -16.16
C GLY A 491 21.57 16.98 -15.84
N LEU A 492 21.80 18.25 -15.48
CA LEU A 492 23.13 18.69 -15.09
C LEU A 492 23.59 18.00 -13.82
N PHE A 493 22.68 17.85 -12.85
CA PHE A 493 23.03 17.16 -11.61
C PHE A 493 23.34 15.69 -11.88
N THR A 494 22.60 15.06 -12.81
CA THR A 494 22.82 13.66 -13.13
C THR A 494 24.19 13.45 -13.75
N LEU A 495 24.55 14.29 -14.72
CA LEU A 495 25.81 14.15 -15.43
C LEU A 495 27.00 14.37 -14.50
N VAL A 496 26.94 15.42 -13.68
CA VAL A 496 28.05 15.71 -12.79
C VAL A 496 28.16 14.67 -11.68
N TYR A 497 27.02 14.23 -11.12
CA TYR A 497 27.08 13.22 -10.07
C TYR A 497 27.50 11.86 -10.60
N PHE A 498 27.21 11.56 -11.87
CA PHE A 498 27.68 10.32 -12.46
C PHE A 498 29.18 10.29 -12.53
N PHE A 499 29.79 11.35 -13.08
CA PHE A 499 31.25 11.36 -13.18
C PHE A 499 31.90 11.53 -11.82
N LEU A 500 31.23 12.18 -10.88
CA LEU A 500 31.80 12.32 -9.55
C LEU A 500 31.79 11.01 -8.79
N ALA A 501 30.70 10.25 -8.88
CA ALA A 501 30.65 8.97 -8.18
C ALA A 501 31.61 7.97 -8.80
N CYS A 502 31.74 8.00 -10.13
CA CYS A 502 32.70 7.14 -10.82
C CYS A 502 34.12 7.48 -10.43
N TRP A 503 34.42 8.75 -10.22
CA TRP A 503 35.75 9.12 -9.79
C TRP A 503 35.97 8.80 -8.32
N THR A 504 34.97 9.01 -7.48
CA THR A 504 35.16 8.90 -6.04
C THR A 504 35.18 7.45 -5.56
N TYR A 505 34.65 6.50 -6.34
CA TYR A 505 34.52 5.13 -5.83
C TYR A 505 35.84 4.42 -5.60
N GLY A 506 36.74 4.43 -6.58
CA GLY A 506 37.97 3.69 -6.40
C GLY A 506 39.02 4.42 -5.57
N LEU A 507 38.68 4.82 -4.36
CA LEU A 507 39.56 5.62 -3.53
C LEU A 507 39.95 4.86 -2.28
N THR A 508 40.85 5.48 -1.51
CA THR A 508 41.23 4.95 -0.21
C THR A 508 40.44 5.60 0.91
N VAL A 509 39.11 5.55 0.82
CA VAL A 509 38.22 5.92 1.90
C VAL A 509 37.24 4.77 2.10
N SER A 510 36.59 4.76 3.25
CA SER A 510 35.56 3.76 3.54
C SER A 510 34.26 4.25 2.93
N ALA A 511 33.82 3.61 1.86
CA ALA A 511 32.83 4.25 1.01
C ALA A 511 32.01 3.22 0.27
N GLY A 512 30.69 3.36 0.31
CA GLY A 512 29.82 2.53 -0.48
C GLY A 512 29.74 3.00 -1.91
N VAL A 513 28.98 2.26 -2.71
CA VAL A 513 28.70 2.70 -4.08
C VAL A 513 27.21 2.48 -4.33
N PHE A 514 26.48 2.10 -3.30
CA PHE A 514 25.04 1.86 -3.46
C PHE A 514 24.29 3.15 -3.73
N ILE A 515 24.29 4.08 -2.79
CA ILE A 515 23.45 5.27 -2.88
C ILE A 515 23.93 6.24 -3.96
N PRO A 516 25.23 6.35 -4.28
CA PRO A 516 25.59 6.95 -5.58
C PRO A 516 24.92 6.30 -6.78
N SER A 517 24.92 4.97 -6.88
CA SER A 517 24.25 4.32 -8.00
C SER A 517 22.75 4.54 -7.96
N LEU A 518 22.18 4.52 -6.76
CA LEU A 518 20.74 4.65 -6.62
C LEU A 518 20.29 6.07 -6.92
N LEU A 519 21.11 7.07 -6.59
CA LEU A 519 20.75 8.45 -6.89
C LEU A 519 20.93 8.74 -8.37
N ILE A 520 21.97 8.19 -9.01
CA ILE A 520 22.13 8.34 -10.45
C ILE A 520 20.94 7.74 -11.18
N GLY A 521 20.54 6.53 -10.77
CA GLY A 521 19.41 5.88 -11.41
C GLY A 521 18.08 6.55 -11.16
N ALA A 522 17.88 7.07 -9.94
CA ALA A 522 16.65 7.80 -9.68
C ALA A 522 16.60 9.08 -10.48
N ALA A 523 17.75 9.72 -10.67
CA ALA A 523 17.77 10.99 -11.39
C ALA A 523 17.49 10.80 -12.88
N TRP A 524 18.16 9.86 -13.54
CA TRP A 524 17.81 9.67 -14.94
C TRP A 524 16.50 8.92 -15.12
N GLY A 525 16.05 8.17 -14.12
CA GLY A 525 14.72 7.59 -14.20
C GLY A 525 13.63 8.64 -14.12
N ARG A 526 13.85 9.67 -13.31
CA ARG A 526 12.92 10.79 -13.26
C ARG A 526 12.95 11.59 -14.56
N LEU A 527 14.13 11.70 -15.19
CA LEU A 527 14.20 12.34 -16.49
C LEU A 527 13.44 11.54 -17.54
N PHE A 528 13.51 10.22 -17.46
CA PHE A 528 12.71 9.37 -18.33
C PHE A 528 11.22 9.56 -18.07
N GLY A 529 10.85 9.72 -16.80
CA GLY A 529 9.46 9.93 -16.48
C GLY A 529 8.93 11.26 -16.98
N ILE A 530 9.75 12.30 -16.91
CA ILE A 530 9.36 13.60 -17.44
C ILE A 530 9.25 13.54 -18.96
N SER A 531 10.14 12.79 -19.62
CA SER A 531 10.06 12.62 -21.06
C SER A 531 8.80 11.87 -21.48
N LEU A 532 8.43 10.82 -20.74
CA LEU A 532 7.20 10.10 -21.05
C LEU A 532 5.96 10.91 -20.71
N SER A 533 6.06 11.79 -19.71
CA SER A 533 4.95 12.68 -19.41
C SER A 533 4.82 13.79 -20.46
N TYR A 534 5.89 14.09 -21.18
CA TYR A 534 5.79 15.11 -22.22
C TYR A 534 5.32 14.52 -23.54
N LEU A 535 5.81 13.32 -23.89
CA LEU A 535 5.44 12.71 -25.17
C LEU A 535 3.97 12.33 -25.19
N THR A 536 3.49 11.66 -24.15
CA THR A 536 2.06 11.49 -24.00
C THR A 536 1.47 12.77 -23.41
N GLY A 537 0.15 12.87 -23.44
CA GLY A 537 -0.50 14.07 -22.97
C GLY A 537 -0.66 14.13 -21.46
N ALA A 538 0.46 14.04 -20.74
CA ALA A 538 0.53 13.97 -19.29
C ALA A 538 -0.37 12.86 -18.74
N ALA A 539 -0.09 11.64 -19.20
CA ALA A 539 -0.93 10.51 -18.89
C ALA A 539 -0.81 10.11 -17.43
N ILE A 540 -1.81 9.37 -16.95
CA ILE A 540 -1.80 8.89 -15.58
C ILE A 540 -0.73 7.83 -15.38
N TRP A 541 -0.47 7.00 -16.40
CA TRP A 541 0.49 5.93 -16.23
C TRP A 541 1.93 6.38 -16.31
N ALA A 542 2.21 7.54 -16.87
CA ALA A 542 3.59 8.04 -16.99
C ALA A 542 3.93 8.96 -15.83
N ASP A 543 3.78 8.43 -14.64
CA ASP A 543 4.12 9.20 -13.45
C ASP A 543 5.62 9.14 -13.22
N PRO A 544 6.30 10.28 -13.07
CA PRO A 544 7.76 10.26 -12.93
C PRO A 544 8.26 9.60 -11.66
N GLY A 545 7.45 9.46 -10.62
CA GLY A 545 7.92 8.81 -9.41
C GLY A 545 8.19 7.33 -9.60
N LYS A 546 7.30 6.63 -10.30
CA LYS A 546 7.47 5.20 -10.53
C LYS A 546 8.65 4.93 -11.45
N TYR A 547 8.83 5.77 -12.45
CA TYR A 547 9.97 5.60 -13.33
C TYR A 547 11.28 6.01 -12.68
N ALA A 548 11.23 6.86 -11.66
CA ALA A 548 12.43 7.10 -10.86
C ALA A 548 12.81 5.86 -10.07
N LEU A 549 11.81 5.14 -9.55
CA LEU A 549 12.09 3.88 -8.85
C LEU A 549 12.73 2.87 -9.79
N MET A 550 12.17 2.72 -10.99
CA MET A 550 12.68 1.71 -11.90
C MET A 550 14.04 2.09 -12.44
N GLY A 551 14.31 3.38 -12.58
CA GLY A 551 15.64 3.81 -12.97
C GLY A 551 16.68 3.54 -11.90
N ALA A 552 16.32 3.76 -10.64
CA ALA A 552 17.23 3.49 -9.54
C ALA A 552 17.57 2.01 -9.45
N ALA A 553 16.56 1.15 -9.62
CA ALA A 553 16.82 -0.28 -9.66
C ALA A 553 17.65 -0.65 -10.88
N ALA A 554 17.43 0.04 -12.00
CA ALA A 554 18.19 -0.26 -13.22
C ALA A 554 19.66 0.06 -13.07
N GLN A 555 19.98 1.23 -12.50
CA GLN A 555 21.38 1.60 -12.37
C GLN A 555 22.06 0.80 -11.28
N LEU A 556 21.35 0.51 -10.20
CA LEU A 556 21.94 -0.32 -9.15
C LEU A 556 22.17 -1.75 -9.65
N GLY A 557 21.36 -2.21 -10.60
CA GLY A 557 21.65 -3.49 -11.20
C GLY A 557 22.60 -3.43 -12.37
N GLY A 558 22.88 -2.24 -12.88
CA GLY A 558 23.83 -2.14 -13.96
C GLY A 558 25.23 -2.03 -13.44
N ILE A 559 25.37 -1.40 -12.28
CA ILE A 559 26.71 -1.16 -11.73
C ILE A 559 27.16 -2.34 -10.88
N VAL A 560 26.23 -2.95 -10.14
CA VAL A 560 26.58 -3.97 -9.17
C VAL A 560 26.31 -5.37 -9.69
N ARG A 561 25.16 -5.58 -10.33
CA ARG A 561 24.69 -6.86 -10.90
C ARG A 561 24.57 -7.93 -9.83
N MET A 562 23.73 -7.66 -8.83
CA MET A 562 23.16 -8.73 -8.03
C MET A 562 21.70 -8.87 -8.40
N THR A 563 21.29 -10.12 -8.60
CA THR A 563 20.09 -10.46 -9.35
C THR A 563 18.83 -10.40 -8.49
N LEU A 564 18.79 -11.22 -7.44
CA LEU A 564 17.56 -11.47 -6.70
C LEU A 564 17.51 -10.73 -5.38
N SER A 565 18.67 -10.45 -4.80
CA SER A 565 18.72 -9.77 -3.52
C SER A 565 18.23 -8.34 -3.63
N LEU A 566 18.54 -7.63 -4.73
CA LEU A 566 17.92 -6.32 -4.91
C LEU A 566 16.44 -6.40 -5.19
N THR A 567 15.94 -7.48 -5.81
CA THR A 567 14.50 -7.59 -6.01
C THR A 567 13.80 -7.66 -4.67
N VAL A 568 14.34 -8.46 -3.74
CA VAL A 568 13.74 -8.55 -2.43
C VAL A 568 13.98 -7.29 -1.60
N ILE A 569 15.12 -6.63 -1.75
CA ILE A 569 15.40 -5.42 -1.00
C ILE A 569 14.53 -4.27 -1.49
N MET A 570 14.38 -4.11 -2.80
CA MET A 570 13.57 -3.03 -3.33
C MET A 570 12.08 -3.36 -3.26
N MET A 571 11.70 -4.61 -2.97
CA MET A 571 10.34 -4.87 -2.55
C MET A 571 10.14 -4.53 -1.08
N GLU A 572 11.11 -4.88 -0.24
CA GLU A 572 10.99 -4.73 1.19
C GLU A 572 11.00 -3.26 1.60
N ALA A 573 11.91 -2.47 1.04
CA ALA A 573 12.10 -1.10 1.49
C ALA A 573 10.97 -0.19 1.00
N THR A 574 10.38 -0.51 -0.14
CA THR A 574 9.25 0.26 -0.62
C THR A 574 7.92 -0.24 -0.09
N SER A 575 7.91 -1.43 0.52
CA SER A 575 6.72 -2.09 1.05
C SER A 575 5.65 -2.26 -0.03
N ASN A 576 6.05 -2.82 -1.16
CA ASN A 576 5.14 -3.09 -2.25
C ASN A 576 5.57 -4.40 -2.93
N VAL A 577 4.59 -5.26 -3.21
CA VAL A 577 4.89 -6.53 -3.86
C VAL A 577 4.71 -6.42 -5.37
N THR A 578 3.80 -5.57 -5.83
CA THR A 578 3.57 -5.38 -7.26
C THR A 578 4.76 -4.77 -7.98
N TYR A 579 5.72 -4.22 -7.25
CA TYR A 579 7.04 -3.90 -7.80
C TYR A 579 8.00 -5.06 -7.67
N GLY A 580 7.51 -6.28 -7.60
CA GLY A 580 8.42 -7.39 -7.55
C GLY A 580 8.82 -7.83 -8.94
N PHE A 581 7.80 -8.14 -9.74
CA PHE A 581 8.05 -8.60 -11.11
C PHE A 581 8.70 -7.55 -12.01
N PRO A 582 8.28 -6.28 -12.07
CA PRO A 582 8.97 -5.35 -12.97
C PRO A 582 10.37 -4.99 -12.53
N ILE A 583 10.63 -4.87 -11.22
CA ILE A 583 11.99 -4.66 -10.76
C ILE A 583 12.85 -5.88 -11.07
N MET A 584 12.28 -7.08 -10.99
CA MET A 584 13.04 -8.29 -11.28
C MET A 584 13.42 -8.36 -12.76
N LEU A 585 12.49 -7.93 -13.63
CA LEU A 585 12.78 -7.84 -15.06
C LEU A 585 13.86 -6.82 -15.34
N VAL A 586 13.79 -5.67 -14.66
CA VAL A 586 14.75 -4.58 -14.90
C VAL A 586 16.14 -4.98 -14.45
N LEU A 587 16.25 -5.64 -13.30
CA LEU A 587 17.54 -6.17 -12.83
C LEU A 587 18.11 -7.23 -13.76
N MET A 588 17.28 -8.17 -14.26
CA MET A 588 17.80 -9.14 -15.22
C MET A 588 18.26 -8.50 -16.52
N THR A 589 17.51 -7.53 -17.02
CA THR A 589 17.90 -6.89 -18.27
C THR A 589 19.18 -6.09 -18.09
N ALA A 590 19.31 -5.38 -16.97
CA ALA A 590 20.51 -4.62 -16.70
C ALA A 590 21.72 -5.52 -16.51
N LYS A 591 21.54 -6.66 -15.85
CA LYS A 591 22.64 -7.59 -15.65
C LYS A 591 23.11 -8.20 -16.95
N ILE A 592 22.18 -8.60 -17.82
CA ILE A 592 22.55 -9.27 -19.06
C ILE A 592 23.23 -8.30 -20.03
N VAL A 593 22.60 -7.15 -20.26
CA VAL A 593 23.16 -6.15 -21.17
C VAL A 593 24.44 -5.57 -20.58
N GLY A 594 24.57 -5.54 -19.27
CA GLY A 594 25.84 -5.18 -18.69
C GLY A 594 26.94 -6.21 -18.84
N ASP A 595 26.63 -7.49 -18.65
CA ASP A 595 27.66 -8.51 -18.72
C ASP A 595 28.15 -8.79 -20.13
N VAL A 596 27.46 -8.32 -21.16
CA VAL A 596 28.05 -8.48 -22.50
C VAL A 596 29.17 -7.48 -22.77
N PHE A 597 29.41 -6.51 -21.88
CA PHE A 597 30.48 -5.54 -22.05
C PHE A 597 31.60 -5.72 -21.02
N ILE A 598 31.26 -5.65 -19.74
CA ILE A 598 32.27 -5.63 -18.68
C ILE A 598 31.63 -6.25 -17.44
N GLU A 599 32.47 -6.86 -16.60
CA GLU A 599 32.01 -7.51 -15.39
C GLU A 599 31.46 -6.50 -14.40
N GLY A 600 30.76 -7.00 -13.39
CA GLY A 600 30.23 -6.14 -12.36
C GLY A 600 31.32 -5.56 -11.48
N LEU A 601 30.95 -4.52 -10.74
CA LEU A 601 31.92 -3.77 -9.94
C LEU A 601 32.51 -4.62 -8.83
N TYR A 602 31.65 -5.29 -8.07
CA TYR A 602 32.10 -6.07 -6.93
C TYR A 602 32.86 -7.32 -7.34
N ASP A 603 32.73 -7.74 -8.59
CA ASP A 603 33.53 -8.84 -9.10
C ASP A 603 34.78 -8.36 -9.81
N MET A 604 34.77 -7.12 -10.31
CA MET A 604 35.93 -6.56 -10.97
C MET A 604 37.03 -6.26 -9.97
N HIS A 605 36.68 -5.80 -8.77
CA HIS A 605 37.71 -5.49 -7.79
C HIS A 605 38.28 -6.69 -7.07
N ILE A 606 37.92 -7.93 -7.43
CA ILE A 606 38.78 -9.05 -7.08
C ILE A 606 39.77 -9.33 -8.20
N GLN A 607 39.54 -8.78 -9.39
CA GLN A 607 40.48 -8.87 -10.50
C GLN A 607 41.20 -7.55 -10.70
N LEU A 608 41.53 -6.89 -9.58
CA LEU A 608 42.18 -5.58 -9.50
C LEU A 608 41.42 -4.49 -10.26
N ASP B 76 -44.88 13.52 13.83
CA ASP B 76 -43.77 14.30 14.36
C ASP B 76 -42.56 14.22 13.43
N LEU B 77 -42.58 13.22 12.53
CA LEU B 77 -41.38 12.95 11.74
C LEU B 77 -41.12 13.94 10.61
N PRO B 78 -42.04 14.19 9.64
CA PRO B 78 -41.61 14.97 8.46
C PRO B 78 -41.45 16.45 8.73
N ASP B 79 -42.14 17.01 9.71
CA ASP B 79 -41.95 18.40 10.08
C ASP B 79 -40.92 18.47 11.21
N LEU B 80 -40.80 19.63 11.86
CA LEU B 80 -39.78 19.83 12.87
C LEU B 80 -40.37 20.47 14.12
N ASP B 81 -39.65 20.28 15.23
CA ASP B 81 -39.92 20.99 16.46
C ASP B 81 -39.66 22.49 16.20
N PRO B 82 -40.60 23.38 16.55
CA PRO B 82 -40.43 24.81 16.21
C PRO B 82 -39.20 25.48 16.80
N GLU B 83 -38.76 25.09 18.00
CA GLU B 83 -37.51 25.66 18.50
C GLU B 83 -36.31 25.11 17.72
N CYS B 84 -36.38 23.85 17.27
CA CYS B 84 -35.30 23.30 16.46
C CYS B 84 -35.31 23.92 15.07
N ARG B 85 -36.50 24.24 14.55
CA ARG B 85 -36.59 25.00 13.31
C ARG B 85 -35.96 26.38 13.46
N GLU B 86 -36.23 27.05 14.58
CA GLU B 86 -35.63 28.36 14.84
C GLU B 86 -34.12 28.26 15.00
N LEU B 87 -33.65 27.19 15.62
CA LEU B 87 -32.21 26.95 15.79
C LEU B 87 -31.54 26.76 14.44
N LEU B 88 -32.18 25.99 13.55
CA LEU B 88 -31.64 25.80 12.21
C LEU B 88 -31.67 27.09 11.40
N LEU B 89 -32.71 27.90 11.58
CA LEU B 89 -32.81 29.17 10.87
C LEU B 89 -31.69 30.12 11.32
N ASP B 90 -31.37 30.10 12.61
CA ASP B 90 -30.29 30.92 13.15
C ASP B 90 -28.95 30.50 12.58
N PHE B 91 -28.71 29.19 12.49
CA PHE B 91 -27.46 28.70 11.91
C PHE B 91 -27.37 29.03 10.42
N ALA B 92 -28.51 28.99 9.73
CA ALA B 92 -28.52 29.29 8.30
C ALA B 92 -28.20 30.76 8.03
N ASN B 93 -28.75 31.65 8.87
CA ASN B 93 -28.45 33.08 8.74
C ASN B 93 -26.98 33.37 9.02
N SER B 94 -26.45 32.77 10.10
CA SER B 94 -25.06 33.01 10.47
C SER B 94 -24.09 32.44 9.44
N SER B 95 -24.38 31.25 8.91
CA SER B 95 -23.49 30.66 7.94
C SER B 95 -23.56 31.33 6.58
N ALA B 96 -24.73 31.87 6.20
CA ALA B 96 -24.80 32.65 4.97
C ALA B 96 -23.97 33.92 5.08
N GLU B 97 -23.98 34.55 6.27
CA GLU B 97 -23.12 35.71 6.48
C GLU B 97 -21.65 35.34 6.42
N LEU B 98 -21.29 34.16 6.91
CA LEU B 98 -19.88 33.77 6.90
C LEU B 98 -19.39 33.47 5.49
N THR B 99 -20.19 32.78 4.68
CA THR B 99 -19.80 32.53 3.30
C THR B 99 -19.68 33.82 2.52
N GLY B 100 -20.59 34.77 2.82
CA GLY B 100 -20.44 36.11 2.29
C GLY B 100 -19.12 36.76 2.68
N CYS B 101 -18.74 36.67 3.96
CA CYS B 101 -17.50 37.30 4.43
C CYS B 101 -16.28 36.63 3.80
N LEU B 102 -16.33 35.31 3.60
CA LEU B 102 -15.19 34.61 3.02
C LEU B 102 -14.96 35.00 1.56
N VAL B 103 -16.02 35.41 0.86
CA VAL B 103 -15.81 35.72 -0.54
C VAL B 103 -15.80 37.24 -0.82
N ARG B 104 -16.30 38.07 0.12
CA ARG B 104 -16.04 39.51 0.05
C ARG B 104 -14.55 39.80 0.11
N SER B 105 -13.84 39.05 0.95
CA SER B 105 -12.42 39.26 1.25
C SER B 105 -11.58 38.16 0.60
N ALA B 106 -11.88 37.84 -0.64
CA ALA B 106 -11.31 36.65 -1.27
C ALA B 106 -9.90 36.88 -1.80
N ARG B 107 -9.74 37.76 -2.78
CA ARG B 107 -8.41 37.89 -3.36
C ARG B 107 -7.50 38.86 -2.60
N PRO B 108 -7.92 40.10 -2.23
CA PRO B 108 -6.99 40.84 -1.36
C PRO B 108 -7.20 40.35 0.07
N VAL B 109 -6.47 39.27 0.39
CA VAL B 109 -6.85 38.33 1.44
C VAL B 109 -6.89 39.01 2.79
N ARG B 110 -8.08 39.04 3.38
CA ARG B 110 -8.32 39.46 4.75
C ARG B 110 -9.24 38.46 5.42
N LEU B 111 -8.96 37.17 5.20
CA LEU B 111 -9.87 36.12 5.62
C LEU B 111 -9.89 35.98 7.14
N CYS B 112 -8.72 35.92 7.76
CA CYS B 112 -8.66 35.85 9.21
C CYS B 112 -8.70 37.21 9.87
N GLN B 113 -8.77 38.28 9.09
CA GLN B 113 -8.83 39.62 9.65
C GLN B 113 -10.25 40.14 9.77
N THR B 114 -11.14 39.79 8.84
CA THR B 114 -12.50 40.28 8.86
C THR B 114 -13.54 39.23 9.18
N CYS B 115 -13.18 37.94 9.22
CA CYS B 115 -14.16 36.89 9.43
C CYS B 115 -13.91 36.04 10.68
N TYR B 116 -12.99 36.46 11.56
CA TYR B 116 -12.90 35.79 12.85
C TYR B 116 -14.14 35.90 13.74
N PRO B 117 -14.84 37.06 13.90
CA PRO B 117 -16.01 37.02 14.79
C PRO B 117 -17.18 36.26 14.22
N LEU B 118 -17.34 36.28 12.90
CA LEU B 118 -18.37 35.46 12.25
C LEU B 118 -18.05 33.99 12.39
N PHE B 119 -16.76 33.62 12.43
CA PHE B 119 -16.42 32.23 12.63
C PHE B 119 -16.73 31.79 14.04
N GLN B 120 -16.47 32.65 15.03
CA GLN B 120 -16.88 32.32 16.39
C GLN B 120 -18.40 32.26 16.51
N GLN B 121 -19.11 33.08 15.74
CA GLN B 121 -20.57 33.03 15.70
C GLN B 121 -21.06 31.68 15.17
N VAL B 122 -20.48 31.22 14.07
CA VAL B 122 -20.92 29.98 13.44
C VAL B 122 -20.57 28.77 14.30
N VAL B 123 -19.38 28.74 14.89
CA VAL B 123 -19.02 27.57 15.70
C VAL B 123 -19.79 27.59 17.02
N SER B 124 -20.24 28.76 17.48
CA SER B 124 -21.09 28.78 18.67
C SER B 124 -22.50 28.31 18.35
N LYS B 125 -23.02 28.62 17.16
CA LYS B 125 -24.35 28.09 16.81
C LYS B 125 -24.29 26.59 16.54
N MET B 126 -23.19 26.11 15.99
CA MET B 126 -23.05 24.67 15.79
C MET B 126 -22.91 23.95 17.12
N ASP B 127 -22.23 24.56 18.09
CA ASP B 127 -22.18 23.99 19.44
C ASP B 127 -23.54 24.13 20.12
N ASN B 128 -24.29 25.17 19.76
CA ASN B 128 -25.64 25.38 20.29
C ASN B 128 -26.59 24.28 19.85
N ILE B 129 -26.44 23.79 18.62
CA ILE B 129 -27.30 22.72 18.13
C ILE B 129 -27.04 21.43 18.90
N SER B 130 -25.78 21.04 19.04
CA SER B 130 -25.43 19.82 19.75
C SER B 130 -25.21 20.15 21.22
N ARG B 131 -26.29 20.13 21.99
CA ARG B 131 -26.19 20.40 23.42
C ARG B 131 -25.98 19.11 24.19
N ALA B 143 -32.10 19.25 18.06
CA ALA B 143 -30.83 18.85 18.65
C ALA B 143 -30.33 17.56 18.01
N ARG B 144 -31.01 16.47 18.33
CA ARG B 144 -30.62 15.18 17.78
C ARG B 144 -31.04 15.03 16.32
N SER B 145 -32.16 15.63 15.93
CA SER B 145 -32.67 15.52 14.58
C SER B 145 -31.86 16.32 13.56
N LEU B 146 -31.11 17.33 13.99
CA LEU B 146 -30.44 18.22 13.05
C LEU B 146 -29.18 17.60 12.45
N LEU B 147 -28.46 16.77 13.19
CA LEU B 147 -27.16 16.33 12.69
C LEU B 147 -27.23 15.04 11.90
N MET B 148 -27.66 13.94 12.52
CA MET B 148 -27.45 12.61 11.96
C MET B 148 -28.73 11.93 11.50
N ALA B 149 -29.77 12.71 11.19
CA ALA B 149 -31.04 12.15 10.77
C ALA B 149 -31.25 12.17 9.26
N ASP B 150 -30.18 12.35 8.49
CA ASP B 150 -30.23 12.19 7.04
C ASP B 150 -28.86 11.77 6.56
N ARG B 151 -28.78 11.35 5.30
CA ARG B 151 -27.54 10.79 4.78
C ARG B 151 -26.46 11.84 4.65
N MET B 152 -26.82 13.01 4.11
CA MET B 152 -25.81 14.01 3.80
C MET B 152 -25.23 14.67 5.03
N GLN B 153 -26.08 14.94 6.03
CA GLN B 153 -25.77 15.75 7.21
C GLN B 153 -25.19 17.10 6.78
N ILE B 154 -26.05 17.87 6.10
CA ILE B 154 -25.63 19.10 5.45
C ILE B 154 -25.13 20.14 6.45
N VAL B 155 -25.69 20.14 7.66
CA VAL B 155 -25.16 21.02 8.70
C VAL B 155 -23.77 20.58 9.12
N VAL B 156 -23.56 19.27 9.29
CA VAL B 156 -22.28 18.78 9.76
C VAL B 156 -21.20 18.93 8.70
N ILE B 157 -21.53 18.69 7.43
CA ILE B 157 -20.51 18.85 6.41
C ILE B 157 -20.26 20.33 6.13
N LEU B 158 -21.22 21.21 6.40
CA LEU B 158 -20.95 22.63 6.28
C LEU B 158 -20.04 23.11 7.40
N SER B 159 -20.28 22.64 8.62
CA SER B 159 -19.42 23.00 9.73
C SER B 159 -18.02 22.43 9.55
N GLU B 160 -17.92 21.22 9.00
CA GLU B 160 -16.62 20.64 8.72
C GLU B 160 -15.90 21.38 7.61
N PHE B 161 -16.63 21.94 6.64
CA PHE B 161 -15.99 22.74 5.61
C PHE B 161 -15.46 24.04 6.19
N PHE B 162 -16.20 24.66 7.11
CA PHE B 162 -15.69 25.89 7.71
C PHE B 162 -14.48 25.61 8.60
N ASN B 163 -14.44 24.46 9.26
CA ASN B 163 -13.25 24.12 10.02
C ASN B 163 -12.05 23.82 9.13
N THR B 164 -12.28 23.17 7.99
CA THR B 164 -11.17 22.88 7.08
C THR B 164 -10.62 24.17 6.48
N THR B 165 -11.51 25.11 6.13
CA THR B 165 -11.06 26.42 5.67
C THR B 165 -10.35 27.20 6.77
N TRP B 166 -10.78 27.02 8.02
CA TRP B 166 -10.10 27.66 9.14
C TRP B 166 -8.70 27.08 9.36
N GLN B 167 -8.58 25.76 9.34
CA GLN B 167 -7.29 25.14 9.65
C GLN B 167 -6.31 25.27 8.50
N GLU B 168 -6.80 25.30 7.26
CA GLU B 168 -5.90 25.49 6.13
C GLU B 168 -5.37 26.90 6.08
N ALA B 169 -6.20 27.87 6.48
CA ALA B 169 -5.76 29.25 6.56
C ALA B 169 -4.81 29.49 7.72
N ASN B 170 -4.89 28.65 8.76
CA ASN B 170 -4.16 28.79 10.02
C ASN B 170 -4.43 30.15 10.65
N CYS B 171 -5.71 30.46 10.84
CA CYS B 171 -6.12 31.73 11.41
C CYS B 171 -5.82 31.86 12.89
N ALA B 172 -5.38 30.79 13.55
CA ALA B 172 -5.05 30.86 14.97
C ALA B 172 -3.83 31.74 15.23
N ASN B 173 -3.00 32.00 14.23
CA ASN B 173 -1.92 32.95 14.41
C ASN B 173 -2.37 34.40 14.28
N CYS B 174 -3.55 34.65 13.74
CA CYS B 174 -4.09 35.99 13.67
C CYS B 174 -5.01 36.32 14.84
N LEU B 175 -5.07 35.42 15.83
CA LEU B 175 -5.78 35.64 17.07
C LEU B 175 -4.85 35.30 18.21
N THR B 176 -5.10 35.87 19.38
CA THR B 176 -4.32 35.46 20.54
C THR B 176 -4.78 34.07 21.00
N ASN B 177 -4.03 33.49 21.94
CA ASN B 177 -4.32 32.14 22.41
C ASN B 177 -5.67 32.09 23.13
N ASN B 178 -5.97 33.11 23.93
CA ASN B 178 -7.35 33.44 24.23
C ASN B 178 -7.90 34.18 23.01
N SER B 179 -9.05 33.76 22.52
CA SER B 179 -9.47 34.12 21.17
C SER B 179 -10.01 35.56 21.10
N GLU B 180 -10.64 35.88 19.97
CA GLU B 180 -11.34 37.12 19.62
C GLU B 180 -10.49 38.39 19.74
N GLU B 181 -9.16 38.26 19.78
CA GLU B 181 -8.28 39.42 19.64
C GLU B 181 -7.52 39.31 18.32
N LEU B 182 -6.58 40.22 18.10
CA LEU B 182 -5.91 40.34 16.81
C LEU B 182 -4.43 40.07 16.88
N SER B 183 -3.95 39.38 17.93
CA SER B 183 -2.63 38.74 17.98
C SER B 183 -1.46 39.69 17.78
N ASN B 184 -1.11 40.46 18.83
CA ASN B 184 -0.22 41.63 18.79
C ASN B 184 1.07 41.46 17.99
N SER B 185 1.53 40.24 17.76
CA SER B 185 2.59 39.99 16.78
C SER B 185 2.19 40.44 15.38
N THR B 186 0.92 40.27 15.02
CA THR B 186 0.52 40.50 13.63
C THR B 186 -0.03 41.89 13.34
N VAL B 187 -0.55 42.60 14.34
CA VAL B 187 -1.03 43.96 14.05
C VAL B 187 0.15 44.88 13.78
N TYR B 188 1.30 44.60 14.40
CA TYR B 188 2.53 45.30 14.05
C TYR B 188 2.92 45.02 12.60
N PHE B 189 2.74 43.77 12.16
CA PHE B 189 3.08 43.40 10.79
C PHE B 189 2.15 44.08 9.81
N LEU B 190 0.85 44.12 10.10
CA LEU B 190 -0.09 44.79 9.20
C LEU B 190 0.13 46.30 9.18
N ASN B 191 0.51 46.88 10.32
CA ASN B 191 0.85 48.30 10.35
C ASN B 191 2.08 48.59 9.51
N LEU B 192 3.09 47.73 9.59
CA LEU B 192 4.30 47.92 8.78
C LEU B 192 4.05 47.62 7.30
N PHE B 193 3.11 46.71 7.01
CA PHE B 193 2.75 46.40 5.64
C PHE B 193 2.06 47.58 4.98
N ASN B 194 1.13 48.21 5.72
CA ASN B 194 0.49 49.44 5.26
C ASN B 194 1.49 50.58 5.14
N HIS B 195 2.44 50.65 6.09
CA HIS B 195 3.50 51.65 6.04
C HIS B 195 4.37 51.47 4.80
N THR B 196 4.69 50.22 4.47
CA THR B 196 5.54 49.92 3.32
C THR B 196 4.83 50.25 2.01
N LEU B 197 3.54 49.97 1.93
CA LEU B 197 2.82 50.28 0.69
C LEU B 197 2.61 51.77 0.52
N THR B 198 2.35 52.49 1.62
CA THR B 198 2.22 53.94 1.52
C THR B 198 3.55 54.59 1.15
N CYS B 199 4.68 53.97 1.56
CA CYS B 199 5.96 54.43 1.07
C CYS B 199 6.23 53.99 -0.37
N PHE B 200 5.63 52.89 -0.82
CA PHE B 200 5.70 52.55 -2.24
C PHE B 200 4.87 53.49 -3.11
N GLU B 201 3.89 54.17 -2.53
CA GLU B 201 3.07 55.09 -3.33
C GLU B 201 3.82 56.36 -3.73
N HIS B 202 5.01 56.60 -3.19
CA HIS B 202 5.84 57.74 -3.58
C HIS B 202 6.54 57.40 -4.89
N ASN B 203 5.78 57.53 -5.98
CA ASN B 203 6.18 57.22 -7.35
C ASN B 203 6.71 55.80 -7.52
N CYS B 221 13.77 55.67 -7.58
CA CYS B 221 13.16 54.36 -7.69
C CYS B 221 13.33 53.57 -6.41
N LYS B 222 14.58 53.24 -6.09
CA LYS B 222 14.91 52.48 -4.88
C LYS B 222 15.22 53.46 -3.76
N ASN B 223 14.18 53.86 -3.05
CA ASN B 223 14.32 54.78 -1.93
C ASN B 223 13.83 54.19 -0.62
N CYS B 224 12.70 53.51 -0.65
CA CYS B 224 12.07 52.99 0.57
C CYS B 224 12.39 51.50 0.71
N ARG B 225 13.64 51.26 1.11
CA ARG B 225 14.19 49.91 1.19
C ARG B 225 14.29 49.38 2.60
N GLU B 226 14.72 50.21 3.56
CA GLU B 226 14.88 49.74 4.93
C GLU B 226 13.55 49.44 5.60
N ALA B 227 12.46 50.04 5.14
CA ALA B 227 11.13 49.59 5.56
C ALA B 227 10.87 48.17 5.07
N TYR B 228 11.24 47.89 3.82
CA TYR B 228 11.06 46.55 3.28
C TYR B 228 11.96 45.54 3.97
N LYS B 229 13.20 45.93 4.29
CA LYS B 229 14.09 45.03 5.01
C LYS B 229 13.61 44.77 6.43
N THR B 230 13.01 45.79 7.06
CA THR B 230 12.40 45.59 8.36
C THR B 230 11.21 44.63 8.27
N LEU B 231 10.44 44.75 7.19
CA LEU B 231 9.30 43.87 6.97
C LEU B 231 9.75 42.42 6.78
N SER B 232 10.79 42.21 5.98
CA SER B 232 11.27 40.86 5.71
C SER B 232 11.90 40.25 6.95
N SER B 233 12.61 41.06 7.74
CA SER B 233 13.16 40.58 9.01
C SER B 233 12.05 40.23 10.00
N LEU B 234 10.98 41.03 10.00
CA LEU B 234 9.84 40.73 10.88
C LEU B 234 9.13 39.46 10.44
N TYR B 235 9.00 39.24 9.13
CA TYR B 235 8.34 38.06 8.61
C TYR B 235 9.13 36.80 8.94
N SER B 236 10.46 36.86 8.80
CA SER B 236 11.29 35.71 9.16
C SER B 236 11.27 35.48 10.67
N GLU B 237 11.17 36.56 11.45
CA GLU B 237 11.07 36.43 12.90
C GLU B 237 9.76 35.75 13.31
N MET B 238 8.66 36.09 12.63
CA MET B 238 7.40 35.42 12.94
C MET B 238 7.38 33.98 12.46
N GLN B 239 8.10 33.68 11.37
CA GLN B 239 8.23 32.28 10.94
C GLN B 239 8.97 31.44 11.97
N LYS B 240 10.06 31.97 12.52
CA LYS B 240 10.76 31.23 13.57
C LYS B 240 9.95 31.21 14.87
N MET B 241 9.12 32.23 15.09
CA MET B 241 8.21 32.21 16.23
C MET B 241 7.13 31.14 16.07
N ASN B 242 6.77 30.81 14.84
CA ASN B 242 5.77 29.80 14.57
C ASN B 242 6.35 28.38 14.51
N GLU B 243 7.52 28.16 15.08
CA GLU B 243 8.07 26.81 15.19
C GLU B 243 8.58 26.47 16.58
N LEU B 244 8.68 27.45 17.48
CA LEU B 244 9.07 27.19 18.86
C LEU B 244 7.91 27.31 19.84
N GLU B 245 6.93 28.16 19.54
CA GLU B 245 5.71 28.23 20.35
C GLU B 245 4.71 27.18 19.91
N ASN B 246 4.53 27.04 18.60
CA ASN B 246 3.73 25.96 18.01
C ASN B 246 4.71 25.11 17.21
N LYS B 247 5.11 23.98 17.77
CA LYS B 247 6.17 23.17 17.19
C LYS B 247 5.71 22.50 15.90
N ALA B 248 6.51 22.63 14.86
CA ALA B 248 6.15 22.13 13.55
C ALA B 248 7.42 21.94 12.71
N GLU B 249 7.23 21.59 11.46
CA GLU B 249 8.30 21.42 10.49
C GLU B 249 8.87 22.77 10.08
N PRO B 250 10.08 22.81 9.52
CA PRO B 250 10.57 24.05 8.90
C PRO B 250 9.70 24.45 7.71
N GLY B 251 9.46 25.75 7.60
CA GLY B 251 8.62 26.28 6.54
C GLY B 251 7.15 25.93 6.66
N THR B 252 6.60 25.94 7.89
CA THR B 252 5.17 25.77 8.06
C THR B 252 4.46 27.07 7.67
N HIS B 253 3.17 26.95 7.37
CA HIS B 253 2.43 28.06 6.80
C HIS B 253 1.91 28.98 7.89
N LEU B 254 2.09 30.28 7.69
CA LEU B 254 1.68 31.30 8.64
C LEU B 254 0.20 31.63 8.39
N CYS B 255 -0.30 32.65 9.07
CA CYS B 255 -1.67 33.10 8.88
C CYS B 255 -1.80 33.75 7.50
N ILE B 256 -2.93 33.48 6.83
CA ILE B 256 -3.00 33.64 5.38
C ILE B 256 -2.98 35.10 4.93
N ASP B 257 -3.57 36.01 5.70
CA ASP B 257 -3.53 37.42 5.28
C ASP B 257 -2.14 38.02 5.52
N VAL B 258 -1.44 37.58 6.56
CA VAL B 258 -0.04 37.92 6.76
C VAL B 258 0.80 37.40 5.61
N GLU B 259 0.56 36.14 5.25
CA GLU B 259 1.38 35.47 4.25
C GLU B 259 1.11 36.03 2.86
N ASP B 260 -0.14 36.42 2.58
CA ASP B 260 -0.43 37.06 1.32
C ASP B 260 -0.01 38.53 1.28
N ALA B 261 0.03 39.21 2.42
CA ALA B 261 0.62 40.54 2.44
C ALA B 261 2.09 40.48 2.08
N MET B 262 2.80 39.51 2.63
CA MET B 262 4.21 39.37 2.33
C MET B 262 4.42 38.89 0.90
N ASN B 263 3.50 38.06 0.39
CA ASN B 263 3.45 37.66 -1.01
C ASN B 263 3.35 38.86 -1.93
N ILE B 264 2.43 39.78 -1.62
CA ILE B 264 2.21 40.97 -2.45
C ILE B 264 3.43 41.87 -2.42
N THR B 265 4.04 42.04 -1.23
CA THR B 265 5.22 42.88 -1.11
C THR B 265 6.40 42.32 -1.90
N ARG B 266 6.61 41.01 -1.84
CA ARG B 266 7.74 40.43 -2.56
C ARG B 266 7.49 40.41 -4.06
N LYS B 267 6.24 40.25 -4.48
CA LYS B 267 5.96 40.30 -5.92
C LYS B 267 6.07 41.72 -6.46
N LEU B 268 5.80 42.74 -5.64
CA LEU B 268 6.10 44.10 -6.06
C LEU B 268 7.59 44.34 -6.13
N TRP B 269 8.33 43.85 -5.14
CA TRP B 269 9.73 44.21 -4.98
C TRP B 269 10.61 43.54 -6.02
N SER B 270 10.24 42.35 -6.48
CA SER B 270 11.09 41.62 -7.42
C SER B 270 10.52 41.58 -8.82
N ARG B 271 9.29 41.10 -9.02
CA ARG B 271 8.77 40.91 -10.36
C ARG B 271 8.39 42.22 -11.04
N THR B 272 8.08 43.27 -10.28
CA THR B 272 7.63 44.52 -10.86
C THR B 272 8.69 45.62 -10.80
N PHE B 273 9.21 45.91 -9.61
CA PHE B 273 10.17 47.00 -9.48
C PHE B 273 11.55 46.63 -10.00
N ASN B 274 11.90 45.34 -10.01
CA ASN B 274 13.17 44.79 -10.50
C ASN B 274 14.37 45.43 -9.78
N CYS B 275 14.43 45.18 -8.48
CA CYS B 275 15.48 45.77 -7.64
C CYS B 275 16.02 44.72 -6.68
N SER B 276 17.23 44.23 -6.93
CA SER B 276 17.83 43.23 -6.06
C SER B 276 19.33 43.39 -5.84
N VAL B 277 19.95 44.46 -6.39
CA VAL B 277 21.38 44.83 -6.34
C VAL B 277 22.31 43.63 -6.54
N PRO B 278 22.49 43.17 -7.79
CA PRO B 278 23.18 41.89 -8.05
C PRO B 278 24.64 41.89 -7.62
N CYS B 279 25.20 40.67 -7.62
CA CYS B 279 26.40 40.37 -6.84
C CYS B 279 27.64 41.06 -7.38
N SER B 280 27.89 40.93 -8.69
CA SER B 280 29.08 41.45 -9.38
C SER B 280 30.37 40.98 -8.72
N ASP B 281 30.41 39.69 -8.37
CA ASP B 281 31.61 39.05 -7.84
C ASP B 281 31.86 37.71 -8.53
N THR B 282 31.59 37.67 -9.84
CA THR B 282 31.74 36.43 -10.58
C THR B 282 33.20 36.06 -10.78
N VAL B 283 34.03 37.03 -11.17
CA VAL B 283 35.42 36.74 -11.52
C VAL B 283 36.32 36.29 -10.36
N PRO B 284 36.09 36.59 -9.07
CA PRO B 284 36.83 35.81 -8.07
C PRO B 284 36.35 34.38 -7.96
N VAL B 285 35.05 34.15 -8.15
CA VAL B 285 34.51 32.79 -8.13
C VAL B 285 35.04 31.99 -9.30
N ILE B 286 35.08 32.58 -10.49
CA ILE B 286 35.59 31.84 -11.65
C ILE B 286 37.10 31.65 -11.55
N ALA B 287 37.81 32.56 -10.87
CA ALA B 287 39.25 32.36 -10.70
C ALA B 287 39.54 31.22 -9.74
N VAL B 288 38.84 31.18 -8.61
CA VAL B 288 39.01 30.11 -7.64
C VAL B 288 38.56 28.77 -8.23
N SER B 289 37.48 28.79 -9.01
CA SER B 289 36.97 27.55 -9.58
C SER B 289 37.91 26.97 -10.63
N VAL B 290 38.48 27.81 -11.51
CA VAL B 290 39.42 27.24 -12.47
C VAL B 290 40.72 26.84 -11.81
N PHE B 291 41.06 27.45 -10.67
CA PHE B 291 42.25 27.01 -9.94
C PHE B 291 42.04 25.63 -9.32
N ILE B 292 40.91 25.43 -8.66
CA ILE B 292 40.68 24.15 -7.99
C ILE B 292 40.40 23.05 -9.01
N LEU B 293 39.75 23.36 -10.13
CA LEU B 293 39.61 22.34 -11.18
C LEU B 293 40.93 22.06 -11.89
N PHE B 294 41.85 23.02 -11.96
CA PHE B 294 43.14 22.71 -12.56
C PHE B 294 44.07 21.97 -11.61
N LEU B 295 43.76 21.95 -10.32
CA LEU B 295 44.61 21.25 -9.37
C LEU B 295 44.71 19.73 -9.59
N PRO B 296 43.64 18.96 -9.88
CA PRO B 296 43.86 17.54 -10.21
C PRO B 296 44.54 17.30 -11.54
N VAL B 297 44.46 18.24 -12.49
CA VAL B 297 45.23 18.10 -13.72
C VAL B 297 46.71 18.12 -13.41
N VAL B 298 47.13 19.05 -12.54
CA VAL B 298 48.50 19.12 -12.07
C VAL B 298 48.89 17.85 -11.32
N PHE B 299 48.00 17.37 -10.44
CA PHE B 299 48.32 16.21 -9.61
C PHE B 299 48.43 14.94 -10.43
N TYR B 300 47.47 14.69 -11.32
CA TYR B 300 47.48 13.45 -12.08
C TYR B 300 48.58 13.44 -13.13
N LEU B 301 48.90 14.59 -13.73
CA LEU B 301 50.01 14.63 -14.67
C LEU B 301 51.35 14.50 -13.97
N SER B 302 51.51 15.13 -12.80
CA SER B 302 52.78 15.02 -12.09
C SER B 302 53.00 13.62 -11.54
N SER B 303 51.94 12.94 -11.12
CA SER B 303 52.08 11.56 -10.71
C SER B 303 52.26 10.62 -11.89
N PHE B 304 51.75 10.99 -13.07
CA PHE B 304 52.02 10.20 -14.27
C PHE B 304 53.47 10.32 -14.70
N LEU B 305 54.07 11.50 -14.51
CA LEU B 305 55.44 11.77 -14.92
C LEU B 305 56.41 11.60 -13.76
N HIS B 306 56.17 10.63 -12.90
CA HIS B 306 57.08 10.33 -11.80
C HIS B 306 56.96 8.85 -11.41
N ALA C 118 22.01 -29.42 -29.80
CA ALA C 118 22.25 -30.51 -28.87
C ALA C 118 21.23 -30.49 -27.73
N PHE C 119 21.66 -30.07 -26.55
CA PHE C 119 20.76 -29.98 -25.40
C PHE C 119 19.87 -28.75 -25.46
N ARG C 120 20.20 -27.78 -26.31
CA ARG C 120 19.45 -26.52 -26.36
C ARG C 120 18.02 -26.74 -26.85
N THR C 121 17.83 -27.63 -27.83
CA THR C 121 16.48 -27.91 -28.31
C THR C 121 15.67 -28.67 -27.26
N VAL C 122 16.32 -29.44 -26.39
CA VAL C 122 15.62 -30.09 -25.30
C VAL C 122 15.12 -29.06 -24.29
N GLU C 123 15.96 -28.06 -23.98
CA GLU C 123 15.52 -27.04 -23.02
C GLU C 123 14.45 -26.13 -23.61
N ILE C 124 14.48 -25.89 -24.93
CA ILE C 124 13.38 -25.15 -25.55
C ILE C 124 12.09 -25.96 -25.54
N LYS C 125 12.19 -27.29 -25.71
CA LYS C 125 11.01 -28.14 -25.59
C LYS C 125 10.43 -28.09 -24.18
N ARG C 126 11.29 -28.09 -23.16
CA ARG C 126 10.83 -28.01 -21.78
C ARG C 126 10.16 -26.67 -21.51
N TRP C 127 10.73 -25.58 -22.00
CA TRP C 127 10.15 -24.28 -21.71
C TRP C 127 8.86 -24.03 -22.48
N VAL C 128 8.74 -24.57 -23.69
CA VAL C 128 7.48 -24.38 -24.41
C VAL C 128 6.39 -25.28 -23.82
N ILE C 129 6.77 -26.41 -23.22
CA ILE C 129 5.78 -27.24 -22.54
C ILE C 129 5.30 -26.53 -21.28
N CYS C 130 6.21 -25.88 -20.55
CA CYS C 130 5.81 -25.12 -19.37
C CYS C 130 4.94 -23.91 -19.72
N ALA C 131 5.19 -23.29 -20.87
CA ALA C 131 4.31 -22.23 -21.33
C ALA C 131 2.92 -22.75 -21.66
N LEU C 132 2.82 -23.93 -22.27
CA LEU C 132 1.50 -24.48 -22.56
C LEU C 132 0.75 -24.89 -21.30
N ILE C 133 1.46 -25.42 -20.29
CA ILE C 133 0.71 -25.82 -19.10
C ILE C 133 0.31 -24.61 -18.29
N GLY C 134 1.06 -23.52 -18.36
CA GLY C 134 0.62 -22.29 -17.75
C GLY C 134 -0.61 -21.71 -18.42
N ILE C 135 -0.63 -21.71 -19.75
CA ILE C 135 -1.76 -21.16 -20.49
C ILE C 135 -3.01 -22.02 -20.30
N LEU C 136 -2.85 -23.35 -20.35
CA LEU C 136 -3.98 -24.24 -20.16
C LEU C 136 -4.53 -24.20 -18.75
N THR C 137 -3.67 -24.04 -17.75
CA THR C 137 -4.15 -23.95 -16.37
C THR C 137 -4.88 -22.64 -16.13
N GLY C 138 -4.43 -21.56 -16.78
CA GLY C 138 -5.18 -20.32 -16.71
C GLY C 138 -6.55 -20.41 -17.37
N LEU C 139 -6.62 -21.11 -18.50
CA LEU C 139 -7.91 -21.27 -19.18
C LEU C 139 -8.87 -22.14 -18.37
N VAL C 140 -8.34 -23.16 -17.69
CA VAL C 140 -9.19 -23.99 -16.85
C VAL C 140 -9.68 -23.22 -15.63
N ALA C 141 -8.81 -22.35 -15.08
CA ALA C 141 -9.19 -21.53 -13.93
C ALA C 141 -10.28 -20.52 -14.28
N CYS C 142 -10.15 -19.87 -15.45
CA CYS C 142 -11.20 -18.90 -15.81
C CYS C 142 -12.47 -19.59 -16.27
N PHE C 143 -12.36 -20.81 -16.80
CA PHE C 143 -13.56 -21.58 -17.10
C PHE C 143 -14.34 -21.90 -15.85
N ILE C 144 -13.63 -22.31 -14.78
CA ILE C 144 -14.27 -22.60 -13.50
C ILE C 144 -14.94 -21.35 -12.94
N ASP C 145 -14.23 -20.21 -13.00
CA ASP C 145 -14.76 -18.99 -12.38
C ASP C 145 -15.98 -18.48 -13.14
N ILE C 146 -15.95 -18.53 -14.47
CA ILE C 146 -17.08 -18.03 -15.27
C ILE C 146 -18.32 -18.90 -15.07
N VAL C 147 -18.16 -20.23 -15.14
CA VAL C 147 -19.32 -21.11 -15.03
C VAL C 147 -19.89 -21.09 -13.61
N VAL C 148 -19.02 -21.02 -12.59
CA VAL C 148 -19.51 -20.93 -11.22
C VAL C 148 -20.25 -19.62 -10.98
N GLU C 149 -19.73 -18.51 -11.52
CA GLU C 149 -20.38 -17.21 -11.34
C GLU C 149 -21.76 -17.18 -11.98
N ASN C 150 -21.88 -17.70 -13.20
CA ASN C 150 -23.18 -17.68 -13.87
C ASN C 150 -24.18 -18.64 -13.24
N LEU C 151 -23.74 -19.85 -12.90
CA LEU C 151 -24.67 -20.83 -12.35
C LEU C 151 -25.12 -20.47 -10.94
N ALA C 152 -24.20 -19.96 -10.10
CA ALA C 152 -24.60 -19.52 -8.78
C ALA C 152 -25.44 -18.27 -8.84
N GLY C 153 -25.21 -17.41 -9.84
CA GLY C 153 -26.10 -16.30 -10.06
C GLY C 153 -27.51 -16.73 -10.40
N LEU C 154 -27.64 -17.76 -11.25
CA LEU C 154 -28.95 -18.27 -11.62
C LEU C 154 -29.65 -18.90 -10.42
N LYS C 155 -28.93 -19.70 -9.64
CA LYS C 155 -29.53 -20.41 -8.51
C LYS C 155 -29.94 -19.46 -7.40
N TYR C 156 -29.08 -18.50 -7.07
CA TYR C 156 -29.44 -17.57 -6.02
C TYR C 156 -30.49 -16.57 -6.47
N ARG C 157 -30.59 -16.28 -7.77
CA ARG C 157 -31.68 -15.43 -8.22
C ARG C 157 -33.01 -16.18 -8.18
N VAL C 158 -32.99 -17.50 -8.40
CA VAL C 158 -34.21 -18.28 -8.27
C VAL C 158 -34.68 -18.30 -6.83
N ILE C 159 -33.75 -18.51 -5.89
CA ILE C 159 -34.12 -18.61 -4.48
C ILE C 159 -34.55 -17.24 -3.92
N LYS C 160 -33.82 -16.18 -4.26
CA LYS C 160 -34.22 -14.85 -3.81
C LYS C 160 -35.52 -14.41 -4.45
N GLY C 161 -35.79 -14.83 -5.68
CA GLY C 161 -37.09 -14.57 -6.27
C GLY C 161 -38.20 -15.41 -5.69
N ASN C 162 -37.88 -16.49 -4.98
CA ASN C 162 -38.87 -17.36 -4.39
C ASN C 162 -39.11 -17.07 -2.92
N ILE C 163 -38.11 -16.55 -2.22
CA ILE C 163 -38.32 -16.13 -0.84
C ILE C 163 -39.19 -14.87 -0.78
N ASP C 164 -38.93 -13.92 -1.69
CA ASP C 164 -39.68 -12.68 -1.71
C ASP C 164 -41.13 -12.89 -2.16
N LYS C 165 -41.40 -13.94 -2.92
CA LYS C 165 -42.79 -14.25 -3.25
C LYS C 165 -43.54 -14.76 -2.04
N PHE C 166 -42.90 -15.60 -1.22
CA PHE C 166 -43.55 -16.24 -0.09
C PHE C 166 -43.25 -15.53 1.23
N THR C 167 -42.68 -14.32 1.18
CA THR C 167 -42.39 -13.59 2.41
C THR C 167 -43.68 -13.17 3.12
N GLU C 168 -44.59 -12.54 2.39
CA GLU C 168 -45.93 -12.31 2.90
C GLU C 168 -46.80 -13.50 2.54
N LYS C 169 -48.10 -13.39 2.85
CA LYS C 169 -49.19 -14.33 2.48
C LYS C 169 -48.89 -15.80 2.80
N GLY C 170 -48.10 -16.03 3.85
CA GLY C 170 -47.79 -17.38 4.26
C GLY C 170 -46.81 -18.06 3.33
N GLY C 171 -46.72 -19.37 3.50
CA GLY C 171 -45.82 -20.17 2.69
C GLY C 171 -44.49 -20.35 3.37
N LEU C 172 -43.40 -20.06 2.64
CA LEU C 172 -42.02 -19.93 3.09
C LEU C 172 -41.38 -21.26 3.49
N SER C 173 -42.17 -22.33 3.60
CA SER C 173 -41.59 -23.65 3.66
C SER C 173 -41.31 -24.21 2.29
N PHE C 174 -42.02 -23.72 1.27
CA PHE C 174 -41.69 -24.09 -0.10
C PHE C 174 -40.36 -23.50 -0.53
N SER C 175 -39.98 -22.35 0.04
CA SER C 175 -38.67 -21.78 -0.22
C SER C 175 -37.56 -22.65 0.35
N LEU C 176 -37.79 -23.21 1.54
CA LEU C 176 -36.80 -24.10 2.14
C LEU C 176 -36.65 -25.38 1.35
N LEU C 177 -37.77 -25.95 0.87
CA LEU C 177 -37.69 -27.12 0.01
C LEU C 177 -37.02 -26.80 -1.30
N LEU C 178 -37.26 -25.62 -1.86
CA LEU C 178 -36.62 -25.25 -3.11
C LEU C 178 -35.11 -25.11 -2.94
N TRP C 179 -34.68 -24.50 -1.84
CA TRP C 179 -33.26 -24.37 -1.55
C TRP C 179 -32.61 -25.73 -1.32
N ALA C 180 -33.26 -26.58 -0.53
CA ALA C 180 -32.70 -27.89 -0.21
C ALA C 180 -32.64 -28.78 -1.44
N THR C 181 -33.67 -28.78 -2.28
CA THR C 181 -33.65 -29.60 -3.47
C THR C 181 -32.72 -29.07 -4.56
N LEU C 182 -32.52 -27.75 -4.63
CA LEU C 182 -31.53 -27.24 -5.59
C LEU C 182 -30.12 -27.64 -5.19
N ASN C 183 -29.81 -27.53 -3.89
CA ASN C 183 -28.54 -28.01 -3.39
C ASN C 183 -28.39 -29.52 -3.60
N ALA C 184 -29.45 -30.27 -3.32
CA ALA C 184 -29.40 -31.71 -3.45
C ALA C 184 -29.26 -32.14 -4.90
N ALA C 185 -29.90 -31.45 -5.83
CA ALA C 185 -29.81 -31.84 -7.24
C ALA C 185 -28.42 -31.60 -7.78
N PHE C 186 -27.83 -30.43 -7.48
CA PHE C 186 -26.49 -30.13 -7.99
C PHE C 186 -25.44 -31.07 -7.40
N VAL C 187 -25.52 -31.37 -6.11
CA VAL C 187 -24.53 -32.28 -5.54
C VAL C 187 -24.82 -33.73 -5.90
N LEU C 188 -26.08 -34.09 -6.21
CA LEU C 188 -26.35 -35.43 -6.73
C LEU C 188 -25.68 -35.63 -8.07
N VAL C 189 -25.73 -34.63 -8.95
CA VAL C 189 -25.00 -34.71 -10.21
C VAL C 189 -23.51 -34.79 -9.96
N GLY C 190 -23.00 -33.96 -9.04
CA GLY C 190 -21.56 -33.94 -8.77
C GLY C 190 -21.02 -35.23 -8.19
N SER C 191 -21.81 -35.91 -7.36
CA SER C 191 -21.33 -37.15 -6.74
C SER C 191 -21.58 -38.39 -7.57
N VAL C 192 -22.62 -38.43 -8.40
CA VAL C 192 -22.72 -39.52 -9.35
C VAL C 192 -21.58 -39.45 -10.37
N ILE C 193 -21.19 -38.23 -10.75
CA ILE C 193 -19.99 -38.05 -11.56
C ILE C 193 -18.74 -38.51 -10.83
N VAL C 194 -18.58 -38.14 -9.57
CA VAL C 194 -17.31 -38.40 -8.89
C VAL C 194 -17.25 -39.83 -8.36
N ALA C 195 -18.23 -40.24 -7.56
CA ALA C 195 -18.10 -41.47 -6.79
C ALA C 195 -18.31 -42.72 -7.62
N PHE C 196 -18.89 -42.61 -8.81
CA PHE C 196 -19.10 -43.77 -9.67
C PHE C 196 -18.01 -43.92 -10.71
N ILE C 197 -17.67 -42.83 -11.40
CA ILE C 197 -16.76 -42.92 -12.54
C ILE C 197 -15.32 -42.92 -12.09
N GLU C 198 -14.89 -41.86 -11.43
CA GLU C 198 -13.48 -41.63 -11.15
C GLU C 198 -13.36 -41.40 -9.65
N PRO C 199 -13.17 -42.45 -8.86
CA PRO C 199 -13.26 -42.31 -7.40
C PRO C 199 -12.09 -41.58 -6.77
N VAL C 200 -10.93 -41.51 -7.43
CA VAL C 200 -9.78 -40.81 -6.84
C VAL C 200 -9.86 -39.32 -7.11
N ALA C 201 -10.79 -38.88 -7.95
CA ALA C 201 -11.02 -37.46 -8.20
C ALA C 201 -11.66 -36.74 -7.02
N ALA C 202 -12.11 -37.46 -6.00
CA ALA C 202 -12.72 -36.86 -4.83
C ALA C 202 -11.69 -36.11 -4.00
N GLY C 203 -12.18 -35.18 -3.20
CA GLY C 203 -11.32 -34.37 -2.36
C GLY C 203 -10.58 -33.32 -3.16
N SER C 204 -9.70 -32.61 -2.46
CA SER C 204 -8.92 -31.59 -3.14
C SER C 204 -7.81 -32.19 -3.99
N GLY C 205 -7.33 -33.38 -3.65
CA GLY C 205 -6.24 -34.00 -4.38
C GLY C 205 -4.87 -33.47 -4.03
N ILE C 206 -4.79 -32.46 -3.18
CA ILE C 206 -3.48 -31.96 -2.73
C ILE C 206 -2.67 -33.00 -1.97
N PRO C 207 -3.24 -33.86 -1.10
CA PRO C 207 -2.41 -34.96 -0.56
C PRO C 207 -1.85 -35.90 -1.62
N GLN C 208 -2.62 -36.17 -2.67
CA GLN C 208 -2.14 -37.06 -3.72
C GLN C 208 -1.01 -36.41 -4.52
N ILE C 209 -1.10 -35.11 -4.78
CA ILE C 209 -0.05 -34.42 -5.51
C ILE C 209 1.19 -34.24 -4.63
N LYS C 210 0.99 -33.98 -3.34
CA LYS C 210 2.13 -33.85 -2.42
C LYS C 210 2.91 -35.14 -2.32
N CYS C 211 2.22 -36.28 -2.26
CA CYS C 211 2.94 -37.54 -2.27
C CYS C 211 3.39 -37.95 -3.66
N PHE C 212 2.79 -37.40 -4.71
CA PHE C 212 3.33 -37.58 -6.06
C PHE C 212 4.68 -36.90 -6.19
N LEU C 213 4.81 -35.68 -5.65
CA LEU C 213 6.08 -34.98 -5.70
C LEU C 213 7.10 -35.62 -4.77
N ASN C 214 6.66 -36.14 -3.62
CA ASN C 214 7.57 -36.82 -2.72
C ASN C 214 7.93 -38.23 -3.20
N GLY C 215 7.25 -38.76 -4.20
CA GLY C 215 7.74 -39.94 -4.88
C GLY C 215 6.75 -41.03 -5.20
N VAL C 216 5.79 -41.29 -4.32
CA VAL C 216 4.88 -42.42 -4.49
C VAL C 216 3.77 -42.02 -5.45
N LYS C 217 3.46 -42.92 -6.39
CA LYS C 217 2.54 -42.62 -7.49
C LYS C 217 1.22 -43.36 -7.25
N ILE C 218 0.22 -42.63 -6.78
CA ILE C 218 -1.13 -43.19 -6.69
C ILE C 218 -1.71 -43.30 -8.09
N PRO C 219 -2.37 -44.41 -8.45
CA PRO C 219 -2.85 -44.57 -9.82
C PRO C 219 -4.02 -43.64 -10.14
N HIS C 220 -4.33 -43.59 -11.44
CA HIS C 220 -5.43 -42.80 -12.03
C HIS C 220 -5.29 -41.32 -11.73
N VAL C 221 -4.07 -40.81 -11.84
CA VAL C 221 -3.81 -39.39 -11.96
C VAL C 221 -3.33 -39.04 -13.37
N VAL C 222 -2.97 -40.04 -14.18
CA VAL C 222 -2.37 -39.85 -15.49
C VAL C 222 -3.39 -39.76 -16.60
N ARG C 223 -4.67 -39.60 -16.26
CA ARG C 223 -5.73 -39.61 -17.25
C ARG C 223 -6.42 -38.25 -17.33
N LEU C 224 -6.80 -37.87 -18.56
CA LEU C 224 -7.58 -36.65 -18.80
C LEU C 224 -8.98 -36.74 -18.23
N LYS C 225 -9.48 -37.97 -18.03
CA LYS C 225 -10.79 -38.14 -17.40
C LYS C 225 -10.80 -37.57 -15.99
N THR C 226 -9.69 -37.71 -15.26
CA THR C 226 -9.61 -37.16 -13.92
C THR C 226 -9.70 -35.64 -13.93
N LEU C 227 -9.11 -35.00 -14.96
CA LEU C 227 -9.23 -33.56 -15.11
C LEU C 227 -10.67 -33.14 -15.35
N VAL C 228 -11.38 -33.86 -16.23
CA VAL C 228 -12.75 -33.50 -16.55
C VAL C 228 -13.67 -33.73 -15.36
N ILE C 229 -13.47 -34.82 -14.63
CA ILE C 229 -14.33 -35.11 -13.48
C ILE C 229 -14.09 -34.12 -12.36
N LYS C 230 -12.82 -33.72 -12.12
CA LYS C 230 -12.55 -32.77 -11.04
C LYS C 230 -13.03 -31.37 -11.37
N VAL C 231 -12.87 -30.94 -12.63
CA VAL C 231 -13.36 -29.61 -13.01
C VAL C 231 -14.89 -29.56 -12.96
N SER C 232 -15.55 -30.60 -13.48
CA SER C 232 -17.01 -30.64 -13.42
C SER C 232 -17.50 -30.80 -11.99
N GLY C 233 -16.78 -31.56 -11.16
CA GLY C 233 -17.19 -31.73 -9.78
C GLY C 233 -17.07 -30.46 -8.97
N VAL C 234 -16.01 -29.67 -9.20
CA VAL C 234 -15.87 -28.45 -8.42
C VAL C 234 -16.81 -27.36 -8.94
N ILE C 235 -17.21 -27.42 -10.20
CA ILE C 235 -18.29 -26.56 -10.66
C ILE C 235 -19.60 -26.95 -9.98
N LEU C 236 -19.89 -28.23 -9.92
CA LEU C 236 -21.16 -28.68 -9.37
C LEU C 236 -21.17 -28.76 -7.85
N SER C 237 -20.07 -28.42 -7.17
CA SER C 237 -20.07 -28.43 -5.71
C SER C 237 -20.12 -27.04 -5.09
N VAL C 238 -19.42 -26.06 -5.67
CA VAL C 238 -19.55 -24.69 -5.21
C VAL C 238 -20.95 -24.16 -5.52
N VAL C 239 -21.47 -24.50 -6.69
CA VAL C 239 -22.85 -24.19 -7.06
C VAL C 239 -23.81 -24.94 -6.16
N GLY C 240 -23.45 -26.16 -5.78
CA GLY C 240 -24.29 -27.02 -4.97
C GLY C 240 -24.51 -26.56 -3.54
N GLY C 241 -23.86 -25.50 -3.09
CA GLY C 241 -24.15 -24.96 -1.79
C GLY C 241 -23.40 -25.59 -0.64
N LEU C 242 -22.47 -26.50 -0.92
CA LEU C 242 -21.64 -27.04 0.15
C LEU C 242 -20.62 -26.01 0.60
N ALA C 243 -20.03 -26.26 1.77
CA ALA C 243 -18.94 -25.43 2.29
C ALA C 243 -17.65 -25.88 1.60
N VAL C 244 -17.47 -25.38 0.39
CA VAL C 244 -16.40 -25.78 -0.50
C VAL C 244 -15.74 -24.55 -1.10
N GLY C 245 -14.42 -24.50 -1.08
CA GLY C 245 -13.67 -23.55 -1.87
C GLY C 245 -13.23 -24.21 -3.17
N LYS C 246 -13.25 -23.42 -4.24
CA LYS C 246 -12.93 -23.96 -5.56
C LYS C 246 -11.45 -23.87 -5.91
N GLU C 247 -10.61 -23.29 -5.05
CA GLU C 247 -9.19 -23.24 -5.35
C GLU C 247 -8.37 -24.29 -4.63
N GLY C 248 -9.00 -25.19 -3.90
CA GLY C 248 -8.36 -26.42 -3.53
C GLY C 248 -7.96 -27.25 -4.73
N PRO C 249 -8.94 -27.79 -5.46
CA PRO C 249 -8.60 -28.71 -6.57
C PRO C 249 -8.03 -28.04 -7.81
N MET C 250 -7.79 -26.73 -7.78
CA MET C 250 -7.14 -26.09 -8.90
C MET C 250 -5.70 -26.56 -9.03
N ILE C 251 -5.07 -26.88 -7.89
CA ILE C 251 -3.72 -27.44 -7.89
C ILE C 251 -3.70 -28.81 -8.55
N HIS C 252 -4.67 -29.67 -8.21
CA HIS C 252 -4.72 -30.99 -8.82
C HIS C 252 -5.07 -30.91 -10.30
N SER C 253 -5.92 -29.95 -10.68
CA SER C 253 -6.25 -29.78 -12.09
C SER C 253 -5.04 -29.32 -12.89
N GLY C 254 -4.24 -28.41 -12.34
CA GLY C 254 -3.01 -28.02 -13.00
C GLY C 254 -2.01 -29.16 -13.08
N SER C 255 -1.99 -30.00 -12.05
CA SER C 255 -1.08 -31.14 -12.04
C SER C 255 -1.42 -32.14 -13.13
N VAL C 256 -2.70 -32.45 -13.31
CA VAL C 256 -3.03 -33.44 -14.32
C VAL C 256 -2.95 -32.85 -15.72
N ILE C 257 -3.10 -31.53 -15.87
CA ILE C 257 -2.85 -30.91 -17.16
C ILE C 257 -1.38 -31.06 -17.53
N ALA C 258 -0.49 -30.81 -16.57
CA ALA C 258 0.94 -30.92 -16.85
C ALA C 258 1.37 -32.34 -17.10
N ALA C 259 0.80 -33.30 -16.37
CA ALA C 259 1.14 -34.70 -16.62
C ALA C 259 0.60 -35.15 -17.98
N GLY C 260 -0.59 -34.70 -18.36
CA GLY C 260 -1.15 -35.09 -19.63
C GLY C 260 -0.49 -34.46 -20.83
N ILE C 261 0.21 -33.33 -20.64
CA ILE C 261 0.95 -32.74 -21.74
C ILE C 261 2.13 -33.63 -22.13
N SER C 262 2.78 -34.28 -21.16
CA SER C 262 3.98 -35.07 -21.40
C SER C 262 3.68 -36.55 -21.55
N GLN C 263 2.58 -36.90 -22.20
CA GLN C 263 2.22 -38.29 -22.43
C GLN C 263 1.67 -38.42 -23.85
N GLY C 264 1.06 -39.56 -24.13
CA GLY C 264 0.49 -39.82 -25.44
C GLY C 264 -1.03 -39.73 -25.45
N ARG C 265 -1.70 -40.88 -25.36
CA ARG C 265 -3.17 -40.92 -25.33
C ARG C 265 -3.66 -41.60 -24.06
N GLU C 277 11.17 -39.06 -27.48
CA GLU C 277 10.34 -38.04 -26.84
C GLU C 277 10.97 -37.56 -25.55
N TYR C 278 11.53 -38.52 -24.78
CA TYR C 278 12.20 -38.38 -23.49
C TYR C 278 11.52 -37.43 -22.51
N PHE C 279 10.19 -37.45 -22.47
CA PHE C 279 9.44 -36.72 -21.47
C PHE C 279 8.52 -37.63 -20.66
N ARG C 280 8.44 -38.91 -21.00
CA ARG C 280 7.74 -39.88 -20.18
C ARG C 280 8.61 -40.39 -19.04
N ARG C 281 9.84 -39.89 -18.96
CA ARG C 281 10.74 -40.27 -17.88
C ARG C 281 10.19 -39.72 -16.58
N ASP C 282 10.44 -40.43 -15.49
CA ASP C 282 9.95 -39.98 -14.19
C ASP C 282 10.72 -38.81 -13.62
N THR C 283 11.95 -38.57 -14.09
CA THR C 283 12.63 -37.34 -13.72
C THR C 283 12.03 -36.16 -14.47
N GLU C 284 11.70 -36.35 -15.75
CA GLU C 284 11.07 -35.29 -16.52
C GLU C 284 9.61 -35.08 -16.14
N LYS C 285 8.91 -36.16 -15.75
CA LYS C 285 7.49 -36.02 -15.43
C LYS C 285 7.28 -35.31 -14.10
N ARG C 286 8.14 -35.59 -13.12
CA ARG C 286 7.98 -34.99 -11.80
C ARG C 286 8.22 -33.49 -11.83
N ASP C 287 9.15 -33.05 -12.67
CA ASP C 287 9.43 -31.62 -12.77
C ASP C 287 8.30 -30.90 -13.48
N PHE C 288 7.69 -31.53 -14.48
CA PHE C 288 6.59 -30.91 -15.19
C PHE C 288 5.35 -30.83 -14.32
N VAL C 289 5.06 -31.87 -13.54
CA VAL C 289 3.92 -31.82 -12.65
C VAL C 289 4.19 -30.88 -11.48
N SER C 290 5.47 -30.64 -11.16
CA SER C 290 5.82 -29.59 -10.22
C SER C 290 5.45 -28.22 -10.78
N ALA C 291 5.74 -27.99 -12.06
CA ALA C 291 5.36 -26.74 -12.70
C ALA C 291 3.86 -26.60 -12.82
N GLY C 292 3.16 -27.70 -13.04
CA GLY C 292 1.71 -27.65 -13.10
C GLY C 292 1.06 -27.33 -11.77
N ALA C 293 1.61 -27.87 -10.69
CA ALA C 293 1.09 -27.56 -9.36
C ALA C 293 1.36 -26.11 -8.99
N ALA C 294 2.51 -25.58 -9.40
CA ALA C 294 2.79 -24.17 -9.16
C ALA C 294 1.87 -23.27 -9.96
N ALA C 295 1.55 -23.64 -11.19
CA ALA C 295 0.61 -22.87 -11.98
C ALA C 295 -0.79 -22.96 -11.41
N GLY C 296 -1.13 -24.08 -10.79
CA GLY C 296 -2.41 -24.18 -10.12
C GLY C 296 -2.52 -23.26 -8.92
N VAL C 297 -1.46 -23.16 -8.13
CA VAL C 297 -1.48 -22.27 -6.96
C VAL C 297 -1.52 -20.80 -7.41
N SER C 298 -0.79 -20.47 -8.47
CA SER C 298 -0.79 -19.09 -8.94
C SER C 298 -2.12 -18.69 -9.55
N ALA C 299 -2.74 -19.57 -10.32
CA ALA C 299 -4.07 -19.28 -10.84
C ALA C 299 -5.11 -19.28 -9.73
N ALA C 300 -4.86 -20.02 -8.65
CA ALA C 300 -5.81 -20.03 -7.55
C ALA C 300 -5.77 -18.73 -6.78
N PHE C 301 -4.65 -18.44 -6.13
CA PHE C 301 -4.58 -17.36 -5.17
C PHE C 301 -4.03 -16.07 -5.74
N GLY C 302 -3.71 -16.03 -7.02
CA GLY C 302 -3.07 -14.86 -7.56
C GLY C 302 -1.62 -14.73 -7.16
N ALA C 303 -0.98 -15.84 -6.83
CA ALA C 303 0.37 -15.82 -6.26
C ALA C 303 1.39 -16.54 -7.13
N PRO C 304 2.10 -15.83 -7.98
CA PRO C 304 3.15 -16.47 -8.77
C PRO C 304 4.32 -17.01 -7.96
N VAL C 305 4.93 -16.14 -7.16
CA VAL C 305 6.06 -16.55 -6.34
C VAL C 305 5.57 -17.45 -5.20
N GLY C 306 4.32 -17.29 -4.76
CA GLY C 306 3.75 -18.22 -3.82
C GLY C 306 3.58 -19.60 -4.41
N GLY C 307 3.25 -19.66 -5.69
CA GLY C 307 3.18 -20.95 -6.37
C GLY C 307 4.53 -21.61 -6.50
N VAL C 308 5.58 -20.80 -6.74
CA VAL C 308 6.94 -21.34 -6.82
C VAL C 308 7.34 -21.97 -5.50
N LEU C 309 7.17 -21.24 -4.40
CA LEU C 309 7.55 -21.80 -3.12
C LEU C 309 6.62 -22.90 -2.64
N PHE C 310 5.40 -23.00 -3.17
CA PHE C 310 4.62 -24.19 -2.86
C PHE C 310 5.20 -25.41 -3.56
N SER C 311 5.63 -25.25 -4.80
CA SER C 311 6.16 -26.40 -5.51
C SER C 311 7.52 -26.82 -4.98
N LEU C 312 8.28 -25.91 -4.38
CA LEU C 312 9.58 -26.28 -3.83
C LEU C 312 9.53 -26.84 -2.42
N GLU C 313 8.45 -26.66 -1.66
CA GLU C 313 8.40 -27.30 -0.34
C GLU C 313 8.25 -28.80 -0.41
N GLU C 314 7.71 -29.33 -1.50
CA GLU C 314 7.60 -30.76 -1.68
C GLU C 314 8.47 -31.20 -2.84
N GLY C 315 9.13 -32.35 -2.66
CA GLY C 315 9.97 -32.87 -3.73
C GLY C 315 11.18 -31.99 -3.98
N ALA C 316 11.71 -31.39 -2.91
CA ALA C 316 12.90 -30.57 -3.04
C ALA C 316 14.13 -31.46 -3.03
N SER C 317 14.24 -32.34 -4.03
CA SER C 317 15.37 -33.25 -4.10
C SER C 317 16.58 -32.60 -4.75
N PHE C 318 16.42 -31.35 -5.17
CA PHE C 318 17.52 -30.63 -5.82
C PHE C 318 17.23 -29.15 -5.88
N TRP C 319 18.24 -28.34 -6.17
CA TRP C 319 18.00 -26.91 -6.31
C TRP C 319 18.35 -26.51 -7.74
N ASN C 320 17.81 -27.25 -8.72
CA ASN C 320 18.12 -26.96 -10.12
C ASN C 320 17.60 -25.58 -10.49
N GLN C 321 18.54 -24.66 -10.76
CA GLN C 321 18.22 -23.25 -10.95
C GLN C 321 17.36 -23.04 -12.19
N PHE C 322 17.62 -23.81 -13.25
CA PHE C 322 16.77 -23.73 -14.41
C PHE C 322 15.40 -24.34 -14.19
N LEU C 323 15.25 -25.23 -13.21
CA LEU C 323 13.91 -25.75 -12.91
C LEU C 323 13.06 -24.71 -12.23
N THR C 324 13.66 -23.92 -11.33
CA THR C 324 12.91 -22.89 -10.63
C THR C 324 12.47 -21.77 -11.59
N TRP C 325 13.29 -21.47 -12.59
CA TRP C 325 12.87 -20.50 -13.59
C TRP C 325 11.77 -21.05 -14.48
N ARG C 326 11.80 -22.35 -14.78
CA ARG C 326 10.71 -22.96 -15.52
C ARG C 326 9.42 -22.91 -14.73
N ILE C 327 9.51 -23.17 -13.42
CA ILE C 327 8.36 -23.14 -12.54
C ILE C 327 7.79 -21.74 -12.44
N PHE C 328 8.65 -20.75 -12.30
CA PHE C 328 8.21 -19.36 -12.23
C PHE C 328 7.66 -18.86 -13.56
N PHE C 329 8.20 -19.38 -14.67
CA PHE C 329 7.68 -19.00 -15.98
C PHE C 329 6.26 -19.50 -16.17
N ALA C 330 6.01 -20.77 -15.84
CA ALA C 330 4.67 -21.32 -15.93
C ALA C 330 3.72 -20.64 -14.95
N SER C 331 4.24 -20.29 -13.77
CA SER C 331 3.43 -19.67 -12.74
C SER C 331 2.96 -18.28 -13.14
N MET C 332 3.89 -17.44 -13.58
CA MET C 332 3.55 -16.08 -13.96
C MET C 332 2.69 -16.04 -15.22
N ILE C 333 2.95 -16.95 -16.16
CA ILE C 333 2.13 -16.96 -17.36
C ILE C 333 0.74 -17.50 -17.08
N SER C 334 0.57 -18.29 -16.02
CA SER C 334 -0.78 -18.72 -15.65
C SER C 334 -1.57 -17.59 -15.02
N THR C 335 -0.94 -16.79 -14.17
CA THR C 335 -1.66 -15.66 -13.57
C THR C 335 -2.02 -14.62 -14.61
N PHE C 336 -1.11 -14.35 -15.55
CA PHE C 336 -1.41 -13.37 -16.59
C PHE C 336 -2.46 -13.89 -17.58
N THR C 337 -2.50 -15.20 -17.82
CA THR C 337 -3.56 -15.77 -18.65
C THR C 337 -4.92 -15.62 -18.00
N LEU C 338 -5.00 -15.86 -16.69
CA LEU C 338 -6.27 -15.69 -15.99
C LEU C 338 -6.71 -14.24 -15.95
N ASN C 339 -5.77 -13.30 -15.79
CA ASN C 339 -6.07 -11.87 -15.94
C ASN C 339 -6.67 -11.55 -17.29
N PHE C 340 -6.04 -12.01 -18.36
CA PHE C 340 -6.47 -11.61 -19.69
C PHE C 340 -7.85 -12.16 -20.03
N VAL C 341 -8.11 -13.43 -19.70
CA VAL C 341 -9.41 -13.97 -20.08
C VAL C 341 -10.50 -13.49 -19.14
N LEU C 342 -10.23 -13.28 -17.85
CA LEU C 342 -11.27 -12.76 -16.99
C LEU C 342 -11.56 -11.30 -17.27
N SER C 343 -10.56 -10.52 -17.69
CA SER C 343 -10.83 -9.13 -18.01
C SER C 343 -11.54 -8.98 -19.34
N ILE C 344 -11.28 -9.85 -20.32
CA ILE C 344 -12.07 -9.77 -21.53
C ILE C 344 -13.48 -10.31 -21.29
N TYR C 345 -13.67 -11.17 -20.27
CA TYR C 345 -15.01 -11.49 -19.83
C TYR C 345 -15.68 -10.30 -19.16
N HIS C 346 -14.91 -9.49 -18.45
CA HIS C 346 -15.43 -8.23 -17.93
C HIS C 346 -15.37 -7.19 -19.05
N GLY C 347 -15.54 -5.92 -18.69
CA GLY C 347 -15.58 -4.87 -19.69
C GLY C 347 -14.27 -4.59 -20.38
N ASN C 348 -13.24 -4.23 -19.62
CA ASN C 348 -12.01 -3.71 -20.18
C ASN C 348 -11.04 -4.84 -20.48
N MET C 349 -10.57 -4.90 -21.72
CA MET C 349 -9.48 -5.81 -22.06
C MET C 349 -8.16 -5.33 -21.47
N TRP C 350 -8.02 -4.02 -21.29
CA TRP C 350 -6.77 -3.42 -20.83
C TRP C 350 -6.67 -3.34 -19.32
N ASP C 351 -7.65 -3.84 -18.57
CA ASP C 351 -7.67 -3.61 -17.12
C ASP C 351 -6.70 -4.53 -16.40
N LEU C 352 -6.96 -5.84 -16.46
CA LEU C 352 -6.25 -6.88 -15.71
C LEU C 352 -6.29 -6.61 -14.21
N SER C 353 -7.50 -6.65 -13.66
CA SER C 353 -7.70 -6.34 -12.26
C SER C 353 -8.35 -7.51 -11.53
N SER C 354 -7.93 -8.73 -11.86
CA SER C 354 -8.41 -9.92 -11.16
C SER C 354 -7.33 -10.99 -11.24
N PRO C 355 -6.32 -10.93 -10.36
CA PRO C 355 -5.18 -11.84 -10.47
C PRO C 355 -5.48 -13.28 -10.12
N GLY C 356 -6.60 -13.57 -9.47
CA GLY C 356 -6.86 -14.94 -9.08
C GLY C 356 -8.33 -15.16 -8.81
N LEU C 357 -8.65 -16.43 -8.51
CA LEU C 357 -10.01 -16.78 -8.15
C LEU C 357 -10.42 -16.20 -6.79
N ILE C 358 -9.47 -15.85 -5.94
CA ILE C 358 -9.73 -15.05 -4.76
C ILE C 358 -8.74 -13.91 -4.72
N ASN C 359 -9.23 -12.69 -4.47
CA ASN C 359 -8.37 -11.51 -4.43
C ASN C 359 -8.85 -10.49 -3.39
N PHE C 360 -8.48 -10.75 -2.15
CA PHE C 360 -8.81 -9.87 -1.02
C PHE C 360 -7.80 -8.75 -0.85
N GLY C 361 -7.68 -7.94 -1.89
CA GLY C 361 -6.57 -7.01 -2.00
C GLY C 361 -6.74 -5.73 -1.23
N ARG C 362 -5.75 -4.85 -1.39
CA ARG C 362 -5.72 -3.47 -0.91
C ARG C 362 -5.79 -3.39 0.62
N PHE C 363 -4.71 -3.86 1.24
CA PHE C 363 -4.45 -3.62 2.67
C PHE C 363 -3.53 -2.45 2.89
N ASP C 364 -3.66 -1.35 2.16
CA ASP C 364 -2.73 -0.26 2.39
C ASP C 364 -3.43 1.03 2.79
N SER C 365 -4.36 0.92 3.72
CA SER C 365 -4.95 2.05 4.42
C SER C 365 -4.12 2.31 5.67
N GLU C 366 -4.67 3.04 6.65
CA GLU C 366 -4.06 3.12 7.96
C GLU C 366 -4.28 1.85 8.79
N LYS C 367 -5.10 0.92 8.31
CA LYS C 367 -5.29 -0.40 8.89
C LYS C 367 -4.19 -1.39 8.48
N MET C 368 -3.08 -0.93 7.91
CA MET C 368 -1.98 -1.81 7.54
C MET C 368 -1.00 -2.02 8.68
N ALA C 369 -1.09 -1.23 9.73
CA ALA C 369 -0.01 -1.15 10.70
C ALA C 369 -0.07 -2.32 11.66
N TYR C 370 1.03 -3.04 11.77
CA TYR C 370 1.25 -3.97 12.86
C TYR C 370 2.33 -3.38 13.76
N THR C 371 2.14 -3.53 15.06
CA THR C 371 2.81 -2.69 16.03
C THR C 371 3.28 -3.59 17.18
N ILE C 372 4.22 -3.10 17.99
CA ILE C 372 4.71 -3.83 19.15
C ILE C 372 3.66 -4.17 20.19
N HIS C 373 2.51 -3.49 20.18
CA HIS C 373 1.39 -3.91 21.03
C HIS C 373 0.81 -5.25 20.60
N GLU C 374 1.04 -5.66 19.35
CA GLU C 374 0.23 -6.71 18.74
C GLU C 374 0.98 -8.00 18.45
N ILE C 375 2.30 -8.03 18.58
CA ILE C 375 3.06 -9.26 18.29
C ILE C 375 2.73 -10.39 19.26
N PRO C 376 2.66 -10.20 20.59
CA PRO C 376 2.13 -11.30 21.42
C PRO C 376 0.66 -11.58 21.20
N VAL C 377 -0.12 -10.60 20.74
CA VAL C 377 -1.51 -10.86 20.39
C VAL C 377 -1.58 -11.78 19.18
N PHE C 378 -0.68 -11.60 18.22
CA PHE C 378 -0.64 -12.49 17.07
C PHE C 378 -0.16 -13.88 17.44
N ILE C 379 0.77 -13.99 18.39
CA ILE C 379 1.21 -15.30 18.86
C ILE C 379 0.08 -16.03 19.56
N ALA C 380 -0.71 -15.31 20.37
CA ALA C 380 -1.86 -15.91 21.01
C ALA C 380 -2.93 -16.31 20.02
N MET C 381 -3.13 -15.50 18.98
CA MET C 381 -4.11 -15.86 17.96
C MET C 381 -3.64 -17.04 17.14
N GLY C 382 -2.34 -17.18 16.95
CA GLY C 382 -1.82 -18.40 16.36
C GLY C 382 -2.04 -19.62 17.24
N VAL C 383 -1.97 -19.44 18.55
CA VAL C 383 -2.24 -20.54 19.47
C VAL C 383 -3.70 -20.99 19.35
N VAL C 384 -4.62 -20.04 19.30
CA VAL C 384 -6.05 -20.36 19.16
C VAL C 384 -6.34 -20.99 17.81
N GLY C 385 -5.66 -20.52 16.76
CA GLY C 385 -5.82 -21.14 15.46
C GLY C 385 -5.28 -22.56 15.42
N GLY C 386 -4.17 -22.82 16.11
CA GLY C 386 -3.63 -24.16 16.17
C GLY C 386 -4.52 -25.11 16.95
N VAL C 387 -5.13 -24.61 18.04
CA VAL C 387 -6.03 -25.43 18.83
C VAL C 387 -7.28 -25.79 18.04
N LEU C 388 -7.87 -24.79 17.38
CA LEU C 388 -9.08 -25.05 16.59
C LEU C 388 -8.77 -25.87 15.34
N GLY C 389 -7.56 -25.74 14.80
CA GLY C 389 -7.16 -26.62 13.71
C GLY C 389 -7.00 -28.06 14.16
N ALA C 390 -6.52 -28.26 15.39
CA ALA C 390 -6.44 -29.61 15.93
C ALA C 390 -7.83 -30.19 16.16
N VAL C 391 -8.77 -29.35 16.59
CA VAL C 391 -10.15 -29.80 16.77
C VAL C 391 -10.77 -30.19 15.44
N PHE C 392 -10.54 -29.37 14.41
CA PHE C 392 -11.02 -29.66 13.05
C PHE C 392 -10.45 -30.96 12.53
N ASN C 393 -9.14 -31.15 12.67
CA ASN C 393 -8.50 -32.34 12.14
C ASN C 393 -8.93 -33.58 12.90
N ALA C 394 -9.12 -33.47 14.21
CA ALA C 394 -9.50 -34.64 15.00
C ALA C 394 -10.92 -35.08 14.70
N LEU C 395 -11.85 -34.13 14.63
CA LEU C 395 -13.24 -34.46 14.32
C LEU C 395 -13.37 -34.99 12.91
N ASN C 396 -12.61 -34.43 11.96
CA ASN C 396 -12.65 -34.99 10.62
C ASN C 396 -11.96 -36.34 10.55
N TYR C 397 -11.01 -36.61 11.45
CA TYR C 397 -10.34 -37.91 11.45
C TYR C 397 -11.30 -39.00 11.91
N TRP C 398 -12.04 -38.75 12.99
CA TRP C 398 -13.02 -39.73 13.44
C TRP C 398 -14.12 -39.90 12.42
N LEU C 399 -14.55 -38.81 11.79
CA LEU C 399 -15.58 -38.87 10.76
C LEU C 399 -15.10 -39.65 9.55
N THR C 400 -13.86 -39.45 9.12
CA THR C 400 -13.42 -40.15 7.93
C THR C 400 -13.09 -41.61 8.21
N MET C 401 -12.74 -41.98 9.45
CA MET C 401 -12.61 -43.40 9.70
C MET C 401 -13.96 -44.08 9.81
N PHE C 402 -14.99 -43.35 10.24
CA PHE C 402 -16.35 -43.87 10.12
C PHE C 402 -16.73 -44.09 8.67
N ARG C 403 -16.31 -43.17 7.78
CA ARG C 403 -16.64 -43.33 6.38
C ARG C 403 -15.84 -44.45 5.72
N ILE C 404 -14.60 -44.68 6.14
CA ILE C 404 -13.87 -45.85 5.65
C ILE C 404 -14.52 -47.14 6.13
N ARG C 405 -14.97 -47.16 7.39
CA ARG C 405 -15.48 -48.39 7.98
C ARG C 405 -16.82 -48.81 7.38
N TYR C 406 -17.76 -47.88 7.26
CA TYR C 406 -19.13 -48.24 6.94
C TYR C 406 -19.63 -47.66 5.62
N ILE C 407 -19.52 -46.36 5.43
CA ILE C 407 -20.12 -45.71 4.25
C ILE C 407 -19.05 -45.74 3.16
N HIS C 408 -18.95 -46.89 2.50
CA HIS C 408 -17.91 -47.08 1.49
C HIS C 408 -18.42 -47.54 0.14
N ARG C 409 -19.66 -48.03 0.04
CA ARG C 409 -20.22 -48.32 -1.26
C ARG C 409 -20.52 -47.01 -1.98
N PRO C 410 -20.38 -46.99 -3.32
CA PRO C 410 -20.61 -45.74 -4.07
C PRO C 410 -22.01 -45.18 -3.96
N CYS C 411 -23.03 -46.03 -3.88
CA CYS C 411 -24.40 -45.53 -3.76
C CYS C 411 -24.62 -44.85 -2.42
N LEU C 412 -24.06 -45.40 -1.34
CA LEU C 412 -24.16 -44.74 -0.04
C LEU C 412 -23.40 -43.43 -0.01
N GLN C 413 -22.29 -43.32 -0.75
CA GLN C 413 -21.56 -42.07 -0.81
C GLN C 413 -22.38 -40.99 -1.52
N VAL C 414 -23.08 -41.36 -2.59
CA VAL C 414 -23.93 -40.40 -3.30
C VAL C 414 -25.07 -39.91 -2.41
N ILE C 415 -25.73 -40.84 -1.70
CA ILE C 415 -26.81 -40.46 -0.79
C ILE C 415 -26.29 -39.57 0.34
N GLU C 416 -25.08 -39.85 0.83
CA GLU C 416 -24.56 -39.05 1.95
C GLU C 416 -24.23 -37.63 1.51
N ALA C 417 -23.74 -37.46 0.28
CA ALA C 417 -23.49 -36.12 -0.23
C ALA C 417 -24.78 -35.35 -0.47
N VAL C 418 -25.83 -36.04 -0.92
CA VAL C 418 -27.14 -35.40 -1.10
C VAL C 418 -27.70 -34.90 0.23
N LEU C 419 -27.67 -35.74 1.28
CA LEU C 419 -28.13 -35.28 2.58
C LEU C 419 -27.29 -34.19 3.19
N VAL C 420 -25.97 -34.18 2.98
CA VAL C 420 -25.22 -33.11 3.63
C VAL C 420 -25.41 -31.78 2.88
N ALA C 421 -25.69 -31.82 1.57
CA ALA C 421 -26.04 -30.60 0.88
C ALA C 421 -27.41 -30.09 1.31
N ALA C 422 -28.36 -31.00 1.51
CA ALA C 422 -29.67 -30.60 2.00
C ALA C 422 -29.59 -30.05 3.42
N VAL C 423 -28.69 -30.60 4.23
CA VAL C 423 -28.59 -30.12 5.61
C VAL C 423 -27.90 -28.77 5.68
N THR C 424 -26.86 -28.52 4.87
CA THR C 424 -26.27 -27.19 4.91
C THR C 424 -27.20 -26.13 4.34
N ALA C 425 -28.06 -26.51 3.37
CA ALA C 425 -29.08 -25.59 2.92
C ALA C 425 -30.10 -25.31 4.02
N THR C 426 -30.57 -26.34 4.72
CA THR C 426 -31.60 -26.07 5.70
C THR C 426 -31.07 -25.46 6.99
N VAL C 427 -29.79 -25.65 7.33
CA VAL C 427 -29.32 -24.98 8.53
C VAL C 427 -28.96 -23.54 8.20
N ALA C 428 -28.62 -23.26 6.94
CA ALA C 428 -28.52 -21.88 6.51
C ALA C 428 -29.88 -21.19 6.57
N PHE C 429 -30.93 -21.89 6.18
CA PHE C 429 -32.26 -21.28 6.20
C PHE C 429 -32.83 -21.14 7.60
N VAL C 430 -32.51 -22.05 8.51
CA VAL C 430 -32.94 -21.88 9.90
C VAL C 430 -32.21 -20.70 10.54
N LEU C 431 -30.92 -20.54 10.26
CA LEU C 431 -30.20 -19.39 10.80
C LEU C 431 -30.66 -18.07 10.19
N ILE C 432 -31.03 -18.07 8.91
CA ILE C 432 -31.55 -16.85 8.29
C ILE C 432 -32.91 -16.51 8.86
N TYR C 433 -33.79 -17.51 8.98
CA TYR C 433 -35.17 -17.29 9.40
C TYR C 433 -35.27 -16.83 10.85
N SER C 434 -34.34 -17.24 11.70
CA SER C 434 -34.41 -16.96 13.12
C SER C 434 -33.41 -15.88 13.54
N SER C 435 -33.18 -14.89 12.70
CA SER C 435 -32.25 -13.81 13.00
C SER C 435 -32.96 -12.48 12.96
N ARG C 436 -32.51 -11.56 13.80
CA ARG C 436 -33.15 -10.26 13.95
C ARG C 436 -32.23 -9.09 13.67
N ASP C 437 -30.95 -9.31 13.41
CA ASP C 437 -30.09 -8.20 13.01
C ASP C 437 -30.43 -7.79 11.59
N CYS C 438 -30.81 -6.53 11.42
CA CYS C 438 -31.15 -5.97 10.13
C CYS C 438 -30.32 -4.72 9.91
N GLN C 439 -29.60 -4.66 8.81
CA GLN C 439 -28.84 -3.48 8.49
C GLN C 439 -29.14 -3.04 7.07
N PRO C 440 -29.14 -1.74 6.80
CA PRO C 440 -29.42 -1.26 5.45
C PRO C 440 -28.27 -1.56 4.50
N LEU C 441 -28.59 -1.56 3.21
CA LEU C 441 -27.62 -1.92 2.18
C LEU C 441 -26.60 -0.80 2.00
N GLN C 442 -25.38 -1.03 2.43
CA GLN C 442 -24.26 -0.29 1.89
C GLN C 442 -23.92 -0.86 0.52
N GLY C 443 -23.36 -0.01 -0.34
CA GLY C 443 -23.33 -0.18 -1.79
C GLY C 443 -22.95 -1.51 -2.42
N GLY C 444 -22.13 -2.32 -1.73
CA GLY C 444 -21.77 -3.60 -2.30
C GLY C 444 -21.57 -4.71 -1.29
N SER C 445 -22.11 -4.53 -0.08
CA SER C 445 -21.91 -5.54 0.96
C SER C 445 -22.71 -6.80 0.71
N MET C 446 -23.86 -6.68 0.05
CA MET C 446 -24.78 -7.79 -0.14
C MET C 446 -24.97 -8.01 -1.63
N SER C 447 -24.68 -9.23 -2.10
CA SER C 447 -24.79 -9.50 -3.53
C SER C 447 -26.24 -9.70 -3.94
N TYR C 448 -26.96 -10.55 -3.23
CA TYR C 448 -28.37 -10.84 -3.51
C TYR C 448 -29.11 -10.64 -2.20
N PRO C 449 -29.37 -9.39 -1.82
CA PRO C 449 -29.96 -9.14 -0.51
C PRO C 449 -31.42 -9.51 -0.48
N LEU C 450 -31.85 -10.06 0.63
CA LEU C 450 -33.27 -10.34 0.85
C LEU C 450 -33.67 -9.76 2.18
N GLN C 451 -34.80 -9.08 2.22
CA GLN C 451 -35.43 -8.70 3.46
C GLN C 451 -36.42 -9.81 3.84
N LEU C 452 -36.07 -10.56 4.88
CA LEU C 452 -37.00 -11.62 5.29
C LEU C 452 -38.06 -11.05 6.22
N PHE C 453 -37.67 -10.63 7.41
CA PHE C 453 -38.60 -10.10 8.39
C PHE C 453 -38.22 -8.72 8.86
N CYS C 454 -37.24 -8.09 8.20
CA CYS C 454 -36.84 -6.75 8.57
C CYS C 454 -37.85 -5.74 8.07
N ALA C 455 -37.66 -4.48 8.43
CA ALA C 455 -38.49 -3.42 7.91
C ALA C 455 -38.17 -3.19 6.42
N ASP C 456 -39.03 -2.44 5.76
CA ASP C 456 -38.79 -2.09 4.36
C ASP C 456 -37.57 -1.19 4.27
N GLY C 457 -36.74 -1.43 3.27
CA GLY C 457 -35.54 -0.66 3.09
C GLY C 457 -34.35 -1.12 3.92
N GLU C 458 -34.55 -2.03 4.86
CA GLU C 458 -33.47 -2.66 5.59
C GLU C 458 -33.44 -4.13 5.23
N TYR C 459 -32.25 -4.65 4.98
CA TYR C 459 -32.10 -6.01 4.50
C TYR C 459 -31.51 -6.89 5.58
N ASN C 460 -31.70 -8.19 5.42
CA ASN C 460 -31.21 -9.16 6.41
C ASN C 460 -29.70 -9.23 6.36
N SER C 461 -29.11 -9.54 7.52
CA SER C 461 -27.67 -9.56 7.67
C SER C 461 -27.07 -10.94 7.73
N MET C 462 -27.75 -11.89 8.35
CA MET C 462 -27.27 -13.27 8.34
C MET C 462 -27.39 -13.86 6.95
N ALA C 463 -28.38 -13.41 6.17
CA ALA C 463 -28.49 -13.86 4.79
C ALA C 463 -27.41 -13.29 3.89
N ALA C 464 -26.62 -12.32 4.36
CA ALA C 464 -25.47 -11.86 3.60
C ALA C 464 -24.28 -12.79 3.74
N ALA C 465 -24.30 -13.71 4.69
CA ALA C 465 -23.18 -14.62 4.90
C ALA C 465 -23.38 -15.97 4.24
N PHE C 466 -24.61 -16.38 3.97
CA PHE C 466 -24.87 -17.65 3.29
C PHE C 466 -25.23 -17.47 1.83
N PHE C 467 -25.47 -16.24 1.37
CA PHE C 467 -25.73 -15.99 -0.04
C PHE C 467 -24.54 -15.43 -0.78
N ASN C 468 -23.65 -14.74 -0.10
CA ASN C 468 -22.38 -14.37 -0.70
C ASN C 468 -21.57 -15.63 -0.98
N THR C 469 -20.77 -15.57 -2.04
CA THR C 469 -19.79 -16.62 -2.24
C THR C 469 -18.73 -16.52 -1.15
N PRO C 470 -18.13 -17.64 -0.74
CA PRO C 470 -17.09 -17.59 0.31
C PRO C 470 -15.86 -16.81 -0.08
N GLU C 471 -15.63 -16.56 -1.36
CA GLU C 471 -14.55 -15.70 -1.78
C GLU C 471 -14.87 -14.23 -1.62
N LYS C 472 -16.11 -13.88 -1.30
CA LYS C 472 -16.48 -12.49 -1.05
C LYS C 472 -16.81 -12.21 0.40
N SER C 473 -17.23 -13.21 1.15
CA SER C 473 -17.44 -13.00 2.57
C SER C 473 -16.12 -12.82 3.30
N VAL C 474 -15.04 -13.39 2.75
CA VAL C 474 -13.72 -13.22 3.33
C VAL C 474 -13.23 -11.79 3.10
N VAL C 475 -13.43 -11.27 1.89
CA VAL C 475 -13.02 -9.91 1.55
C VAL C 475 -13.81 -8.89 2.38
N SER C 476 -15.10 -9.15 2.57
CA SER C 476 -15.92 -8.29 3.41
C SER C 476 -15.45 -8.30 4.85
N LEU C 477 -15.05 -9.47 5.35
CA LEU C 477 -14.53 -9.54 6.71
C LEU C 477 -13.18 -8.87 6.84
N PHE C 478 -12.43 -8.77 5.75
CA PHE C 478 -11.15 -8.09 5.82
C PHE C 478 -11.30 -6.58 5.72
N HIS C 479 -12.38 -6.10 5.10
CA HIS C 479 -12.48 -4.70 4.68
C HIS C 479 -13.60 -3.87 5.25
N ASP C 480 -14.60 -4.46 5.89
CA ASP C 480 -15.69 -3.63 6.40
C ASP C 480 -15.21 -2.80 7.59
N PRO C 481 -15.61 -1.53 7.67
CA PRO C 481 -15.18 -0.70 8.79
C PRO C 481 -15.80 -1.20 10.08
N PRO C 482 -15.18 -0.92 11.24
CA PRO C 482 -15.59 -1.57 12.48
C PRO C 482 -16.98 -1.18 12.94
N GLY C 483 -17.63 -2.13 13.63
CA GLY C 483 -19.02 -1.96 13.98
C GLY C 483 -19.99 -2.33 12.90
N SER C 484 -19.53 -3.02 11.85
CA SER C 484 -20.41 -3.45 10.78
C SER C 484 -20.85 -4.90 10.90
N TYR C 485 -20.49 -5.58 11.98
CA TYR C 485 -20.83 -6.98 12.16
C TYR C 485 -21.32 -7.21 13.58
N ASN C 486 -22.45 -7.89 13.71
CA ASN C 486 -22.91 -8.28 15.03
C ASN C 486 -22.05 -9.42 15.56
N PRO C 487 -21.62 -9.35 16.81
CA PRO C 487 -20.94 -10.51 17.41
C PRO C 487 -21.80 -11.74 17.51
N LEU C 488 -23.11 -11.59 17.71
CA LEU C 488 -23.97 -12.77 17.84
C LEU C 488 -24.18 -13.42 16.47
N THR C 489 -24.42 -12.62 15.44
CA THR C 489 -24.62 -13.15 14.10
C THR C 489 -23.35 -13.81 13.57
N LEU C 490 -22.21 -13.15 13.74
CA LEU C 490 -20.95 -13.71 13.28
C LEU C 490 -20.53 -14.92 14.09
N GLY C 491 -20.84 -14.94 15.39
CA GLY C 491 -20.51 -16.10 16.20
C GLY C 491 -21.33 -17.32 15.81
N LEU C 492 -22.62 -17.14 15.56
CA LEU C 492 -23.46 -18.24 15.12
C LEU C 492 -23.03 -18.75 13.76
N PHE C 493 -22.70 -17.83 12.85
CA PHE C 493 -22.23 -18.23 11.53
C PHE C 493 -20.90 -18.97 11.62
N THR C 494 -20.02 -18.54 12.54
CA THR C 494 -18.72 -19.19 12.70
C THR C 494 -18.87 -20.61 13.19
N LEU C 495 -19.71 -20.81 14.20
CA LEU C 495 -19.89 -22.13 14.81
C LEU C 495 -20.52 -23.10 13.82
N VAL C 496 -21.57 -22.66 13.11
CA VAL C 496 -22.24 -23.55 12.18
C VAL C 496 -21.36 -23.84 10.96
N TYR C 497 -20.65 -22.82 10.45
CA TYR C 497 -19.78 -23.06 9.30
C TYR C 497 -18.57 -23.90 9.66
N PHE C 498 -18.10 -23.84 10.90
CA PHE C 498 -17.01 -24.70 11.34
C PHE C 498 -17.42 -26.14 11.29
N PHE C 499 -18.56 -26.48 11.90
CA PHE C 499 -19.00 -27.87 11.88
C PHE C 499 -19.45 -28.31 10.50
N LEU C 500 -19.95 -27.39 9.69
CA LEU C 500 -20.35 -27.76 8.34
C LEU C 500 -19.15 -28.05 7.45
N ALA C 501 -18.10 -27.24 7.54
CA ALA C 501 -16.92 -27.48 6.73
C ALA C 501 -16.20 -28.74 7.17
N CYS C 502 -16.17 -29.00 8.48
CA CYS C 502 -15.58 -30.22 9.01
C CYS C 502 -16.35 -31.45 8.55
N TRP C 503 -17.66 -31.34 8.45
CA TRP C 503 -18.44 -32.46 7.96
C TRP C 503 -18.30 -32.62 6.45
N THR C 504 -18.27 -31.52 5.71
CA THR C 504 -18.33 -31.58 4.26
C THR C 504 -16.99 -31.97 3.64
N TYR C 505 -15.88 -31.81 4.35
CA TYR C 505 -14.57 -32.03 3.72
C TYR C 505 -14.30 -33.47 3.32
N GLY C 506 -14.49 -34.42 4.22
CA GLY C 506 -14.17 -35.79 3.88
C GLY C 506 -15.22 -36.49 3.07
N LEU C 507 -15.60 -35.93 1.92
CA LEU C 507 -16.68 -36.46 1.11
C LEU C 507 -16.17 -36.92 -0.23
N THR C 508 -17.08 -37.52 -1.00
CA THR C 508 -16.79 -37.91 -2.38
C THR C 508 -17.25 -36.86 -3.37
N VAL C 509 -16.81 -35.62 -3.18
CA VAL C 509 -16.98 -34.55 -4.15
C VAL C 509 -15.61 -33.93 -4.39
N SER C 510 -15.50 -33.20 -5.48
CA SER C 510 -14.27 -32.47 -5.79
C SER C 510 -14.31 -31.15 -5.04
N ALA C 511 -13.49 -31.02 -4.01
CA ALA C 511 -13.75 -29.98 -3.03
C ALA C 511 -12.46 -29.57 -2.34
N GLY C 512 -12.22 -28.26 -2.27
CA GLY C 512 -11.12 -27.75 -1.50
C GLY C 512 -11.43 -27.69 -0.03
N VAL C 513 -10.44 -27.25 0.75
CA VAL C 513 -10.68 -27.00 2.17
C VAL C 513 -10.01 -25.67 2.52
N PHE C 514 -9.51 -24.97 1.50
CA PHE C 514 -8.85 -23.69 1.75
C PHE C 514 -9.84 -22.63 2.21
N ILE C 515 -10.79 -22.27 1.36
CA ILE C 515 -11.68 -21.14 1.64
C ILE C 515 -12.66 -21.43 2.78
N PRO C 516 -13.13 -22.67 3.00
CA PRO C 516 -13.70 -22.98 4.32
C PRO C 516 -12.81 -22.64 5.49
N SER C 517 -11.53 -23.02 5.46
CA SER C 517 -10.62 -22.69 6.56
C SER C 517 -10.39 -21.19 6.66
N LEU C 518 -10.30 -20.53 5.51
CA LEU C 518 -10.02 -19.11 5.48
C LEU C 518 -11.22 -18.30 5.96
N LEU C 519 -12.43 -18.77 5.67
CA LEU C 519 -13.61 -18.06 6.14
C LEU C 519 -13.85 -18.30 7.63
N ILE C 520 -13.57 -19.52 8.12
CA ILE C 520 -13.65 -19.77 9.56
C ILE C 520 -12.68 -18.88 10.31
N GLY C 521 -11.44 -18.80 9.80
CA GLY C 521 -10.44 -17.98 10.46
C GLY C 521 -10.70 -16.49 10.38
N ALA C 522 -11.23 -16.02 9.25
CA ALA C 522 -11.58 -14.62 9.14
C ALA C 522 -12.74 -14.29 10.07
N ALA C 523 -13.67 -15.22 10.24
CA ALA C 523 -14.83 -14.96 11.08
C ALA C 523 -14.45 -14.89 12.56
N TRP C 524 -13.70 -15.87 13.07
CA TRP C 524 -13.32 -15.73 14.47
C TRP C 524 -12.21 -14.71 14.66
N GLY C 525 -11.43 -14.39 13.63
CA GLY C 525 -10.48 -13.30 13.75
C GLY C 525 -11.17 -11.95 13.86
N ARG C 526 -12.28 -11.79 13.14
CA ARG C 526 -13.07 -10.57 13.28
C ARG C 526 -13.75 -10.51 14.65
N LEU C 527 -14.16 -11.66 15.19
CA LEU C 527 -14.69 -11.68 16.54
C LEU C 527 -13.63 -11.29 17.56
N PHE C 528 -12.40 -11.73 17.35
CA PHE C 528 -11.29 -11.29 18.19
C PHE C 528 -11.05 -9.79 18.05
N GLY C 529 -11.19 -9.27 16.84
CA GLY C 529 -11.00 -7.84 16.64
C GLY C 529 -12.08 -7.01 17.31
N ILE C 530 -13.32 -7.49 17.29
CA ILE C 530 -14.40 -6.80 17.98
C ILE C 530 -14.19 -6.87 19.49
N SER C 531 -13.70 -8.00 19.99
CA SER C 531 -13.40 -8.11 21.42
C SER C 531 -12.28 -7.17 21.85
N LEU C 532 -11.23 -7.05 21.04
CA LEU C 532 -10.16 -6.10 21.36
C LEU C 532 -10.60 -4.66 21.20
N SER C 533 -11.54 -4.40 20.29
CA SER C 533 -12.09 -3.06 20.17
C SER C 533 -13.03 -2.73 21.32
N TYR C 534 -13.58 -3.73 21.99
CA TYR C 534 -14.43 -3.45 23.13
C TYR C 534 -13.64 -3.31 24.42
N LEU C 535 -12.61 -4.15 24.61
CA LEU C 535 -11.82 -4.09 25.84
C LEU C 535 -11.03 -2.80 25.94
N THR C 536 -10.33 -2.44 24.88
CA THR C 536 -9.76 -1.10 24.82
C THR C 536 -10.86 -0.12 24.40
N GLY C 537 -10.56 1.16 24.54
CA GLY C 537 -11.55 2.17 24.24
C GLY C 537 -11.68 2.49 22.77
N ALA C 538 -11.96 1.47 21.96
CA ALA C 538 -12.03 1.54 20.50
C ALA C 538 -10.75 2.13 19.92
N ALA C 539 -9.64 1.47 20.23
CA ALA C 539 -8.33 1.98 19.87
C ALA C 539 -8.09 1.90 18.37
N ILE C 540 -7.13 2.69 17.90
CA ILE C 540 -6.78 2.68 16.48
C ILE C 540 -6.10 1.38 16.10
N TRP C 541 -5.31 0.79 17.01
CA TRP C 541 -4.58 -0.41 16.66
C TRP C 541 -5.43 -1.67 16.68
N ALA C 542 -6.58 -1.66 17.33
CA ALA C 542 -7.44 -2.84 17.40
C ALA C 542 -8.50 -2.78 16.32
N ASP C 543 -8.05 -2.68 15.09
CA ASP C 543 -8.97 -2.66 13.97
C ASP C 543 -9.37 -4.09 13.62
N PRO C 544 -10.67 -4.39 13.54
CA PRO C 544 -11.09 -5.77 13.28
C PRO C 544 -10.70 -6.31 11.92
N GLY C 545 -10.41 -5.47 10.94
CA GLY C 545 -10.01 -5.98 9.63
C GLY C 545 -8.67 -6.69 9.65
N LYS C 546 -7.68 -6.10 10.33
CA LYS C 546 -6.36 -6.69 10.41
C LYS C 546 -6.38 -7.99 11.21
N TYR C 547 -7.16 -8.03 12.28
CA TYR C 547 -7.26 -9.25 13.05
C TYR C 547 -8.08 -10.32 12.34
N ALA C 548 -8.96 -9.92 11.42
CA ALA C 548 -9.59 -10.92 10.56
C ALA C 548 -8.59 -11.55 9.62
N LEU C 549 -7.65 -10.75 9.11
CA LEU C 549 -6.58 -11.30 8.27
C LEU C 549 -5.74 -12.31 9.04
N MET C 550 -5.34 -11.93 10.26
CA MET C 550 -4.45 -12.80 11.03
C MET C 550 -5.17 -14.04 11.50
N GLY C 551 -6.48 -13.95 11.75
CA GLY C 551 -7.25 -15.13 12.08
C GLY C 551 -7.37 -16.09 10.91
N ALA C 552 -7.57 -15.56 9.71
CA ALA C 552 -7.66 -16.39 8.53
C ALA C 552 -6.35 -17.12 8.26
N ALA C 553 -5.23 -16.43 8.43
CA ALA C 553 -3.94 -17.08 8.30
C ALA C 553 -3.74 -18.10 9.41
N ALA C 554 -4.25 -17.82 10.61
CA ALA C 554 -4.10 -18.74 11.73
C ALA C 554 -4.84 -20.04 11.50
N GLN C 555 -6.09 -19.96 11.04
CA GLN C 555 -6.86 -21.17 10.84
C GLN C 555 -6.38 -21.94 9.62
N LEU C 556 -5.97 -21.23 8.57
CA LEU C 556 -5.44 -21.93 7.41
C LEU C 556 -4.11 -22.60 7.74
N GLY C 557 -3.36 -22.06 8.70
CA GLY C 557 -2.18 -22.76 9.14
C GLY C 557 -2.43 -23.77 10.23
N GLY C 558 -3.60 -23.74 10.84
CA GLY C 558 -3.90 -24.73 11.86
C GLY C 558 -4.45 -25.99 11.25
N ILE C 559 -5.19 -25.83 10.15
CA ILE C 559 -5.84 -26.97 9.52
C ILE C 559 -4.91 -27.65 8.53
N VAL C 560 -4.12 -26.87 7.80
CA VAL C 560 -3.32 -27.39 6.71
C VAL C 560 -1.86 -27.59 7.10
N ARG C 561 -1.28 -26.61 7.81
CA ARG C 561 0.12 -26.58 8.27
C ARG C 561 1.10 -26.66 7.11
N MET C 562 1.01 -25.69 6.21
CA MET C 562 2.13 -25.37 5.36
C MET C 562 2.72 -24.06 5.82
N THR C 563 4.05 -24.04 5.93
CA THR C 563 4.79 -23.07 6.72
C THR C 563 5.03 -21.77 5.97
N LEU C 564 5.74 -21.85 4.85
CA LEU C 564 6.29 -20.69 4.18
C LEU C 564 5.50 -20.29 2.95
N SER C 565 4.85 -21.26 2.32
CA SER C 565 4.09 -20.98 1.11
C SER C 565 2.88 -20.12 1.40
N LEU C 566 2.19 -20.33 2.54
CA LEU C 566 1.14 -19.38 2.90
C LEU C 566 1.67 -18.01 3.28
N THR C 567 2.89 -17.91 3.82
CA THR C 567 3.44 -16.60 4.11
C THR C 567 3.61 -15.80 2.82
N VAL C 568 4.13 -16.46 1.80
CA VAL C 568 4.31 -15.78 0.52
C VAL C 568 2.98 -15.56 -0.19
N ILE C 569 2.02 -16.48 -0.06
CA ILE C 569 0.73 -16.32 -0.71
C ILE C 569 -0.08 -15.21 -0.04
N MET C 570 -0.09 -15.16 1.29
CA MET C 570 -0.83 -14.13 1.99
C MET C 570 -0.09 -12.80 1.99
N MET C 571 1.19 -12.77 1.61
CA MET C 571 1.80 -11.50 1.26
C MET C 571 1.43 -11.07 -0.15
N GLU C 572 1.42 -12.01 -1.08
CA GLU C 572 1.20 -11.70 -2.48
C GLU C 572 -0.23 -11.26 -2.74
N ALA C 573 -1.20 -11.95 -2.16
CA ALA C 573 -2.61 -11.69 -2.49
C ALA C 573 -3.10 -10.42 -1.83
N THR C 574 -2.55 -10.06 -0.69
CA THR C 574 -2.91 -8.81 -0.05
C THR C 574 -2.08 -7.63 -0.53
N SER C 575 -0.99 -7.90 -1.25
CA SER C 575 -0.05 -6.90 -1.75
C SER C 575 0.49 -6.03 -0.63
N ASN C 576 1.00 -6.69 0.41
CA ASN C 576 1.61 -6.01 1.54
C ASN C 576 2.78 -6.86 2.04
N VAL C 577 3.91 -6.20 2.31
CA VAL C 577 5.08 -6.91 2.80
C VAL C 577 5.15 -6.86 4.33
N THR C 578 4.63 -5.80 4.93
CA THR C 578 4.62 -5.67 6.39
C THR C 578 3.75 -6.70 7.08
N TYR C 579 2.88 -7.39 6.34
CA TYR C 579 2.23 -8.61 6.81
C TYR C 579 3.05 -9.84 6.50
N GLY C 580 4.36 -9.72 6.35
CA GLY C 580 5.14 -10.90 6.11
C GLY C 580 5.54 -11.54 7.42
N PHE C 581 6.20 -10.74 8.25
CA PHE C 581 6.67 -11.25 9.55
C PHE C 581 5.54 -11.66 10.51
N PRO C 582 4.47 -10.89 10.72
CA PRO C 582 3.44 -11.38 11.66
C PRO C 582 2.65 -12.57 11.15
N ILE C 583 2.37 -12.65 9.85
CA ILE C 583 1.73 -13.84 9.31
C ILE C 583 2.67 -15.04 9.43
N MET C 584 3.97 -14.83 9.27
CA MET C 584 4.92 -15.93 9.39
C MET C 584 4.99 -16.46 10.81
N LEU C 585 4.91 -15.54 11.79
CA LEU C 585 4.86 -15.93 13.20
C LEU C 585 3.58 -16.70 13.50
N VAL C 586 2.45 -16.25 12.95
CA VAL C 586 1.16 -16.86 13.22
C VAL C 586 1.10 -18.26 12.63
N LEU C 587 1.61 -18.44 11.41
CA LEU C 587 1.70 -19.77 10.79
C LEU C 587 2.62 -20.71 11.57
N MET C 588 3.79 -20.24 12.03
CA MET C 588 4.63 -21.11 12.85
C MET C 588 3.98 -21.50 14.17
N THR C 589 3.32 -20.56 14.82
CA THR C 589 2.69 -20.86 16.09
C THR C 589 1.54 -21.84 15.90
N ALA C 590 0.74 -21.65 14.85
CA ALA C 590 -0.36 -22.55 14.57
C ALA C 590 0.13 -23.94 14.20
N LYS C 591 1.22 -24.02 13.44
CA LYS C 591 1.77 -25.32 13.07
C LYS C 591 2.31 -26.08 14.26
N ILE C 592 3.03 -25.39 15.15
CA ILE C 592 3.65 -26.06 16.29
C ILE C 592 2.61 -26.53 17.29
N VAL C 593 1.71 -25.62 17.69
CA VAL C 593 0.66 -25.96 18.65
C VAL C 593 -0.32 -26.96 18.03
N GLY C 594 -0.48 -26.94 16.72
CA GLY C 594 -1.24 -27.99 16.09
C GLY C 594 -0.57 -29.35 16.05
N ASP C 595 0.73 -29.39 15.76
CA ASP C 595 1.41 -30.68 15.65
C ASP C 595 1.63 -31.37 16.98
N VAL C 596 1.47 -30.68 18.11
CA VAL C 596 1.54 -31.42 19.37
C VAL C 596 0.28 -32.23 19.66
N PHE C 597 -0.78 -32.09 18.85
CA PHE C 597 -2.00 -32.85 19.04
C PHE C 597 -2.24 -33.86 17.92
N ILE C 598 -2.29 -33.40 16.67
CA ILE C 598 -2.69 -34.24 15.55
C ILE C 598 -2.01 -33.69 14.31
N GLU C 599 -1.73 -34.58 13.35
CA GLU C 599 -1.07 -34.20 12.11
C GLU C 599 -1.95 -33.29 11.28
N GLY C 600 -1.34 -32.66 10.28
CA GLY C 600 -2.09 -31.81 9.39
C GLY C 600 -3.01 -32.59 8.48
N LEU C 601 -3.96 -31.87 7.88
CA LEU C 601 -5.01 -32.50 7.10
C LEU C 601 -4.46 -33.20 5.86
N TYR C 602 -3.63 -32.49 5.11
CA TYR C 602 -3.10 -33.03 3.86
C TYR C 602 -2.10 -34.15 4.09
N ASP C 603 -1.57 -34.27 5.29
CA ASP C 603 -0.71 -35.40 5.64
C ASP C 603 -1.49 -36.53 6.30
N MET C 604 -2.62 -36.21 6.92
CA MET C 604 -3.45 -37.22 7.54
C MET C 604 -4.14 -38.08 6.49
N HIS C 605 -4.56 -37.50 5.37
CA HIS C 605 -5.23 -38.29 4.36
C HIS C 605 -4.31 -39.11 3.47
N ILE C 606 -3.00 -39.16 3.74
CA ILE C 606 -2.20 -40.26 3.21
C ILE C 606 -2.15 -41.40 4.22
N GLN C 607 -2.51 -41.14 5.48
CA GLN C 607 -2.62 -42.17 6.50
C GLN C 607 -4.07 -42.50 6.77
N LEU C 608 -4.88 -42.52 5.71
CA LEU C 608 -6.33 -42.76 5.71
C LEU C 608 -7.09 -41.79 6.63
N ASP D 76 -0.77 48.03 -9.00
CA ASP D 76 -1.88 47.25 -9.53
C ASP D 76 -2.09 45.98 -8.71
N LEU D 77 -1.07 45.62 -7.92
CA LEU D 77 -1.09 44.32 -7.24
C LEU D 77 -2.03 44.24 -6.04
N PRO D 78 -1.93 45.09 -4.99
CA PRO D 78 -2.71 44.78 -3.78
C PRO D 78 -4.19 45.08 -3.91
N ASP D 79 -4.60 45.99 -4.76
CA ASP D 79 -6.00 46.25 -5.01
C ASP D 79 -6.45 45.40 -6.21
N LEU D 80 -7.65 45.68 -6.74
CA LEU D 80 -8.21 44.86 -7.80
C LEU D 80 -8.74 45.74 -8.93
N ASP D 81 -8.85 45.11 -10.10
CA ASP D 81 -9.55 45.69 -11.23
C ASP D 81 -11.03 45.84 -10.84
N PRO D 82 -11.62 47.03 -11.02
CA PRO D 82 -13.01 47.24 -10.56
C PRO D 82 -14.06 46.33 -11.17
N GLU D 83 -13.91 45.91 -12.43
CA GLU D 83 -14.85 44.93 -12.96
C GLU D 83 -14.62 43.56 -12.34
N CYS D 84 -13.37 43.21 -12.02
CA CYS D 84 -13.10 41.95 -11.34
C CYS D 84 -13.58 41.99 -9.90
N ARG D 85 -13.50 43.17 -9.26
CA ARG D 85 -14.10 43.35 -7.96
C ARG D 85 -15.61 43.15 -8.01
N GLU D 86 -16.26 43.71 -9.03
CA GLU D 86 -17.70 43.54 -9.20
C GLU D 86 -18.06 42.09 -9.48
N LEU D 87 -17.23 41.40 -10.25
CA LEU D 87 -17.43 39.98 -10.54
C LEU D 87 -17.35 39.15 -9.27
N LEU D 88 -16.36 39.45 -8.42
CA LEU D 88 -16.23 38.75 -7.15
C LEU D 88 -17.39 39.06 -6.21
N LEU D 89 -17.88 40.30 -6.23
CA LEU D 89 -19.01 40.68 -5.40
C LEU D 89 -20.27 39.94 -5.83
N ASP D 90 -20.44 39.75 -7.14
CA ASP D 90 -21.58 39.01 -7.66
C ASP D 90 -21.53 37.56 -7.24
N PHE D 91 -20.35 36.94 -7.31
CA PHE D 91 -20.20 35.56 -6.87
C PHE D 91 -20.43 35.42 -5.37
N ALA D 92 -20.01 36.42 -4.60
CA ALA D 92 -20.19 36.37 -3.15
C ALA D 92 -21.66 36.46 -2.76
N ASN D 93 -22.41 37.32 -3.46
CA ASN D 93 -23.84 37.43 -3.21
C ASN D 93 -24.58 36.14 -3.57
N SER D 94 -24.25 35.57 -4.74
CA SER D 94 -24.91 34.35 -5.18
C SER D 94 -24.57 33.16 -4.29
N SER D 95 -23.31 33.05 -3.87
CA SER D 95 -22.93 31.93 -3.03
C SER D 95 -23.46 32.06 -1.61
N ALA D 96 -23.60 33.28 -1.09
CA ALA D 96 -24.23 33.45 0.21
C ALA D 96 -25.69 33.03 0.17
N GLU D 97 -26.37 33.33 -0.94
CA GLU D 97 -27.75 32.87 -1.10
C GLU D 97 -27.82 31.36 -1.19
N LEU D 98 -26.84 30.72 -1.82
CA LEU D 98 -26.88 29.27 -1.95
C LEU D 98 -26.63 28.57 -0.63
N THR D 99 -25.68 29.07 0.17
CA THR D 99 -25.45 28.47 1.49
C THR D 99 -26.66 28.66 2.38
N GLY D 100 -27.32 29.82 2.24
CA GLY D 100 -28.60 30.01 2.89
C GLY D 100 -29.63 28.97 2.48
N CYS D 101 -29.76 28.71 1.17
CA CYS D 101 -30.75 27.76 0.67
C CYS D 101 -30.43 26.34 1.14
N LEU D 102 -29.14 25.99 1.21
CA LEU D 102 -28.76 24.65 1.63
C LEU D 102 -29.09 24.40 3.09
N VAL D 103 -29.12 25.45 3.91
CA VAL D 103 -29.39 25.19 5.32
C VAL D 103 -30.81 25.59 5.74
N ARG D 104 -31.52 26.40 4.94
CA ARG D 104 -32.97 26.56 5.13
C ARG D 104 -33.69 25.22 4.98
N SER D 105 -33.24 24.42 4.03
CA SER D 105 -33.87 23.16 3.65
C SER D 105 -33.03 21.97 4.10
N ALA D 106 -32.54 22.05 5.34
CA ALA D 106 -31.53 21.10 5.80
C ALA D 106 -32.12 19.76 6.25
N ARG D 107 -32.93 19.77 7.29
CA ARG D 107 -33.40 18.48 7.78
C ARG D 107 -34.65 17.96 7.05
N PRO D 108 -35.73 18.76 6.85
CA PRO D 108 -36.78 18.17 5.98
C PRO D 108 -36.35 18.38 4.53
N VAL D 109 -35.57 17.40 4.05
CA VAL D 109 -34.64 17.60 2.95
C VAL D 109 -35.37 17.97 1.68
N ARG D 110 -35.10 19.17 1.19
CA ARG D 110 -35.53 19.66 -0.11
C ARG D 110 -34.36 20.31 -0.80
N LEU D 111 -33.20 19.66 -0.74
CA LEU D 111 -31.95 20.27 -1.19
C LEU D 111 -31.93 20.41 -2.72
N CYS D 112 -32.27 19.34 -3.43
CA CYS D 112 -32.32 19.40 -4.88
C CYS D 112 -33.66 19.89 -5.39
N GLN D 113 -34.59 20.19 -4.51
CA GLN D 113 -35.90 20.68 -4.92
C GLN D 113 -35.99 22.20 -4.89
N THR D 114 -35.32 22.85 -3.93
CA THR D 114 -35.40 24.29 -3.80
C THR D 114 -34.11 25.02 -4.14
N CYS D 115 -32.99 24.31 -4.34
CA CYS D 115 -31.72 24.97 -4.58
C CYS D 115 -31.08 24.61 -5.93
N TYR D 116 -31.81 23.94 -6.82
CA TYR D 116 -31.29 23.79 -8.18
C TYR D 116 -31.10 25.10 -8.96
N PRO D 117 -32.01 26.11 -8.94
CA PRO D 117 -31.70 27.30 -9.75
C PRO D 117 -30.59 28.14 -9.17
N LEU D 118 -30.47 28.17 -7.84
CA LEU D 118 -29.33 28.85 -7.21
C LEU D 118 -28.03 28.14 -7.52
N PHE D 119 -28.07 26.82 -7.69
CA PHE D 119 -26.85 26.12 -8.06
C PHE D 119 -26.45 26.42 -9.48
N GLN D 120 -27.42 26.53 -10.39
CA GLN D 120 -27.09 26.95 -11.74
C GLN D 120 -26.59 28.39 -11.76
N GLN D 121 -27.11 29.24 -10.85
CA GLN D 121 -26.63 30.60 -10.71
C GLN D 121 -25.16 30.63 -10.29
N VAL D 122 -24.81 29.83 -9.28
CA VAL D 122 -23.45 29.84 -8.75
C VAL D 122 -22.46 29.25 -9.75
N VAL D 123 -22.83 28.16 -10.43
CA VAL D 123 -21.88 27.58 -11.38
C VAL D 123 -21.77 28.45 -12.63
N SER D 124 -22.79 29.26 -12.93
CA SER D 124 -22.65 30.19 -14.04
C SER D 124 -21.76 31.36 -13.67
N LYS D 125 -21.82 31.84 -12.42
CA LYS D 125 -20.90 32.91 -12.02
C LYS D 125 -19.47 32.41 -11.92
N MET D 126 -19.29 31.16 -11.50
CA MET D 126 -17.95 30.59 -11.45
C MET D 126 -17.39 30.39 -12.86
N ASP D 127 -18.25 30.01 -13.81
CA ASP D 127 -17.82 29.94 -15.21
C ASP D 127 -17.61 31.34 -15.77
N ASN D 128 -18.35 32.32 -15.25
CA ASN D 128 -18.19 33.72 -15.65
C ASN D 128 -16.83 34.27 -15.26
N ILE D 129 -16.33 33.86 -14.10
CA ILE D 129 -15.01 34.32 -13.65
C ILE D 129 -13.91 33.79 -14.57
N SER D 130 -13.92 32.49 -14.84
CA SER D 130 -12.92 31.88 -15.70
C SER D 130 -13.41 31.92 -17.14
N ARG D 131 -13.13 33.02 -17.82
CA ARG D 131 -13.53 33.14 -19.22
C ARG D 131 -12.41 32.66 -20.13
N ALA D 143 -10.30 37.90 -13.58
CA ALA D 143 -10.33 36.64 -14.29
C ALA D 143 -9.20 35.73 -13.84
N ARG D 144 -7.98 36.10 -14.20
CA ARG D 144 -6.82 35.31 -13.82
C ARG D 144 -6.46 35.51 -12.35
N SER D 145 -6.67 36.71 -11.83
CA SER D 145 -6.31 37.03 -10.46
C SER D 145 -7.24 36.39 -9.42
N LEU D 146 -8.45 36.01 -9.81
CA LEU D 146 -9.42 35.52 -8.84
C LEU D 146 -9.16 34.09 -8.40
N LEU D 147 -8.63 33.24 -9.27
CA LEU D 147 -8.55 31.82 -8.92
C LEU D 147 -7.24 31.44 -8.26
N MET D 148 -6.12 31.60 -8.94
CA MET D 148 -4.87 30.97 -8.54
C MET D 148 -3.82 31.95 -8.06
N ALA D 149 -4.23 33.13 -7.60
CA ALA D 149 -3.29 34.14 -7.14
C ALA D 149 -3.13 34.18 -5.63
N ASP D 150 -3.56 33.14 -4.92
CA ASP D 150 -3.29 33.00 -3.50
C ASP D 150 -3.25 31.52 -3.17
N ARG D 151 -2.78 31.20 -1.97
CA ARG D 151 -2.57 29.81 -1.59
C ARG D 151 -3.88 29.07 -1.44
N MET D 152 -4.85 29.69 -0.76
CA MET D 152 -6.08 28.97 -0.42
C MET D 152 -6.97 28.74 -1.63
N GLN D 153 -7.05 29.73 -2.53
CA GLN D 153 -8.01 29.78 -3.64
C GLN D 153 -9.43 29.57 -3.12
N ILE D 154 -9.85 30.54 -2.31
CA ILE D 154 -11.11 30.42 -1.56
C ILE D 154 -12.32 30.35 -2.49
N VAL D 155 -12.25 31.00 -3.65
CA VAL D 155 -13.31 30.86 -4.64
C VAL D 155 -13.33 29.45 -5.20
N VAL D 156 -12.16 28.89 -5.51
CA VAL D 156 -12.10 27.57 -6.13
C VAL D 156 -12.48 26.49 -5.14
N ILE D 157 -12.06 26.60 -3.88
CA ILE D 157 -12.44 25.57 -2.92
C ILE D 157 -13.90 25.72 -2.52
N LEU D 158 -14.48 26.92 -2.62
CA LEU D 158 -15.91 27.05 -2.38
C LEU D 158 -16.71 26.43 -3.51
N SER D 159 -16.29 26.66 -4.75
CA SER D 159 -16.96 26.05 -5.89
C SER D 159 -16.81 24.53 -5.86
N GLU D 160 -15.65 24.04 -5.45
CA GLU D 160 -15.45 22.60 -5.33
C GLU D 160 -16.30 22.02 -4.21
N PHE D 161 -16.53 22.78 -3.13
CA PHE D 161 -17.41 22.29 -2.08
C PHE D 161 -18.85 22.21 -2.56
N PHE D 162 -19.29 23.18 -3.36
CA PHE D 162 -20.66 23.11 -3.87
C PHE D 162 -20.81 21.97 -4.87
N ASN D 163 -19.78 21.67 -5.64
CA ASN D 163 -19.86 20.52 -6.52
C ASN D 163 -19.86 19.20 -5.75
N THR D 164 -19.08 19.11 -4.68
CA THR D 164 -19.07 17.89 -3.88
C THR D 164 -20.41 17.67 -3.20
N THR D 165 -21.02 18.74 -2.68
CA THR D 165 -22.37 18.65 -2.13
C THR D 165 -23.40 18.30 -3.20
N TRP D 166 -23.20 18.79 -4.43
CA TRP D 166 -24.09 18.43 -5.53
C TRP D 166 -23.96 16.96 -5.90
N GLN D 167 -22.74 16.46 -6.03
CA GLN D 167 -22.55 15.09 -6.49
C GLN D 167 -22.87 14.07 -5.41
N GLU D 168 -22.67 14.43 -4.14
CA GLU D 168 -23.02 13.51 -3.07
C GLU D 168 -24.53 13.40 -2.92
N ALA D 169 -25.23 14.50 -3.16
CA ALA D 169 -26.68 14.49 -3.13
C ALA D 169 -27.28 13.77 -4.33
N ASN D 170 -26.53 13.71 -5.44
CA ASN D 170 -26.98 13.18 -6.73
C ASN D 170 -28.24 13.89 -7.20
N CYS D 171 -28.17 15.22 -7.26
CA CYS D 171 -29.31 16.03 -7.67
C CYS D 171 -29.62 15.93 -9.15
N ALA D 172 -28.78 15.27 -9.94
CA ALA D 172 -29.06 15.12 -11.36
C ALA D 172 -30.27 14.24 -11.63
N ASN D 173 -30.69 13.42 -10.67
CA ASN D 173 -31.92 12.68 -10.83
C ASN D 173 -33.16 13.50 -10.52
N CYS D 174 -33.02 14.65 -9.88
CA CYS D 174 -34.13 15.53 -9.63
C CYS D 174 -34.26 16.62 -10.69
N LEU D 175 -33.46 16.52 -11.75
CA LEU D 175 -33.55 17.39 -12.91
C LEU D 175 -33.59 16.52 -14.14
N THR D 176 -34.15 17.04 -15.23
CA THR D 176 -34.06 16.30 -16.48
C THR D 176 -32.64 16.38 -17.05
N ASN D 177 -32.39 15.60 -18.09
CA ASN D 177 -31.04 15.54 -18.67
C ASN D 177 -30.66 16.88 -19.29
N ASN D 178 -31.60 17.54 -19.95
CA ASN D 178 -31.53 18.98 -20.12
C ASN D 178 -31.99 19.59 -18.80
N SER D 179 -31.21 20.52 -18.26
CA SER D 179 -31.33 20.88 -16.85
C SER D 179 -32.54 21.81 -16.60
N GLU D 180 -32.57 22.38 -15.40
CA GLU D 180 -33.52 23.37 -14.88
C GLU D 180 -35.00 22.93 -14.94
N GLU D 181 -35.27 21.63 -15.08
CA GLU D 181 -36.61 21.11 -14.89
C GLU D 181 -36.63 20.22 -13.65
N LEU D 182 -37.76 19.57 -13.41
CA LEU D 182 -37.98 18.83 -12.17
C LEU D 182 -38.16 17.34 -12.38
N SER D 183 -37.71 16.80 -13.53
CA SER D 183 -37.50 15.37 -13.73
C SER D 183 -38.73 14.50 -13.53
N ASN D 184 -39.65 14.49 -14.52
CA ASN D 184 -41.02 13.97 -14.43
C ASN D 184 -41.18 12.61 -13.75
N SER D 185 -40.13 11.81 -13.68
CA SER D 185 -40.13 10.62 -12.81
C SER D 185 -40.34 10.99 -11.35
N THR D 186 -39.78 12.12 -10.91
CA THR D 186 -39.77 12.42 -9.48
C THR D 186 -40.92 13.31 -9.01
N VAL D 187 -41.52 14.12 -9.89
CA VAL D 187 -42.65 14.93 -9.43
C VAL D 187 -43.85 14.04 -9.16
N TYR D 188 -43.97 12.92 -9.89
CA TYR D 188 -44.97 11.92 -9.56
C TYR D 188 -44.71 11.32 -8.18
N PHE D 189 -43.43 11.09 -7.86
CA PHE D 189 -43.08 10.53 -6.56
C PHE D 189 -43.38 11.51 -5.45
N LEU D 190 -43.06 12.79 -5.64
CA LEU D 190 -43.36 13.78 -4.61
C LEU D 190 -44.85 14.00 -4.45
N ASN D 191 -45.61 13.91 -5.55
CA ASN D 191 -47.06 14.00 -5.46
C ASN D 191 -47.64 12.83 -4.69
N LEU D 192 -47.11 11.63 -4.93
CA LEU D 192 -47.59 10.45 -4.20
C LEU D 192 -47.12 10.45 -2.75
N PHE D 193 -45.96 11.05 -2.48
CA PHE D 193 -45.45 11.17 -1.13
C PHE D 193 -46.33 12.10 -0.30
N ASN D 194 -46.71 13.24 -0.90
CA ASN D 194 -47.66 14.16 -0.28
C ASN D 194 -49.04 13.52 -0.11
N HIS D 195 -49.45 12.73 -1.12
CA HIS D 195 -50.71 12.00 -1.05
C HIS D 195 -50.70 10.99 0.10
N THR D 196 -49.58 10.30 0.28
CA THR D 196 -49.46 9.28 1.33
C THR D 196 -49.46 9.92 2.71
N LEU D 197 -48.81 11.06 2.86
CA LEU D 197 -48.80 11.72 4.17
C LEU D 197 -50.15 12.33 4.51
N THR D 198 -50.84 12.89 3.51
CA THR D 198 -52.18 13.41 3.76
C THR D 198 -53.17 12.29 4.08
N CYS D 199 -52.93 11.09 3.55
CA CYS D 199 -53.71 9.94 3.98
C CYS D 199 -53.26 9.42 5.34
N PHE D 200 -52.00 9.63 5.72
CA PHE D 200 -51.59 9.32 7.09
C PHE D 200 -52.18 10.29 8.11
N GLU D 201 -52.58 11.48 7.68
CA GLU D 201 -53.16 12.44 8.63
C GLU D 201 -54.56 12.05 9.10
N HIS D 202 -55.17 11.04 8.49
CA HIS D 202 -56.48 10.54 8.93
C HIS D 202 -56.26 9.63 10.14
N ASN D 203 -56.08 10.29 11.29
CA ASN D 203 -55.80 9.68 12.60
C ASN D 203 -54.59 8.75 12.58
N CYS D 221 -56.54 1.97 12.11
CA CYS D 221 -55.10 2.18 12.12
C CYS D 221 -54.49 1.92 10.75
N LYS D 222 -54.56 0.66 10.31
CA LYS D 222 -54.02 0.26 9.01
C LYS D 222 -55.14 0.36 7.98
N ASN D 223 -55.27 1.53 7.39
CA ASN D 223 -56.27 1.77 6.36
C ASN D 223 -55.66 2.21 5.04
N CYS D 224 -54.68 3.09 5.08
CA CYS D 224 -54.09 3.66 3.87
C CYS D 224 -52.78 2.94 3.55
N ARG D 225 -52.94 1.73 3.04
CA ARG D 225 -51.82 0.83 2.79
C ARG D 225 -51.45 0.72 1.32
N GLU D 226 -52.44 0.64 0.42
CA GLU D 226 -52.14 0.49 -0.99
C GLU D 226 -51.51 1.74 -1.59
N ALA D 227 -51.73 2.91 -0.99
CA ALA D 227 -50.95 4.09 -1.35
C ALA D 227 -49.48 3.89 -0.99
N TYR D 228 -49.22 3.32 0.19
CA TYR D 228 -47.86 3.05 0.61
C TYR D 228 -47.21 1.98 -0.24
N LYS D 229 -47.97 0.95 -0.61
CA LYS D 229 -47.42 -0.09 -1.49
C LYS D 229 -47.14 0.44 -2.88
N THR D 230 -47.98 1.37 -3.37
CA THR D 230 -47.71 2.02 -4.63
C THR D 230 -46.45 2.87 -4.54
N LEU D 231 -46.25 3.53 -3.40
CA LEU D 231 -45.06 4.34 -3.19
C LEU D 231 -43.80 3.48 -3.18
N SER D 232 -43.85 2.34 -2.48
CA SER D 232 -42.67 1.48 -2.39
C SER D 232 -42.37 0.83 -3.73
N SER D 233 -43.41 0.47 -4.49
CA SER D 233 -43.21 -0.07 -5.83
C SER D 233 -42.62 0.99 -6.76
N LEU D 234 -43.07 2.24 -6.61
CA LEU D 234 -42.53 3.32 -7.42
C LEU D 234 -41.07 3.60 -7.06
N TYR D 235 -40.73 3.53 -5.77
CA TYR D 235 -39.36 3.77 -5.33
C TYR D 235 -38.42 2.69 -5.84
N SER D 236 -38.86 1.42 -5.79
CA SER D 236 -38.04 0.34 -6.34
C SER D 236 -37.91 0.45 -7.85
N GLU D 237 -38.98 0.93 -8.51
CA GLU D 237 -38.93 1.13 -9.95
C GLU D 237 -37.94 2.22 -10.33
N MET D 238 -37.88 3.30 -9.54
CA MET D 238 -36.89 4.34 -9.83
C MET D 238 -35.48 3.91 -9.49
N GLN D 239 -35.32 3.02 -8.49
CA GLN D 239 -34.00 2.46 -8.22
C GLN D 239 -33.48 1.63 -9.37
N LYS D 240 -34.35 0.79 -9.96
CA LYS D 240 -33.93 0.02 -11.12
C LYS D 240 -33.77 0.91 -12.35
N MET D 241 -34.52 2.01 -12.41
CA MET D 241 -34.32 3.00 -13.47
C MET D 241 -32.97 3.70 -13.34
N ASN D 242 -32.46 3.82 -12.13
CA ASN D 242 -31.18 4.47 -11.88
C ASN D 242 -30.00 3.51 -12.01
N GLU D 243 -30.17 2.38 -12.68
CA GLU D 243 -29.06 1.48 -12.97
C GLU D 243 -28.99 1.04 -14.42
N LEU D 244 -30.01 1.31 -15.23
CA LEU D 244 -29.99 1.01 -16.65
C LEU D 244 -29.83 2.25 -17.53
N GLU D 245 -30.33 3.39 -17.07
CA GLU D 245 -30.11 4.65 -17.77
C GLU D 245 -28.77 5.27 -17.36
N ASN D 246 -28.49 5.27 -16.07
CA ASN D 246 -27.19 5.66 -15.53
C ASN D 246 -26.60 4.40 -14.89
N LYS D 247 -25.68 3.76 -15.60
CA LYS D 247 -25.18 2.45 -15.18
C LYS D 247 -24.31 2.58 -13.94
N ALA D 248 -24.59 1.74 -12.95
CA ALA D 248 -23.90 1.81 -11.67
C ALA D 248 -24.03 0.46 -10.96
N GLU D 249 -23.55 0.42 -9.73
CA GLU D 249 -23.63 -0.75 -8.87
C GLU D 249 -25.05 -0.95 -8.37
N PRO D 250 -25.41 -2.15 -7.90
CA PRO D 250 -26.68 -2.32 -7.19
C PRO D 250 -26.73 -1.49 -5.91
N GLY D 251 -27.88 -0.91 -5.65
CA GLY D 251 -28.06 -0.06 -4.48
C GLY D 251 -27.30 1.25 -4.53
N THR D 252 -27.25 1.90 -5.71
CA THR D 252 -26.68 3.23 -5.79
C THR D 252 -27.68 4.24 -5.22
N HIS D 253 -27.17 5.40 -4.84
CA HIS D 253 -27.97 6.36 -4.10
C HIS D 253 -28.77 7.24 -5.05
N LEU D 254 -30.05 7.41 -4.73
CA LEU D 254 -30.97 8.19 -5.54
C LEU D 254 -30.84 9.67 -5.16
N CYS D 255 -31.72 10.51 -5.69
CA CYS D 255 -31.73 11.92 -5.34
C CYS D 255 -32.20 12.09 -3.90
N ILE D 256 -31.57 13.03 -3.18
CA ILE D 256 -31.58 12.99 -1.72
C ILE D 256 -32.95 13.34 -1.13
N ASP D 257 -33.71 14.25 -1.76
CA ASP D 257 -35.03 14.56 -1.21
C ASP D 257 -36.02 13.44 -1.48
N VAL D 258 -35.88 12.75 -2.62
CA VAL D 258 -36.64 11.54 -2.89
C VAL D 258 -36.30 10.46 -1.86
N GLU D 259 -35.00 10.30 -1.61
CA GLU D 259 -34.53 9.23 -0.75
C GLU D 259 -34.88 9.50 0.71
N ASP D 260 -34.87 10.78 1.12
CA ASP D 260 -35.30 11.10 2.46
C ASP D 260 -36.81 11.13 2.61
N ALA D 261 -37.56 11.39 1.55
CA ALA D 261 -39.00 11.21 1.62
C ALA D 261 -39.36 9.76 1.87
N MET D 262 -38.68 8.86 1.16
CA MET D 262 -38.94 7.44 1.34
C MET D 262 -38.43 6.96 2.70
N ASN D 263 -37.33 7.56 3.18
CA ASN D 263 -36.83 7.35 4.54
C ASN D 263 -37.88 7.69 5.58
N ILE D 264 -38.51 8.86 5.43
CA ILE D 264 -39.51 9.33 6.39
C ILE D 264 -40.74 8.42 6.36
N THR D 265 -41.17 8.01 5.16
CA THR D 265 -42.33 7.13 5.04
C THR D 265 -42.07 5.77 5.67
N ARG D 266 -40.89 5.21 5.46
CA ARG D 266 -40.62 3.89 6.04
C ARG D 266 -40.41 3.97 7.54
N LYS D 267 -39.85 5.08 8.03
CA LYS D 267 -39.72 5.21 9.49
C LYS D 267 -41.06 5.46 10.16
N LEU D 268 -42.02 6.08 9.47
CA LEU D 268 -43.37 6.15 10.00
C LEU D 268 -44.03 4.79 9.98
N TRP D 269 -43.85 4.04 8.89
CA TRP D 269 -44.62 2.83 8.67
C TRP D 269 -44.16 1.69 9.57
N SER D 270 -42.88 1.66 9.94
CA SER D 270 -42.36 0.55 10.72
C SER D 270 -42.06 0.93 12.16
N ARG D 271 -41.22 1.95 12.39
CA ARG D 271 -40.79 2.25 13.75
C ARG D 271 -41.87 2.93 14.58
N THR D 272 -42.84 3.59 13.96
CA THR D 272 -43.86 4.33 14.69
C THR D 272 -45.22 3.64 14.66
N PHE D 273 -45.74 3.34 13.47
CA PHE D 273 -47.07 2.75 13.38
C PHE D 273 -47.09 1.27 13.76
N ASN D 274 -45.95 0.58 13.61
CA ASN D 274 -45.77 -0.85 13.94
C ASN D 274 -46.78 -1.73 13.21
N CYS D 275 -46.66 -1.73 11.89
CA CYS D 275 -47.59 -2.48 11.04
C CYS D 275 -46.82 -3.19 9.93
N SER D 276 -46.69 -4.52 10.04
CA SER D 276 -45.98 -5.28 9.04
C SER D 276 -46.59 -6.65 8.72
N VAL D 277 -47.74 -6.99 9.33
CA VAL D 277 -48.52 -8.24 9.21
C VAL D 277 -47.63 -9.49 9.21
N PRO D 278 -47.16 -9.92 10.39
CA PRO D 278 -46.12 -10.97 10.47
C PRO D 278 -46.58 -12.31 9.94
N CYS D 279 -45.58 -13.19 9.77
CA CYS D 279 -45.70 -14.34 8.88
C CYS D 279 -46.69 -15.38 9.39
N SER D 280 -46.54 -15.79 10.66
CA SER D 280 -47.33 -16.84 11.31
C SER D 280 -47.30 -18.15 10.52
N ASP D 281 -46.12 -18.51 10.03
CA ASP D 281 -45.90 -19.80 9.36
C ASP D 281 -44.64 -20.47 9.88
N THR D 282 -44.43 -20.37 11.19
CA THR D 282 -43.23 -20.94 11.79
C THR D 282 -43.30 -22.45 11.85
N VAL D 283 -44.43 -23.00 12.27
CA VAL D 283 -44.53 -24.44 12.48
C VAL D 283 -44.45 -25.31 11.22
N PRO D 284 -44.78 -24.89 9.99
CA PRO D 284 -44.33 -25.71 8.86
C PRO D 284 -42.82 -25.65 8.65
N VAL D 285 -42.21 -24.49 8.90
CA VAL D 285 -40.76 -24.37 8.79
C VAL D 285 -40.06 -25.22 9.83
N ILE D 286 -40.55 -25.21 11.07
CA ILE D 286 -39.90 -26.02 12.11
C ILE D 286 -40.18 -27.50 11.87
N ALA D 287 -41.30 -27.86 11.23
CA ALA D 287 -41.55 -29.27 10.94
C ALA D 287 -40.61 -29.77 9.85
N VAL D 288 -40.45 -29.00 8.78
CA VAL D 288 -39.56 -29.37 7.70
C VAL D 288 -38.11 -29.38 8.18
N SER D 289 -37.75 -28.43 9.03
CA SER D 289 -36.37 -28.35 9.52
C SER D 289 -36.02 -29.51 10.43
N VAL D 290 -36.93 -29.91 11.34
CA VAL D 290 -36.58 -31.07 12.17
C VAL D 290 -36.63 -32.35 11.37
N PHE D 291 -37.40 -32.39 10.28
CA PHE D 291 -37.38 -33.57 9.42
C PHE D 291 -36.05 -33.70 8.69
N ILE D 292 -35.57 -32.62 8.09
CA ILE D 292 -34.34 -32.69 7.32
C ILE D 292 -33.13 -32.84 8.24
N LEU D 293 -33.15 -32.25 9.43
CA LEU D 293 -32.06 -32.52 10.38
C LEU D 293 -32.14 -33.93 10.96
N PHE D 294 -33.31 -34.53 11.06
CA PHE D 294 -33.35 -35.91 11.52
C PHE D 294 -32.99 -36.91 10.44
N LEU D 295 -32.97 -36.49 9.18
CA LEU D 295 -32.62 -37.41 8.10
C LEU D 295 -31.19 -37.96 8.16
N PRO D 296 -30.12 -37.19 8.46
CA PRO D 296 -28.81 -37.83 8.62
C PRO D 296 -28.68 -38.69 9.86
N VAL D 297 -29.48 -38.44 10.90
CA VAL D 297 -29.48 -39.34 12.05
C VAL D 297 -29.96 -40.71 11.63
N VAL D 298 -31.03 -40.75 10.83
CA VAL D 298 -31.54 -42.00 10.28
C VAL D 298 -30.49 -42.65 9.37
N PHE D 299 -29.84 -41.85 8.52
CA PHE D 299 -28.89 -42.40 7.55
C PHE D 299 -27.65 -42.96 8.23
N TYR D 300 -27.07 -42.20 9.16
CA TYR D 300 -25.83 -42.64 9.79
C TYR D 300 -26.06 -43.80 10.75
N LEU D 301 -27.21 -43.83 11.44
CA LEU D 301 -27.50 -44.97 12.29
C LEU D 301 -27.82 -46.22 11.48
N SER D 302 -28.55 -46.08 10.38
CA SER D 302 -28.88 -47.24 9.56
C SER D 302 -27.65 -47.80 8.86
N SER D 303 -26.72 -46.94 8.45
CA SER D 303 -25.47 -47.43 7.90
C SER D 303 -24.54 -47.98 8.96
N PHE D 304 -24.66 -47.51 10.21
CA PHE D 304 -23.89 -48.11 11.30
C PHE D 304 -24.41 -49.50 11.63
N LEU D 305 -25.72 -49.72 11.51
CA LEU D 305 -26.34 -50.99 11.84
C LEU D 305 -26.55 -51.85 10.60
N HIS D 306 -25.62 -51.81 9.67
CA HIS D 306 -25.69 -52.65 8.48
C HIS D 306 -24.28 -52.92 7.96
C1 NAG E . -32.84 6.97 7.12
C2 NAG E . -31.47 7.22 6.54
C3 NAG E . -30.39 6.76 7.51
C4 NAG E . -30.57 7.42 8.87
C5 NAG E . -32.00 7.23 9.38
C6 NAG E . -32.30 8.01 10.64
C7 NAG E . -31.12 7.22 4.12
C8 NAG E . -30.98 6.38 2.89
N2 NAG E . -31.31 6.56 5.26
O3 NAG E . -29.12 7.08 6.97
O4 NAG E . -29.68 6.79 9.79
O5 NAG E . -32.96 7.64 8.39
O6 NAG E . -32.69 7.15 11.70
O7 NAG E . -31.08 8.44 4.08
C1 NAG E . -28.53 7.59 10.17
C2 NAG E . -27.76 6.80 11.22
C3 NAG E . -26.51 7.58 11.65
C4 NAG E . -25.65 7.94 10.45
C5 NAG E . -26.48 8.60 9.35
C6 NAG E . -25.72 8.67 8.05
C7 NAG E . -29.18 7.18 13.25
C8 NAG E . -29.94 6.47 14.33
N2 NAG E . -28.57 6.39 12.36
O3 NAG E . -25.80 6.74 12.56
O4 NAG E . -24.66 8.88 10.83
O5 NAG E . -27.69 7.86 9.05
O6 NAG E . -24.89 7.55 7.88
O7 NAG E . -29.14 8.41 13.21
C1 BMA E . -23.37 8.27 11.08
C2 BMA E . -22.35 8.74 10.02
C3 BMA E . -21.01 8.07 10.32
C4 BMA E . -20.55 8.38 11.76
C5 BMA E . -21.65 7.97 12.76
C6 BMA E . -21.32 8.35 14.19
O2 BMA E . -22.13 10.13 10.14
O3 BMA E . -20.02 8.46 9.39
O4 BMA E . -19.38 7.64 12.03
O5 BMA E . -22.89 8.62 12.38
O6 BMA E . -22.40 7.94 15.03
C1 NAG F . 2.45 34.01 -3.90
C2 NAG F . 1.84 32.71 -3.40
C3 NAG F . 1.90 31.65 -4.50
C4 NAG F . 1.22 32.15 -5.77
C5 NAG F . 1.78 33.51 -6.18
C6 NAG F . 1.03 34.14 -7.33
C7 NAG F . 1.93 32.14 -1.03
C8 NAG F . 2.78 31.64 0.09
N2 NAG F . 2.53 32.24 -2.22
O3 NAG F . 1.26 30.48 -4.03
O4 NAG F . 1.50 31.21 -6.81
O5 NAG F . 1.74 34.44 -5.09
O6 NAG F . 1.89 34.37 -8.44
O7 NAG F . 0.75 32.44 -0.87
C1 NAG F . 0.36 30.39 -7.19
C2 NAG F . 0.81 29.53 -8.37
C3 NAG F . -0.33 28.61 -8.81
C4 NAG F . -0.83 27.77 -7.65
C5 NAG F . -1.13 28.63 -6.43
C6 NAG F . -1.33 27.80 -5.19
C7 NAG F . 0.71 31.20 -10.24
C8 NAG F . 1.53 31.83 -11.32
N2 NAG F . 1.35 30.31 -9.48
O3 NAG F . 0.20 27.78 -9.85
O4 NAG F . -2.05 27.13 -8.01
O5 NAG F . -0.06 29.54 -6.12
O6 NAG F . -0.49 26.67 -5.19
O7 NAG F . -0.47 31.51 -10.08
C1 BMA F . -1.87 25.75 -8.42
C2 BMA F . -2.53 24.81 -7.39
C3 BMA F . -2.31 23.37 -7.86
C4 BMA F . -2.85 23.16 -9.29
C5 BMA F . -2.21 24.19 -10.24
C6 BMA F . -2.77 24.13 -11.65
O2 BMA F . -3.93 25.00 -7.38
O3 BMA F . -2.90 22.44 -6.97
O4 BMA F . -2.50 21.86 -9.72
O5 BMA F . -2.44 25.53 -9.71
O6 BMA F . -2.13 25.13 -12.43
C1 NAG G . -26.95 29.95 21.72
C2 NAG G . -27.22 29.74 23.22
C3 NAG G . -27.39 31.09 23.91
C4 NAG G . -26.21 32.00 23.64
C5 NAG G . -25.99 32.13 22.14
C6 NAG G . -24.74 32.91 21.79
C7 NAG G . -28.52 28.04 24.43
C8 NAG G . -29.82 27.29 24.48
N2 NAG G . -28.40 28.92 23.42
O3 NAG G . -27.51 30.89 25.32
O4 NAG G . -26.45 33.29 24.20
O5 NAG G . -25.83 30.83 21.55
O6 NAG G . -23.67 32.04 21.47
O7 NAG G . -27.64 27.86 25.25
C1 NAG H . -15.02 22.57 14.32
C2 NAG H . -15.46 21.18 14.82
C3 NAG H . -14.56 20.68 15.96
C4 NAG H . -13.11 20.96 15.65
C5 NAG H . -12.89 22.47 15.74
C6 NAG H . -11.73 22.95 14.89
C7 NAG H . -17.84 20.59 14.59
C8 NAG H . -17.47 19.83 13.34
N2 NAG H . -16.85 21.20 15.24
O3 NAG H . -14.77 19.29 16.12
O4 NAG H . -12.25 20.31 16.58
O5 NAG H . -14.07 23.19 15.30
O6 NAG H . -11.50 22.08 13.80
O7 NAG H . -19.00 20.64 14.98
C1 NAG I . -3.45 52.38 6.49
C2 NAG I . -4.45 52.30 5.33
C3 NAG I . -5.48 53.42 5.44
C4 NAG I . -6.14 53.44 6.81
C5 NAG I . -5.08 53.48 7.91
C6 NAG I . -5.66 53.36 9.29
C7 NAG I . -4.11 51.61 2.99
C8 NAG I . -3.29 51.80 1.75
N2 NAG I . -3.76 52.36 4.04
O3 NAG I . -6.47 53.25 4.42
O4 NAG I . -6.98 54.58 6.92
O5 NAG I . -4.16 52.38 7.74
O6 NAG I . -5.11 52.24 9.98
O7 NAG I . -5.04 50.82 3.05
C1 NAG J . -22.27 36.41 -16.52
C2 NAG J . -22.11 36.76 -18.01
C3 NAG J . -23.40 37.38 -18.54
C4 NAG J . -24.60 36.49 -18.27
C5 NAG J . -24.67 36.16 -16.77
C6 NAG J . -25.75 35.16 -16.45
C7 NAG J . -20.19 37.65 -19.28
C8 NAG J . -19.10 38.67 -19.31
N2 NAG J . -21.00 37.68 -18.20
O3 NAG J . -23.28 37.58 -19.95
O4 NAG J . -25.79 37.14 -18.67
O5 NAG J . -23.43 35.59 -16.35
O6 NAG J . -25.21 33.86 -16.30
O7 NAG J . -20.35 36.83 -20.18
C1 NAG K . -18.18 22.20 -10.81
C2 NAG K . -16.77 22.27 -11.41
C3 NAG K . -16.64 21.39 -12.66
C4 NAG K . -17.31 20.05 -12.43
C5 NAG K . -18.81 20.28 -12.38
C6 NAG K . -19.55 19.22 -11.59
C7 NAG K . -15.49 24.35 -11.06
C8 NAG K . -14.78 23.65 -9.93
N2 NAG K . -16.41 23.64 -11.73
O3 NAG K . -15.26 21.20 -12.95
O4 NAG K . -17.01 19.14 -13.48
O5 NAG K . -19.12 21.56 -11.79
O6 NAG K . -18.71 18.64 -10.61
O7 NAG K . -15.22 25.51 -11.36
C1 NAG L . -49.40 18.87 -0.91
C2 NAG L . -48.94 19.69 0.32
C3 NAG L . -49.72 21.00 0.40
C4 NAG L . -49.65 21.77 -0.91
C5 NAG L . -50.08 20.88 -2.07
C6 NAG L . -49.90 21.54 -3.42
C7 NAG L . -48.22 18.93 2.54
C8 NAG L . -48.55 18.08 3.73
N2 NAG L . -49.11 18.92 1.55
O3 NAG L . -49.20 21.79 1.46
O4 NAG L . -50.49 22.91 -0.85
O5 NAG L . -49.29 19.68 -2.09
O6 NAG L . -49.04 20.77 -4.26
O7 NAG L . -47.19 19.60 2.48
#